data_2VI5
#
_entry.id   2VI5
#
_cell.length_a   77.033
_cell.length_b   76.692
_cell.length_c   86.254
_cell.angle_alpha   64.32
_cell.angle_beta   64.41
_cell.angle_gamma   63.60
#
_symmetry.space_group_name_H-M   'P 1'
#
loop_
_entity.id
_entity.type
_entity.pdbx_description
1 polymer '6,7-DIMETHYL-8-RIBITYLLUMAZINE SYNTHASE'
2 non-polymer 1-deoxy-1-{[(5S)-2,6-dioxo-5-(propanoylamino)-1,2,5,6-tetrahydropyrimidin-4-yl]amino}-D-ribitol
3 non-polymer 'POTASSIUM ION'
4 non-polymer 'PHOSPHATE ION'
5 water water
#
_entity_poly.entity_id   1
_entity_poly.type   'polypeptide(L)'
_entity_poly.pdbx_seq_one_letter_code
;MKGGAGVPDLPSLDASGVRLAIVASSWHGKICDALLDGARKVAAGCGLDDPTVVRVLGAIEIPVVAQELARNHDAVVALG
VVIRGQTPHFDYVCDAVTQGLTRVSLDSSTPIANGVLTTNTEEQALDRAGLPTSAEDKGAQATVAALATALTLRELRAHS
;
_entity_poly.pdbx_strand_id   A,B,C,D,E,F,G,H,I,J
#
loop_
_chem_comp.id
_chem_comp.type
_chem_comp.name
_chem_comp.formula
K non-polymer 'POTASSIUM ION' 'K 1'
PO4 non-polymer 'PHOSPHATE ION' 'O4 P -3'
Y19 non-polymer 1-deoxy-1-{[(5S)-2,6-dioxo-5-(propanoylamino)-1,2,5,6-tetrahydropyrimidin-4-yl]amino}-D-ribitol 'C12 H20 N4 O7'
#
# COMPACT_ATOMS: atom_id res chain seq x y z
N PRO A 11 25.96 -20.01 -4.36
CA PRO A 11 26.92 -20.10 -3.26
C PRO A 11 28.36 -19.95 -3.76
N SER A 12 28.64 -18.81 -4.40
CA SER A 12 29.96 -18.47 -4.98
C SER A 12 30.51 -19.45 -6.05
N LEU A 13 29.86 -20.60 -6.23
CA LEU A 13 30.31 -21.59 -7.21
C LEU A 13 29.70 -21.38 -8.60
N ASP A 14 28.38 -21.15 -8.63
CA ASP A 14 27.63 -20.93 -9.86
C ASP A 14 26.73 -19.71 -9.71
N ALA A 15 26.43 -19.02 -10.81
CA ALA A 15 25.60 -17.78 -10.76
C ALA A 15 25.60 -16.96 -12.06
N SER A 16 25.75 -17.64 -13.19
CA SER A 16 25.83 -16.97 -14.50
C SER A 16 24.52 -16.28 -14.92
N GLY A 17 23.40 -16.82 -14.49
CA GLY A 17 22.09 -16.31 -14.88
C GLY A 17 21.57 -15.15 -14.04
N VAL A 18 22.16 -14.97 -12.86
CA VAL A 18 21.76 -13.93 -11.91
C VAL A 18 22.13 -12.53 -12.43
N ARG A 19 21.20 -11.60 -12.30
CA ARG A 19 21.45 -10.21 -12.70
C ARG A 19 21.86 -9.41 -11.46
N LEU A 20 23.12 -8.98 -11.46
CA LEU A 20 23.71 -8.32 -10.30
C LEU A 20 23.93 -6.83 -10.53
N ALA A 21 23.53 -6.03 -9.54
CA ALA A 21 23.83 -4.62 -9.52
C ALA A 21 24.72 -4.31 -8.33
N ILE A 22 25.64 -3.37 -8.52
CA ILE A 22 26.50 -2.91 -7.43
C ILE A 22 26.42 -1.40 -7.34
N VAL A 23 25.97 -0.91 -6.19
CA VAL A 23 25.97 0.52 -5.91
C VAL A 23 27.01 0.81 -4.83
N ALA A 24 27.96 1.68 -5.17
CA ALA A 24 29.06 2.01 -4.28
C ALA A 24 29.17 3.51 -4.10
N SER A 25 29.18 3.97 -2.84
CA SER A 25 29.41 5.39 -2.55
C SER A 25 30.87 5.74 -2.77
N SER A 26 31.19 7.03 -2.69
CA SER A 26 32.50 7.53 -3.10
C SER A 26 33.30 8.19 -1.97
N TRP A 27 32.61 8.53 -0.88
CA TRP A 27 33.24 9.10 0.32
C TRP A 27 34.28 8.14 0.90
N HIS A 28 35.56 8.49 0.76
CA HIS A 28 36.72 7.66 1.10
C HIS A 28 37.08 6.77 -0.09
N GLY A 29 37.40 7.42 -1.21
CA GLY A 29 37.59 6.79 -2.51
C GLY A 29 38.44 5.52 -2.58
N LYS A 30 39.60 5.55 -1.94
CA LYS A 30 40.52 4.43 -1.94
C LYS A 30 39.89 3.15 -1.38
N ILE A 31 39.20 3.28 -0.26
CA ILE A 31 38.56 2.16 0.41
C ILE A 31 37.32 1.68 -0.38
N CYS A 32 36.58 2.64 -0.93
CA CYS A 32 35.39 2.35 -1.75
C CYS A 32 35.73 1.59 -3.02
N ASP A 33 36.84 1.98 -3.66
CA ASP A 33 37.33 1.32 -4.87
C ASP A 33 37.80 -0.10 -4.59
N ALA A 34 38.41 -0.30 -3.42
CA ALA A 34 38.86 -1.60 -2.97
C ALA A 34 37.69 -2.56 -2.73
N LEU A 35 36.64 -2.05 -2.08
CA LEU A 35 35.41 -2.81 -1.87
C LEU A 35 34.77 -3.20 -3.19
N LEU A 36 34.73 -2.25 -4.13
CA LEU A 36 34.18 -2.48 -5.47
C LEU A 36 35.02 -3.49 -6.25
N ASP A 37 36.34 -3.41 -6.08
CA ASP A 37 37.26 -4.37 -6.67
C ASP A 37 36.97 -5.80 -6.21
N GLY A 38 36.77 -5.97 -4.91
CA GLY A 38 36.43 -7.27 -4.33
C GLY A 38 35.08 -7.78 -4.80
N ALA A 39 34.13 -6.86 -4.96
CA ALA A 39 32.80 -7.18 -5.46
C ALA A 39 32.84 -7.68 -6.91
N ARG A 40 33.54 -6.93 -7.76
CA ARG A 40 33.67 -7.26 -9.18
C ARG A 40 34.40 -8.58 -9.42
N LYS A 41 35.40 -8.87 -8.58
CA LYS A 41 36.18 -10.10 -8.68
C LYS A 41 35.38 -11.36 -8.31
N VAL A 42 34.56 -11.25 -7.26
CA VAL A 42 33.62 -12.32 -6.89
C VAL A 42 32.59 -12.54 -7.99
N ALA A 43 32.06 -11.45 -8.54
CA ALA A 43 31.09 -11.50 -9.63
C ALA A 43 31.67 -12.22 -10.85
N ALA A 44 32.86 -11.80 -11.26
CA ALA A 44 33.55 -12.38 -12.43
C ALA A 44 33.90 -13.86 -12.22
N GLY A 45 34.25 -14.21 -10.99
CA GLY A 45 34.55 -15.60 -10.63
C GLY A 45 33.32 -16.50 -10.67
N CYS A 46 32.15 -15.91 -10.48
CA CYS A 46 30.88 -16.63 -10.52
C CYS A 46 30.22 -16.60 -11.91
N GLY A 47 30.96 -16.11 -12.90
CA GLY A 47 30.49 -16.08 -14.29
C GLY A 47 29.78 -14.80 -14.70
N LEU A 48 29.97 -13.74 -13.93
CA LEU A 48 29.35 -12.44 -14.19
C LEU A 48 30.40 -11.38 -14.45
N ASP A 49 30.76 -11.20 -15.73
CA ASP A 49 31.80 -10.24 -16.10
C ASP A 49 31.34 -8.79 -16.08
N ASP A 50 30.04 -8.57 -16.31
CA ASP A 50 29.49 -7.23 -16.44
C ASP A 50 28.28 -6.98 -15.54
N PRO A 51 28.50 -6.81 -14.22
CA PRO A 51 27.38 -6.37 -13.38
C PRO A 51 27.12 -4.86 -13.53
N THR A 52 25.88 -4.44 -13.26
CA THR A 52 25.55 -3.01 -13.30
C THR A 52 26.20 -2.31 -12.11
N VAL A 53 27.14 -1.42 -12.41
CA VAL A 53 27.87 -0.71 -11.37
C VAL A 53 27.52 0.78 -11.41
N VAL A 54 27.00 1.26 -10.29
CA VAL A 54 26.60 2.64 -10.14
C VAL A 54 27.35 3.28 -8.98
N ARG A 55 27.81 4.52 -9.17
CA ARG A 55 28.47 5.25 -8.10
C ARG A 55 27.60 6.37 -7.55
N VAL A 56 27.59 6.50 -6.23
CA VAL A 56 26.94 7.61 -5.55
C VAL A 56 27.96 8.33 -4.67
N LEU A 57 27.63 9.54 -4.19
CA LEU A 57 28.58 10.32 -3.40
C LEU A 57 28.74 9.78 -1.97
N GLY A 58 27.63 9.74 -1.23
CA GLY A 58 27.66 9.25 0.15
C GLY A 58 26.78 8.05 0.36
N ALA A 59 26.88 7.46 1.55
CA ALA A 59 26.12 6.27 1.92
C ALA A 59 24.61 6.50 2.02
N ILE A 60 24.21 7.74 2.31
CA ILE A 60 22.80 8.12 2.38
C ILE A 60 22.11 8.00 1.02
N GLU A 61 22.90 8.16 -0.03
CA GLU A 61 22.41 8.13 -1.40
C GLU A 61 22.21 6.71 -1.94
N ILE A 62 22.72 5.73 -1.20
CA ILE A 62 22.68 4.32 -1.62
C ILE A 62 21.26 3.74 -1.76
N PRO A 63 20.42 3.82 -0.70
CA PRO A 63 19.12 3.14 -0.74
C PRO A 63 18.23 3.51 -1.93
N VAL A 64 18.15 4.79 -2.29
CA VAL A 64 17.28 5.24 -3.39
C VAL A 64 17.79 4.75 -4.75
N VAL A 65 19.10 4.59 -4.88
CA VAL A 65 19.68 4.02 -6.10
C VAL A 65 19.54 2.49 -6.09
N ALA A 66 19.76 1.89 -4.92
CA ALA A 66 19.53 0.46 -4.72
C ALA A 66 18.08 0.07 -5.06
N GLN A 67 17.14 0.95 -4.73
CA GLN A 67 15.73 0.74 -5.03
C GLN A 67 15.48 0.71 -6.54
N GLU A 68 16.14 1.61 -7.26
CA GLU A 68 16.03 1.69 -8.71
C GLU A 68 16.64 0.45 -9.36
N LEU A 69 17.81 0.05 -8.88
CA LEU A 69 18.53 -1.12 -9.39
C LEU A 69 17.78 -2.42 -9.11
N ALA A 70 17.09 -2.48 -7.97
CA ALA A 70 16.34 -3.66 -7.56
C ALA A 70 15.17 -3.98 -8.49
N ARG A 71 14.75 -3.00 -9.29
CA ARG A 71 13.63 -3.19 -10.23
C ARG A 71 13.99 -4.06 -11.42
N ASN A 72 15.29 -4.18 -11.72
CA ASN A 72 15.73 -4.99 -12.85
C ASN A 72 16.95 -5.86 -12.61
N HIS A 73 17.21 -6.15 -11.33
CA HIS A 73 18.30 -7.04 -10.94
C HIS A 73 17.84 -8.03 -9.86
N ASP A 74 18.45 -9.22 -9.87
CA ASP A 74 18.12 -10.27 -8.91
C ASP A 74 18.81 -10.03 -7.56
N ALA A 75 19.85 -9.22 -7.57
CA ALA A 75 20.63 -8.92 -6.37
C ALA A 75 21.31 -7.57 -6.51
N VAL A 76 21.36 -6.83 -5.41
CA VAL A 76 22.08 -5.56 -5.37
C VAL A 76 23.09 -5.60 -4.22
N VAL A 77 24.32 -5.20 -4.52
CA VAL A 77 25.36 -5.07 -3.51
C VAL A 77 25.57 -3.60 -3.19
N ALA A 78 25.35 -3.24 -1.93
CA ALA A 78 25.59 -1.88 -1.45
C ALA A 78 26.97 -1.79 -0.85
N LEU A 79 27.79 -0.89 -1.38
CA LEU A 79 29.15 -0.70 -0.91
C LEU A 79 29.40 0.72 -0.49
N GLY A 80 30.11 0.89 0.62
CA GLY A 80 30.40 2.22 1.14
C GLY A 80 31.26 2.17 2.39
N VAL A 81 31.71 3.35 2.80
CA VAL A 81 32.59 3.49 3.96
C VAL A 81 32.11 4.65 4.80
N VAL A 82 31.62 4.35 6.00
CA VAL A 82 31.25 5.37 6.96
C VAL A 82 32.19 5.29 8.16
N ILE A 83 32.99 6.34 8.34
CA ILE A 83 33.95 6.40 9.45
C ILE A 83 33.48 7.45 10.45
N ARG A 84 33.47 7.07 11.73
CA ARG A 84 33.05 7.95 12.82
C ARG A 84 33.92 9.20 12.90
N GLY A 85 33.29 10.36 13.00
CA GLY A 85 33.99 11.63 13.16
C GLY A 85 33.90 12.15 14.57
N GLN A 86 33.65 13.46 14.70
CA GLN A 86 33.61 14.14 15.99
C GLN A 86 32.20 14.24 16.55
N THR A 87 31.21 14.14 15.67
CA THR A 87 29.80 14.34 16.01
C THR A 87 29.03 13.00 16.00
N PRO A 88 27.81 12.98 16.61
CA PRO A 88 26.94 11.80 16.53
C PRO A 88 26.40 11.51 15.12
N HIS A 89 26.81 12.31 14.14
CA HIS A 89 26.36 12.17 12.75
C HIS A 89 26.56 10.77 12.17
N PHE A 90 27.65 10.12 12.59
CA PHE A 90 27.97 8.75 12.21
C PHE A 90 26.79 7.80 12.45
N ASP A 91 26.23 7.85 13.66
CA ASP A 91 25.13 6.98 14.07
C ASP A 91 23.92 7.10 13.15
N TYR A 92 23.58 8.33 12.81
CA TYR A 92 22.36 8.61 12.04
C TYR A 92 22.51 8.33 10.55
N VAL A 93 23.74 8.44 10.04
CA VAL A 93 24.04 8.04 8.67
C VAL A 93 23.89 6.53 8.52
N CYS A 94 24.46 5.79 9.46
CA CYS A 94 24.40 4.34 9.49
C CYS A 94 22.98 3.83 9.73
N ASP A 95 22.22 4.55 10.55
CA ASP A 95 20.81 4.24 10.79
C ASP A 95 19.98 4.37 9.51
N ALA A 96 20.21 5.44 8.77
CA ALA A 96 19.51 5.68 7.50
C ALA A 96 19.80 4.60 6.46
N VAL A 97 21.06 4.19 6.37
CA VAL A 97 21.49 3.14 5.45
C VAL A 97 20.85 1.81 5.85
N THR A 98 20.94 1.45 7.12
CA THR A 98 20.31 0.25 7.65
C THR A 98 18.81 0.21 7.35
N GLN A 99 18.10 1.27 7.73
CA GLN A 99 16.66 1.39 7.47
C GLN A 99 16.33 1.32 5.99
N GLY A 100 17.10 2.04 5.18
CA GLY A 100 16.87 2.14 3.74
C GLY A 100 17.05 0.83 2.99
N LEU A 101 18.18 0.17 3.25
CA LEU A 101 18.52 -1.08 2.57
C LEU A 101 17.60 -2.23 2.96
N THR A 102 17.25 -2.30 4.24
CA THR A 102 16.31 -3.29 4.75
C THR A 102 14.92 -3.12 4.12
N ARG A 103 14.48 -1.86 4.01
CA ARG A 103 13.20 -1.57 3.37
C ARG A 103 13.22 -1.95 1.89
N VAL A 104 14.25 -1.51 1.19
CA VAL A 104 14.40 -1.77 -0.25
C VAL A 104 14.39 -3.27 -0.54
N SER A 105 15.11 -4.06 0.26
CA SER A 105 15.15 -5.51 0.11
C SER A 105 13.78 -6.15 0.22
N LEU A 106 13.00 -5.71 1.21
CA LEU A 106 11.69 -6.27 1.47
C LEU A 106 10.60 -5.74 0.54
N ASP A 107 10.72 -4.46 0.15
CA ASP A 107 9.83 -3.85 -0.85
C ASP A 107 9.92 -4.57 -2.20
N SER A 108 11.15 -4.87 -2.61
CA SER A 108 11.41 -5.42 -3.93
C SER A 108 11.58 -6.94 -3.91
N SER A 109 11.59 -7.53 -2.71
CA SER A 109 11.85 -8.96 -2.52
C SER A 109 13.16 -9.36 -3.20
N THR A 110 14.18 -8.53 -2.99
CA THR A 110 15.49 -8.68 -3.63
C THR A 110 16.56 -8.58 -2.55
N PRO A 111 17.56 -9.49 -2.60
CA PRO A 111 18.69 -9.36 -1.69
C PRO A 111 19.44 -8.05 -1.92
N ILE A 112 19.52 -7.22 -0.89
CA ILE A 112 20.37 -6.04 -0.92
C ILE A 112 21.48 -6.27 0.09
N ALA A 113 22.63 -6.71 -0.40
CA ALA A 113 23.77 -7.03 0.46
C ALA A 113 24.43 -5.77 1.00
N ASN A 114 24.73 -5.79 2.29
CA ASN A 114 25.36 -4.66 2.96
C ASN A 114 26.88 -4.82 3.05
N GLY A 115 27.56 -4.20 2.10
CA GLY A 115 29.02 -4.08 2.15
C GLY A 115 29.40 -2.65 2.50
N VAL A 116 28.56 -2.00 3.29
CA VAL A 116 28.82 -0.65 3.77
C VAL A 116 29.55 -0.71 5.10
N LEU A 117 30.81 -0.31 5.09
CA LEU A 117 31.66 -0.31 6.28
C LEU A 117 31.24 0.78 7.26
N THR A 118 31.14 0.39 8.52
CA THR A 118 30.70 1.26 9.60
C THR A 118 31.77 1.19 10.71
N THR A 119 32.79 2.03 10.61
CA THR A 119 33.98 1.90 11.47
C THR A 119 34.22 3.11 12.37
N ASN A 120 34.95 2.88 13.46
CA ASN A 120 35.38 3.95 14.36
C ASN A 120 36.57 4.72 13.82
N THR A 121 37.48 4.01 13.13
CA THR A 121 38.71 4.60 12.60
C THR A 121 38.92 4.22 11.14
N GLU A 122 39.83 4.92 10.46
CA GLU A 122 40.17 4.64 9.07
C GLU A 122 40.88 3.30 8.91
N GLU A 123 41.74 2.97 9.87
CA GLU A 123 42.49 1.71 9.91
C GLU A 123 41.56 0.50 9.84
N GLN A 124 40.47 0.55 10.59
CA GLN A 124 39.48 -0.52 10.63
C GLN A 124 38.77 -0.71 9.29
N ALA A 125 38.54 0.40 8.59
CA ALA A 125 37.92 0.38 7.28
C ALA A 125 38.88 -0.17 6.21
N LEU A 126 40.15 0.22 6.30
CA LEU A 126 41.18 -0.29 5.40
C LEU A 126 41.36 -1.80 5.55
N ASP A 127 41.28 -2.27 6.80
CA ASP A 127 41.47 -3.67 7.15
C ASP A 127 40.31 -4.57 6.70
N ARG A 128 39.22 -3.96 6.26
CA ARG A 128 38.01 -4.68 5.84
C ARG A 128 37.63 -4.43 4.38
N ALA A 129 38.55 -3.81 3.63
CA ALA A 129 38.28 -3.43 2.24
C ALA A 129 38.86 -4.43 1.23
N GLY A 130 39.81 -5.25 1.66
CA GLY A 130 40.41 -6.25 0.79
C GLY A 130 41.62 -5.73 0.03
N LEU A 131 42.35 -4.82 0.66
CA LEU A 131 43.62 -4.35 0.15
C LEU A 131 44.69 -5.41 0.44
N PRO A 132 45.85 -5.34 -0.22
CA PRO A 132 46.98 -6.24 -0.03
C PRO A 132 47.11 -6.81 1.38
N THR A 133 47.14 -5.93 2.37
CA THR A 133 47.44 -6.26 3.76
C THR A 133 46.20 -6.34 4.66
N SER A 134 45.02 -6.27 4.06
CA SER A 134 43.77 -6.31 4.83
C SER A 134 43.45 -7.72 5.33
N ALA A 135 42.81 -7.79 6.50
CA ALA A 135 42.43 -9.06 7.10
C ALA A 135 41.25 -9.70 6.37
N GLU A 136 40.31 -8.87 5.90
CA GLU A 136 39.15 -9.36 5.16
C GLU A 136 38.71 -8.39 4.05
N ASP A 137 37.79 -8.86 3.20
CA ASP A 137 37.20 -8.05 2.13
C ASP A 137 35.69 -8.14 2.21
N LYS A 138 35.08 -7.10 2.77
CA LYS A 138 33.64 -7.06 2.97
C LYS A 138 32.87 -6.84 1.67
N GLY A 139 33.55 -6.26 0.69
CA GLY A 139 32.99 -6.10 -0.66
C GLY A 139 32.82 -7.43 -1.34
N ALA A 140 33.81 -8.30 -1.17
CA ALA A 140 33.77 -9.68 -1.67
C ALA A 140 32.71 -10.49 -0.94
N GLN A 141 32.69 -10.38 0.39
CA GLN A 141 31.73 -11.09 1.25
C GLN A 141 30.28 -10.75 0.92
N ALA A 142 30.00 -9.46 0.71
CA ALA A 142 28.65 -8.98 0.41
C ALA A 142 28.15 -9.47 -0.94
N THR A 143 29.06 -9.59 -1.91
CA THR A 143 28.69 -10.07 -3.23
C THR A 143 28.39 -11.58 -3.22
N VAL A 144 29.18 -12.34 -2.46
CA VAL A 144 28.88 -13.76 -2.21
C VAL A 144 27.48 -13.86 -1.57
N ALA A 145 27.24 -13.04 -0.56
CA ALA A 145 25.96 -13.00 0.16
C ALA A 145 24.78 -12.70 -0.76
N ALA A 146 24.94 -11.70 -1.63
CA ALA A 146 23.89 -11.31 -2.57
C ALA A 146 23.60 -12.40 -3.61
N LEU A 147 24.65 -12.97 -4.18
CA LEU A 147 24.52 -13.99 -5.21
C LEU A 147 23.92 -15.30 -4.69
N ALA A 148 24.40 -15.74 -3.53
CA ALA A 148 23.89 -16.96 -2.90
C ALA A 148 22.41 -16.83 -2.54
N THR A 149 22.01 -15.65 -2.06
CA THR A 149 20.62 -15.39 -1.68
C THR A 149 19.73 -15.31 -2.92
N ALA A 150 20.24 -14.70 -3.99
CA ALA A 150 19.52 -14.64 -5.26
C ALA A 150 19.29 -16.03 -5.86
N LEU A 151 20.30 -16.90 -5.75
CA LEU A 151 20.19 -18.28 -6.23
C LEU A 151 19.25 -19.10 -5.36
N THR A 152 19.29 -18.85 -4.05
CA THR A 152 18.40 -19.47 -3.09
C THR A 152 16.94 -19.12 -3.38
N LEU A 153 16.68 -17.84 -3.61
CA LEU A 153 15.34 -17.35 -3.93
C LEU A 153 14.86 -17.85 -5.28
N ARG A 154 15.78 -18.03 -6.23
CA ARG A 154 15.47 -18.62 -7.52
C ARG A 154 14.98 -20.07 -7.38
N GLU A 155 15.60 -20.81 -6.47
CA GLU A 155 15.20 -22.19 -6.18
C GLU A 155 13.90 -22.26 -5.41
N LEU A 156 13.65 -21.25 -4.58
CA LEU A 156 12.43 -21.18 -3.78
C LEU A 156 11.23 -20.69 -4.59
N ARG A 157 11.48 -19.92 -5.65
CA ARG A 157 10.41 -19.33 -6.45
C ARG A 157 9.94 -20.22 -7.61
N ALA A 158 8.93 -19.73 -8.34
CA ALA A 158 8.25 -20.49 -9.38
C ALA A 158 9.16 -20.97 -10.51
N HIS A 159 9.24 -22.29 -10.68
CA HIS A 159 9.92 -22.92 -11.82
C HIS A 159 9.46 -24.36 -12.09
N SER A 160 8.61 -24.47 -13.11
CA SER A 160 7.91 -25.70 -13.48
C SER A 160 8.73 -26.82 -14.07
N ASP B 14 27.37 18.27 -15.97
CA ASP B 14 26.30 19.32 -16.00
C ASP B 14 24.97 18.80 -15.44
N ALA B 15 24.25 19.69 -14.77
CA ALA B 15 23.01 19.38 -14.06
C ALA B 15 21.95 20.47 -14.26
N SER B 16 21.95 21.07 -15.45
CA SER B 16 21.03 22.16 -15.76
C SER B 16 19.56 21.73 -15.87
N GLY B 17 19.33 20.47 -16.25
CA GLY B 17 17.98 19.95 -16.43
C GLY B 17 17.29 19.46 -15.17
N VAL B 18 18.08 19.17 -14.12
CA VAL B 18 17.53 18.65 -12.87
C VAL B 18 16.77 19.70 -12.07
N ARG B 19 15.62 19.30 -11.53
CA ARG B 19 14.80 20.17 -10.68
C ARG B 19 15.16 19.95 -9.24
N LEU B 20 15.74 20.99 -8.63
CA LEU B 20 16.26 20.89 -7.28
C LEU B 20 15.39 21.68 -6.30
N ALA B 21 15.07 21.03 -5.17
CA ALA B 21 14.44 21.71 -4.06
C ALA B 21 15.37 21.70 -2.84
N ILE B 22 15.33 22.78 -2.07
CA ILE B 22 16.11 22.87 -0.85
C ILE B 22 15.19 23.25 0.30
N VAL B 23 15.11 22.37 1.30
CA VAL B 23 14.37 22.65 2.52
C VAL B 23 15.37 22.83 3.66
N ALA B 24 15.33 24.00 4.29
CA ALA B 24 16.26 24.33 5.37
C ALA B 24 15.50 24.79 6.62
N SER B 25 15.78 24.16 7.75
CA SER B 25 15.21 24.60 9.02
C SER B 25 15.88 25.90 9.48
N SER B 26 15.34 26.51 10.54
CA SER B 26 15.75 27.86 10.93
C SER B 26 16.37 27.94 12.33
N TRP B 27 16.21 26.87 13.11
CA TRP B 27 16.80 26.73 14.44
C TRP B 27 18.34 26.80 14.36
N HIS B 28 18.90 27.92 14.84
CA HIS B 28 20.33 28.24 14.71
C HIS B 28 20.58 28.96 13.38
N GLY B 29 19.92 30.10 13.21
CA GLY B 29 19.86 30.85 11.94
C GLY B 29 21.16 31.07 11.18
N LYS B 30 22.20 31.50 11.88
CA LYS B 30 23.49 31.78 11.25
C LYS B 30 24.07 30.55 10.54
N ILE B 31 24.04 29.42 11.22
CA ILE B 31 24.58 28.17 10.69
C ILE B 31 23.69 27.62 9.57
N CYS B 32 22.37 27.77 9.72
CA CYS B 32 21.40 27.33 8.71
C CYS B 32 21.51 28.13 7.41
N ASP B 33 21.75 29.43 7.52
CA ASP B 33 21.92 30.30 6.37
C ASP B 33 23.24 30.00 5.64
N ALA B 34 24.26 29.64 6.39
CA ALA B 34 25.56 29.25 5.83
C ALA B 34 25.45 27.95 5.03
N LEU B 35 24.73 26.98 5.57
CA LEU B 35 24.45 25.72 4.87
C LEU B 35 23.67 25.96 3.58
N LEU B 36 22.67 26.84 3.66
CA LEU B 36 21.86 27.21 2.50
C LEU B 36 22.69 27.95 1.45
N ASP B 37 23.59 28.81 1.92
CA ASP B 37 24.53 29.53 1.06
C ASP B 37 25.39 28.56 0.25
N GLY B 38 25.92 27.54 0.93
CA GLY B 38 26.73 26.51 0.28
C GLY B 38 25.94 25.68 -0.71
N ALA B 39 24.68 25.40 -0.36
CA ALA B 39 23.76 24.67 -1.23
C ALA B 39 23.46 25.45 -2.52
N ARG B 40 23.11 26.73 -2.37
CA ARG B 40 22.78 27.58 -3.50
C ARG B 40 23.97 27.81 -4.44
N LYS B 41 25.16 27.89 -3.87
CA LYS B 41 26.40 28.09 -4.64
C LYS B 41 26.74 26.88 -5.51
N VAL B 42 26.60 25.68 -4.95
CA VAL B 42 26.78 24.43 -5.70
C VAL B 42 25.74 24.35 -6.82
N ALA B 43 24.49 24.65 -6.49
CA ALA B 43 23.38 24.65 -7.45
C ALA B 43 23.67 25.57 -8.63
N ALA B 44 24.05 26.81 -8.34
CA ALA B 44 24.33 27.81 -9.37
C ALA B 44 25.54 27.46 -10.21
N GLY B 45 26.53 26.82 -9.59
CA GLY B 45 27.73 26.35 -10.28
C GLY B 45 27.43 25.22 -11.26
N CYS B 46 26.37 24.46 -10.97
CA CYS B 46 25.94 23.36 -11.82
C CYS B 46 24.87 23.77 -12.84
N GLY B 47 24.62 25.07 -12.96
CA GLY B 47 23.69 25.60 -13.94
C GLY B 47 22.27 25.79 -13.45
N LEU B 48 22.09 25.78 -12.12
CA LEU B 48 20.77 25.95 -11.50
C LEU B 48 20.73 27.21 -10.64
N ASP B 49 20.32 28.32 -11.25
CA ASP B 49 20.27 29.60 -10.57
C ASP B 49 19.11 29.74 -9.59
N ASP B 50 18.00 29.05 -9.89
CA ASP B 50 16.78 29.18 -9.09
C ASP B 50 16.22 27.83 -8.64
N PRO B 51 16.81 27.23 -7.58
CA PRO B 51 16.18 26.05 -6.99
C PRO B 51 15.03 26.46 -6.07
N THR B 52 14.09 25.56 -5.85
CA THR B 52 12.97 25.80 -4.95
C THR B 52 13.50 25.76 -3.51
N VAL B 53 13.48 26.91 -2.84
CA VAL B 53 13.98 27.00 -1.47
C VAL B 53 12.84 27.27 -0.49
N VAL B 54 12.68 26.34 0.45
CA VAL B 54 11.64 26.44 1.48
C VAL B 54 12.29 26.47 2.86
N ARG B 55 11.74 27.31 3.74
CA ARG B 55 12.21 27.38 5.11
C ARG B 55 11.20 26.78 6.08
N VAL B 56 11.70 25.98 7.02
CA VAL B 56 10.89 25.48 8.13
C VAL B 56 11.55 25.87 9.46
N LEU B 57 10.81 25.74 10.56
CA LEU B 57 11.32 26.18 11.86
C LEU B 57 12.36 25.23 12.43
N GLY B 58 11.99 23.97 12.61
CA GLY B 58 12.89 22.96 13.17
C GLY B 58 13.12 21.79 12.23
N ALA B 59 14.07 20.94 12.61
CA ALA B 59 14.45 19.78 11.81
C ALA B 59 13.35 18.73 11.68
N ILE B 60 12.46 18.66 12.68
CA ILE B 60 11.35 17.72 12.67
C ILE B 60 10.33 18.06 11.57
N GLU B 61 10.29 19.33 11.17
CA GLU B 61 9.36 19.80 10.14
C GLU B 61 9.86 19.56 8.72
N ILE B 62 11.12 19.14 8.60
CA ILE B 62 11.75 18.94 7.29
C ILE B 62 11.11 17.82 6.44
N PRO B 63 10.99 16.58 6.99
CA PRO B 63 10.48 15.46 6.19
C PRO B 63 9.14 15.68 5.48
N VAL B 64 8.16 16.27 6.18
CA VAL B 64 6.83 16.49 5.60
C VAL B 64 6.85 17.53 4.47
N VAL B 65 7.77 18.49 4.56
CA VAL B 65 7.97 19.48 3.49
C VAL B 65 8.79 18.87 2.36
N ALA B 66 9.82 18.10 2.72
CA ALA B 66 10.62 17.36 1.74
C ALA B 66 9.75 16.41 0.92
N GLN B 67 8.73 15.83 1.56
CA GLN B 67 7.78 14.96 0.89
C GLN B 67 6.96 15.71 -0.16
N GLU B 68 6.54 16.92 0.17
CA GLU B 68 5.79 17.77 -0.75
C GLU B 68 6.66 18.19 -1.93
N LEU B 69 7.89 18.59 -1.62
CA LEU B 69 8.87 19.03 -2.63
C LEU B 69 9.27 17.89 -3.57
N ALA B 70 9.33 16.68 -3.04
CA ALA B 70 9.70 15.49 -3.80
C ALA B 70 8.71 15.14 -4.91
N ARG B 71 7.49 15.65 -4.82
CA ARG B 71 6.46 15.38 -5.83
C ARG B 71 6.71 16.14 -7.15
N ASN B 72 7.57 17.15 -7.10
CA ASN B 72 7.76 18.11 -8.18
C ASN B 72 9.23 18.39 -8.50
N HIS B 73 10.13 17.65 -7.86
CA HIS B 73 11.58 17.87 -8.01
C HIS B 73 12.34 16.56 -8.14
N ASP B 74 13.46 16.61 -8.84
CA ASP B 74 14.29 15.43 -9.07
C ASP B 74 15.21 15.14 -7.88
N ALA B 75 15.42 16.17 -7.06
CA ALA B 75 16.30 16.09 -5.90
C ALA B 75 15.85 17.07 -4.84
N VAL B 76 15.96 16.66 -3.57
CA VAL B 76 15.65 17.53 -2.45
C VAL B 76 16.86 17.54 -1.51
N VAL B 77 17.30 18.75 -1.14
CA VAL B 77 18.36 18.90 -0.15
C VAL B 77 17.74 19.33 1.18
N ALA B 78 17.95 18.50 2.21
CA ALA B 78 17.49 18.82 3.55
C ALA B 78 18.63 19.45 4.34
N LEU B 79 18.40 20.67 4.83
CA LEU B 79 19.43 21.39 5.57
C LEU B 79 18.91 21.78 6.95
N GLY B 80 19.79 21.65 7.95
CA GLY B 80 19.41 21.97 9.32
C GLY B 80 20.56 21.79 10.30
N VAL B 81 20.32 22.24 11.53
CA VAL B 81 21.33 22.18 12.58
C VAL B 81 20.68 21.68 13.86
N VAL B 82 21.09 20.51 14.30
CA VAL B 82 20.64 19.95 15.57
C VAL B 82 21.83 19.86 16.51
N ILE B 83 21.81 20.66 17.57
CA ILE B 83 22.89 20.69 18.57
C ILE B 83 22.40 20.06 19.87
N ARG B 84 23.19 19.13 20.41
CA ARG B 84 22.85 18.43 21.65
C ARG B 84 22.71 19.40 22.82
N GLY B 85 21.61 19.27 23.56
CA GLY B 85 21.37 20.09 24.75
C GLY B 85 21.65 19.33 26.03
N GLN B 86 20.75 19.50 27.00
CA GLN B 86 20.89 18.89 28.32
C GLN B 86 20.12 17.57 28.45
N THR B 87 19.13 17.39 27.58
CA THR B 87 18.24 16.23 27.63
C THR B 87 18.52 15.26 26.46
N PRO B 88 17.99 14.02 26.55
CA PRO B 88 18.09 13.07 25.43
C PRO B 88 17.28 13.47 24.19
N HIS B 89 16.64 14.63 24.23
CA HIS B 89 15.79 15.12 23.13
C HIS B 89 16.53 15.20 21.79
N PHE B 90 17.83 15.47 21.84
CA PHE B 90 18.70 15.49 20.65
C PHE B 90 18.59 14.19 19.85
N ASP B 91 18.72 13.07 20.55
CA ASP B 91 18.69 11.74 19.93
C ASP B 91 17.41 11.49 19.15
N TYR B 92 16.27 11.86 19.74
CA TYR B 92 14.97 11.55 19.15
C TYR B 92 14.57 12.51 18.02
N VAL B 93 15.09 13.74 18.06
CA VAL B 93 14.93 14.67 16.95
C VAL B 93 15.69 14.17 15.72
N CYS B 94 16.93 13.74 15.94
CA CYS B 94 17.77 13.19 14.88
C CYS B 94 17.23 11.88 14.34
N ASP B 95 16.67 11.06 15.22
CA ASP B 95 16.00 9.81 14.84
C ASP B 95 14.82 10.07 13.90
N ALA B 96 13.99 11.04 14.25
CA ALA B 96 12.83 11.43 13.44
C ALA B 96 13.22 11.91 12.06
N VAL B 97 14.26 12.74 12.00
CA VAL B 97 14.81 13.26 10.74
C VAL B 97 15.33 12.12 9.86
N THR B 98 16.16 11.27 10.46
CA THR B 98 16.70 10.09 9.79
C THR B 98 15.58 9.21 9.21
N GLN B 99 14.63 8.82 10.07
CA GLN B 99 13.50 8.00 9.64
C GLN B 99 12.65 8.67 8.56
N GLY B 100 12.39 9.96 8.75
CA GLY B 100 11.55 10.73 7.83
C GLY B 100 12.13 10.89 6.44
N LEU B 101 13.39 11.32 6.36
CA LEU B 101 14.05 11.57 5.08
C LEU B 101 14.31 10.29 4.30
N THR B 102 14.67 9.23 5.01
CA THR B 102 14.88 7.91 4.40
C THR B 102 13.58 7.37 3.81
N ARG B 103 12.48 7.53 4.54
CA ARG B 103 11.17 7.12 4.05
C ARG B 103 10.74 7.94 2.83
N VAL B 104 10.84 9.26 2.93
CA VAL B 104 10.47 10.17 1.85
C VAL B 104 11.25 9.86 0.55
N SER B 105 12.56 9.63 0.68
CA SER B 105 13.40 9.27 -0.47
C SER B 105 12.92 8.01 -1.16
N LEU B 106 12.56 6.99 -0.38
CA LEU B 106 12.14 5.72 -0.95
C LEU B 106 10.68 5.69 -1.42
N ASP B 107 9.81 6.42 -0.71
CA ASP B 107 8.42 6.61 -1.13
C ASP B 107 8.32 7.30 -2.49
N SER B 108 9.14 8.33 -2.69
CA SER B 108 9.08 9.18 -3.88
C SER B 108 10.10 8.77 -4.94
N SER B 109 10.99 7.83 -4.57
CA SER B 109 12.11 7.42 -5.43
C SER B 109 12.92 8.64 -5.88
N THR B 110 13.21 9.51 -4.91
CA THR B 110 13.90 10.77 -5.15
C THR B 110 15.02 10.92 -4.12
N PRO B 111 16.22 11.32 -4.57
CA PRO B 111 17.29 11.61 -3.61
C PRO B 111 16.90 12.73 -2.65
N ILE B 112 16.88 12.41 -1.36
CA ILE B 112 16.74 13.42 -0.31
C ILE B 112 18.08 13.50 0.42
N ALA B 113 18.89 14.48 0.04
CA ALA B 113 20.22 14.66 0.63
C ALA B 113 20.14 15.18 2.05
N ASN B 114 20.93 14.58 2.93
CA ASN B 114 20.96 14.99 4.32
C ASN B 114 22.10 15.96 4.61
N GLY B 115 21.77 17.24 4.62
CA GLY B 115 22.69 18.28 5.08
C GLY B 115 22.25 18.80 6.42
N VAL B 116 21.64 17.92 7.22
CA VAL B 116 21.21 18.26 8.57
C VAL B 116 22.32 17.91 9.56
N LEU B 117 22.92 18.94 10.14
CA LEU B 117 24.01 18.80 11.10
C LEU B 117 23.50 18.25 12.42
N THR B 118 24.18 17.23 12.92
CA THR B 118 23.85 16.63 14.22
C THR B 118 25.11 16.63 15.08
N THR B 119 25.27 17.69 15.87
CA THR B 119 26.51 17.94 16.58
C THR B 119 26.33 17.95 18.11
N ASN B 120 27.45 17.73 18.81
CA ASN B 120 27.48 17.80 20.27
C ASN B 120 27.60 19.24 20.76
N THR B 121 28.34 20.06 20.02
CA THR B 121 28.57 21.47 20.36
C THR B 121 28.27 22.40 19.19
N GLU B 122 28.18 23.71 19.49
CA GLU B 122 27.95 24.72 18.47
C GLU B 122 29.17 24.89 17.55
N GLU B 123 30.36 24.80 18.13
CA GLU B 123 31.62 24.88 17.38
C GLU B 123 31.70 23.85 16.24
N GLN B 124 31.27 22.62 16.54
CA GLN B 124 31.26 21.54 15.57
C GLN B 124 30.33 21.82 14.40
N ALA B 125 29.19 22.46 14.69
CA ALA B 125 28.21 22.85 13.68
C ALA B 125 28.72 24.01 12.81
N LEU B 126 29.38 24.98 13.44
CA LEU B 126 29.98 26.11 12.73
C LEU B 126 31.08 25.63 11.76
N ASP B 127 31.84 24.63 12.22
CA ASP B 127 32.98 24.10 11.47
C ASP B 127 32.55 23.26 10.26
N ARG B 128 31.26 22.96 10.17
CA ARG B 128 30.71 22.13 9.09
C ARG B 128 29.66 22.86 8.25
N ALA B 129 29.58 24.17 8.41
CA ALA B 129 28.55 24.97 7.72
C ALA B 129 29.09 25.69 6.49
N GLY B 130 30.41 25.82 6.39
CA GLY B 130 31.05 26.47 5.25
C GLY B 130 31.20 27.97 5.42
N LEU B 131 31.41 28.40 6.66
CA LEU B 131 31.78 29.78 6.98
C LEU B 131 33.24 29.99 6.59
N PRO B 132 33.68 31.27 6.47
CA PRO B 132 35.07 31.60 6.16
C PRO B 132 36.12 30.65 6.72
N THR B 133 36.04 30.35 8.02
CA THR B 133 37.06 29.56 8.72
C THR B 133 36.65 28.11 9.00
N SER B 134 35.56 27.67 8.40
CA SER B 134 35.07 26.30 8.56
C SER B 134 35.94 25.29 7.81
N ALA B 135 36.04 24.09 8.37
CA ALA B 135 36.82 23.01 7.75
C ALA B 135 36.09 22.41 6.54
N GLU B 136 34.77 22.32 6.63
CA GLU B 136 33.95 21.81 5.52
C GLU B 136 32.59 22.53 5.40
N ASP B 137 31.90 22.25 4.29
CA ASP B 137 30.55 22.77 4.05
C ASP B 137 29.64 21.61 3.69
N LYS B 138 28.85 21.17 4.66
CA LYS B 138 27.96 20.02 4.47
C LYS B 138 26.72 20.38 3.65
N GLY B 139 26.40 21.66 3.59
CA GLY B 139 25.33 22.16 2.72
C GLY B 139 25.72 22.03 1.26
N ALA B 140 26.98 22.33 0.96
CA ALA B 140 27.56 22.17 -0.37
C ALA B 140 27.66 20.69 -0.73
N GLN B 141 28.20 19.89 0.19
CA GLN B 141 28.34 18.45 0.01
C GLN B 141 27.01 17.74 -0.29
N ALA B 142 25.97 18.08 0.46
CA ALA B 142 24.65 17.46 0.30
C ALA B 142 24.01 17.79 -1.05
N THR B 143 24.25 19.00 -1.54
CA THR B 143 23.73 19.42 -2.84
C THR B 143 24.44 18.72 -3.99
N VAL B 144 25.75 18.53 -3.87
CA VAL B 144 26.51 17.70 -4.82
C VAL B 144 25.92 16.29 -4.80
N ALA B 145 25.70 15.75 -3.60
CA ALA B 145 25.15 14.41 -3.42
C ALA B 145 23.77 14.25 -4.06
N ALA B 146 22.90 15.23 -3.85
CA ALA B 146 21.55 15.21 -4.41
C ALA B 146 21.55 15.28 -5.94
N LEU B 147 22.35 16.19 -6.50
CA LEU B 147 22.41 16.40 -7.94
C LEU B 147 23.05 15.24 -8.69
N ALA B 148 24.13 14.68 -8.15
CA ALA B 148 24.80 13.54 -8.75
C ALA B 148 23.89 12.30 -8.77
N THR B 149 23.13 12.12 -7.69
CA THR B 149 22.22 10.99 -7.57
C THR B 149 21.02 11.16 -8.51
N ALA B 150 20.54 12.39 -8.65
CA ALA B 150 19.47 12.72 -9.58
C ALA B 150 19.88 12.46 -11.03
N LEU B 151 21.13 12.82 -11.37
CA LEU B 151 21.68 12.58 -12.70
C LEU B 151 21.91 11.09 -12.96
N THR B 152 22.36 10.39 -11.93
CA THR B 152 22.56 8.94 -11.97
C THR B 152 21.25 8.20 -12.22
N LEU B 153 20.21 8.60 -11.50
CA LEU B 153 18.88 8.01 -11.66
C LEU B 153 18.26 8.34 -13.03
N ARG B 154 18.58 9.52 -13.54
CA ARG B 154 18.15 9.93 -14.88
C ARG B 154 18.75 9.01 -15.95
N GLU B 155 20.02 8.62 -15.76
CA GLU B 155 20.70 7.73 -16.69
C GLU B 155 20.21 6.28 -16.52
N LEU B 156 19.82 5.93 -15.31
CA LEU B 156 19.30 4.59 -15.02
C LEU B 156 17.85 4.41 -15.46
N ARG B 157 17.10 5.51 -15.52
CA ARG B 157 15.66 5.44 -15.87
C ARG B 157 15.38 5.55 -17.36
N ALA B 158 14.10 5.45 -17.71
CA ALA B 158 13.65 5.36 -19.11
C ALA B 158 14.05 6.55 -19.98
N HIS B 159 14.82 6.27 -21.03
CA HIS B 159 15.14 7.27 -22.07
C HIS B 159 15.58 6.62 -23.39
N SER B 160 14.63 6.61 -24.33
CA SER B 160 14.75 5.94 -25.62
C SER B 160 15.74 6.53 -26.61
N ALA C 15 -2.51 32.94 10.48
CA ALA C 15 -2.81 31.47 10.52
C ALA C 15 -4.26 31.19 10.92
N SER C 16 -5.15 32.12 10.58
CA SER C 16 -6.58 32.02 10.95
C SER C 16 -7.32 30.89 10.22
N GLY C 17 -6.86 30.56 9.02
CA GLY C 17 -7.52 29.54 8.19
C GLY C 17 -7.10 28.12 8.47
N VAL C 18 -5.95 27.95 9.14
CA VAL C 18 -5.42 26.62 9.40
C VAL C 18 -6.22 25.90 10.49
N ARG C 19 -6.45 24.60 10.28
CA ARG C 19 -7.17 23.78 11.24
C ARG C 19 -6.17 23.03 12.12
N LEU C 20 -6.15 23.39 13.40
CA LEU C 20 -5.15 22.88 14.32
C LEU C 20 -5.75 21.92 15.32
N ALA C 21 -5.07 20.79 15.51
CA ALA C 21 -5.41 19.84 16.56
C ALA C 21 -4.26 19.75 17.54
N ILE C 22 -4.59 19.59 18.81
CA ILE C 22 -3.58 19.39 19.85
C ILE C 22 -3.91 18.13 20.64
N VAL C 23 -2.99 17.18 20.62
CA VAL C 23 -3.11 15.99 21.45
C VAL C 23 -2.04 16.04 22.55
N ALA C 24 -2.50 15.99 23.80
CA ALA C 24 -1.62 16.08 24.95
C ALA C 24 -1.84 14.90 25.89
N SER C 25 -0.77 14.19 26.22
CA SER C 25 -0.82 13.13 27.23
C SER C 25 -0.98 13.73 28.63
N SER C 26 -1.24 12.88 29.62
CA SER C 26 -1.63 13.34 30.96
C SER C 26 -0.64 12.94 32.06
N TRP C 27 0.24 11.99 31.75
CA TRP C 27 1.31 11.55 32.63
C TRP C 27 2.24 12.71 33.01
N HIS C 28 2.12 13.17 34.27
CA HIS C 28 2.80 14.36 34.78
C HIS C 28 1.95 15.61 34.50
N GLY C 29 0.74 15.61 35.06
CA GLY C 29 -0.31 16.58 34.76
C GLY C 29 0.05 18.06 34.75
N LYS C 30 0.79 18.49 35.77
CA LYS C 30 1.19 19.89 35.92
C LYS C 30 2.00 20.39 34.71
N ILE C 31 2.97 19.57 34.28
CA ILE C 31 3.85 19.90 33.17
C ILE C 31 3.10 19.81 31.83
N CYS C 32 2.22 18.81 31.73
CA CYS C 32 1.41 18.61 30.52
C CYS C 32 0.41 19.74 30.29
N ASP C 33 -0.19 20.24 31.37
CA ASP C 33 -1.11 21.37 31.31
C ASP C 33 -0.39 22.67 30.92
N ALA C 34 0.84 22.83 31.40
CA ALA C 34 1.68 23.98 31.08
C ALA C 34 2.05 24.00 29.59
N LEU C 35 2.40 22.84 29.05
CA LEU C 35 2.68 22.69 27.62
C LEU C 35 1.45 23.01 26.78
N LEU C 36 0.29 22.52 27.24
CA LEU C 36 -0.98 22.76 26.56
C LEU C 36 -1.36 24.25 26.62
N ASP C 37 -1.07 24.88 27.76
CA ASP C 37 -1.30 26.31 27.94
C ASP C 37 -0.49 27.12 26.94
N GLY C 38 0.78 26.78 26.77
CA GLY C 38 1.66 27.43 25.80
C GLY C 38 1.19 27.22 24.37
N ALA C 39 0.69 26.02 24.09
CA ALA C 39 0.14 25.68 22.78
C ALA C 39 -1.11 26.50 22.45
N ARG C 40 -2.05 26.56 23.39
CA ARG C 40 -3.30 27.30 23.22
C ARG C 40 -3.07 28.81 23.04
N LYS C 41 -2.09 29.33 23.77
CA LYS C 41 -1.74 30.76 23.71
C LYS C 41 -1.15 31.18 22.37
N VAL C 42 -0.27 30.35 21.82
CA VAL C 42 0.27 30.56 20.47
C VAL C 42 -0.84 30.47 19.43
N ALA C 43 -1.71 29.47 19.56
CA ALA C 43 -2.84 29.28 18.67
C ALA C 43 -3.75 30.51 18.66
N ALA C 44 -4.13 30.98 19.85
CA ALA C 44 -5.02 32.14 19.99
C ALA C 44 -4.38 33.43 19.48
N GLY C 45 -3.06 33.55 19.65
CA GLY C 45 -2.30 34.69 19.14
C GLY C 45 -2.25 34.73 17.63
N CYS C 46 -2.33 33.56 16.99
CA CYS C 46 -2.32 33.46 15.54
C CYS C 46 -3.73 33.44 14.93
N GLY C 47 -4.74 33.74 15.75
CA GLY C 47 -6.12 33.86 15.28
C GLY C 47 -6.94 32.59 15.39
N LEU C 48 -6.47 31.64 16.19
CA LEU C 48 -7.15 30.36 16.39
C LEU C 48 -7.58 30.18 17.85
N ASP C 49 -8.79 30.61 18.17
CA ASP C 49 -9.30 30.56 19.53
C ASP C 49 -9.73 29.16 19.97
N ASP C 50 -10.16 28.33 19.02
CA ASP C 50 -10.63 26.99 19.35
C ASP C 50 -10.01 25.88 18.50
N PRO C 51 -8.78 25.47 18.85
CA PRO C 51 -8.21 24.27 18.23
C PRO C 51 -8.81 23.01 18.85
N THR C 52 -8.80 21.91 18.10
CA THR C 52 -9.28 20.64 18.62
C THR C 52 -8.26 20.09 19.62
N VAL C 53 -8.67 20.02 20.89
CA VAL C 53 -7.80 19.56 21.97
C VAL C 53 -8.27 18.21 22.50
N VAL C 54 -7.39 17.22 22.40
CA VAL C 54 -7.67 15.87 22.86
C VAL C 54 -6.65 15.47 23.92
N ARG C 55 -7.13 14.80 24.98
CA ARG C 55 -6.23 14.30 26.02
C ARG C 55 -6.10 12.77 25.94
N VAL C 56 -4.87 12.30 26.10
CA VAL C 56 -4.58 10.88 26.25
C VAL C 56 -3.82 10.64 27.55
N LEU C 57 -3.73 9.38 27.98
CA LEU C 57 -3.10 9.06 29.26
C LEU C 57 -1.58 9.16 29.20
N GLY C 58 -0.97 8.38 28.30
CA GLY C 58 0.48 8.36 28.14
C GLY C 58 0.93 8.75 26.75
N ALA C 59 2.23 8.93 26.60
CA ALA C 59 2.84 9.34 25.32
C ALA C 59 2.69 8.29 24.21
N ILE C 60 2.61 7.02 24.60
CA ILE C 60 2.42 5.93 23.65
C ILE C 60 1.07 6.01 22.93
N GLU C 61 0.10 6.62 23.60
CA GLU C 61 -1.25 6.76 23.07
C GLU C 61 -1.41 7.92 22.08
N ILE C 62 -0.38 8.76 22.00
CA ILE C 62 -0.42 9.95 21.15
C ILE C 62 -0.54 9.67 19.64
N PRO C 63 0.37 8.83 19.07
CA PRO C 63 0.36 8.66 17.61
C PRO C 63 -0.97 8.21 16.99
N VAL C 64 -1.66 7.26 17.64
CA VAL C 64 -2.92 6.74 17.11
C VAL C 64 -4.05 7.79 17.15
N VAL C 65 -3.99 8.68 18.14
CA VAL C 65 -4.92 9.80 18.23
C VAL C 65 -4.52 10.90 17.25
N ALA C 66 -3.21 11.15 17.16
CA ALA C 66 -2.66 12.10 16.19
C ALA C 66 -3.04 11.72 14.76
N GLN C 67 -3.07 10.41 14.49
CA GLN C 67 -3.45 9.86 13.19
C GLN C 67 -4.91 10.17 12.86
N GLU C 68 -5.78 10.05 13.86
CA GLU C 68 -7.20 10.36 13.72
C GLU C 68 -7.41 11.85 13.48
N LEU C 69 -6.71 12.66 14.26
CA LEU C 69 -6.80 14.11 14.17
C LEU C 69 -6.26 14.64 12.84
N ALA C 70 -5.24 13.98 12.32
CA ALA C 70 -4.61 14.36 11.06
C ALA C 70 -5.54 14.24 9.84
N ARG C 71 -6.60 13.45 9.98
CA ARG C 71 -7.56 13.26 8.88
C ARG C 71 -8.44 14.50 8.63
N ASN C 72 -8.48 15.39 9.62
CA ASN C 72 -9.42 16.52 9.63
C ASN C 72 -8.76 17.86 10.01
N HIS C 73 -7.44 17.86 10.13
CA HIS C 73 -6.70 19.06 10.53
C HIS C 73 -5.45 19.28 9.68
N ASP C 74 -5.06 20.54 9.52
CA ASP C 74 -3.89 20.92 8.72
C ASP C 74 -2.60 20.72 9.50
N ALA C 75 -2.72 20.70 10.82
CA ALA C 75 -1.57 20.53 11.71
C ALA C 75 -2.00 19.88 13.01
N VAL C 76 -1.13 19.04 13.56
CA VAL C 76 -1.36 18.41 14.86
C VAL C 76 -0.15 18.67 15.74
N VAL C 77 -0.41 19.13 16.96
CA VAL C 77 0.65 19.32 17.95
C VAL C 77 0.57 18.20 18.98
N ALA C 78 1.65 17.44 19.10
CA ALA C 78 1.76 16.38 20.08
C ALA C 78 2.46 16.89 21.32
N LEU C 79 1.79 16.81 22.46
CA LEU C 79 2.35 17.30 23.71
C LEU C 79 2.39 16.17 24.74
N GLY C 80 3.49 16.14 25.50
CA GLY C 80 3.66 15.11 26.52
C GLY C 80 4.95 15.26 27.30
N VAL C 81 5.06 14.49 28.37
CA VAL C 81 6.21 14.52 29.25
C VAL C 81 6.66 13.11 29.55
N VAL C 82 7.85 12.75 29.07
CA VAL C 82 8.47 11.46 29.37
C VAL C 82 9.73 11.71 30.21
N ILE C 83 9.68 11.28 31.47
CA ILE C 83 10.81 11.42 32.39
C ILE C 83 11.46 10.05 32.61
N ARG C 84 12.78 9.99 32.48
CA ARG C 84 13.53 8.76 32.69
C ARG C 84 13.39 8.25 34.12
N GLY C 85 13.08 6.96 34.25
CA GLY C 85 12.96 6.31 35.55
C GLY C 85 14.16 5.46 35.88
N GLN C 86 13.90 4.27 36.42
CA GLN C 86 14.95 3.35 36.85
C GLN C 86 15.30 2.32 35.78
N THR C 87 14.37 2.09 34.86
CA THR C 87 14.51 1.06 33.82
C THR C 87 14.77 1.67 32.44
N PRO C 88 15.22 0.86 31.46
CA PRO C 88 15.37 1.32 30.07
C PRO C 88 14.05 1.64 29.36
N HIS C 89 12.94 1.53 30.09
CA HIS C 89 11.60 1.78 29.54
C HIS C 89 11.44 3.15 28.90
N PHE C 90 12.15 4.14 29.45
CA PHE C 90 12.17 5.51 28.92
C PHE C 90 12.53 5.53 27.44
N ASP C 91 13.62 4.85 27.09
CA ASP C 91 14.12 4.81 25.71
C ASP C 91 13.09 4.29 24.73
N TYR C 92 12.40 3.21 25.10
CA TYR C 92 11.46 2.54 24.21
C TYR C 92 10.12 3.27 24.06
N VAL C 93 9.73 4.00 25.10
CA VAL C 93 8.55 4.88 25.03
C VAL C 93 8.81 6.03 24.05
N CYS C 94 9.98 6.65 24.18
CA CYS C 94 10.39 7.75 23.31
C CYS C 94 10.61 7.28 21.87
N ASP C 95 11.13 6.06 21.72
CA ASP C 95 11.28 5.43 20.40
C ASP C 95 9.94 5.26 19.70
N ALA C 96 8.95 4.76 20.45
CA ALA C 96 7.60 4.55 19.93
C ALA C 96 6.94 5.85 19.48
N VAL C 97 7.10 6.89 20.29
CA VAL C 97 6.55 8.22 19.98
C VAL C 97 7.22 8.78 18.73
N THR C 98 8.55 8.74 18.69
CA THR C 98 9.33 9.18 17.54
C THR C 98 8.86 8.48 16.25
N GLN C 99 8.87 7.14 16.27
CA GLN C 99 8.44 6.32 15.14
C GLN C 99 7.00 6.61 14.72
N GLY C 100 6.12 6.70 15.72
CA GLY C 100 4.69 6.91 15.49
C GLY C 100 4.35 8.25 14.85
N LEU C 101 4.89 9.32 15.42
CA LEU C 101 4.61 10.68 14.95
C LEU C 101 5.20 10.95 13.57
N THR C 102 6.42 10.45 13.35
CA THR C 102 7.07 10.55 12.06
C THR C 102 6.27 9.83 10.97
N ARG C 103 5.79 8.63 11.28
CA ARG C 103 4.95 7.89 10.34
C ARG C 103 3.63 8.59 10.06
N VAL C 104 2.96 9.04 11.12
CA VAL C 104 1.67 9.73 10.99
C VAL C 104 1.80 10.97 10.11
N SER C 105 2.85 11.75 10.34
CA SER C 105 3.10 12.97 9.56
C SER C 105 3.26 12.68 8.06
N LEU C 106 3.98 11.61 7.74
CA LEU C 106 4.25 11.25 6.34
C LEU C 106 3.09 10.51 5.68
N ASP C 107 2.37 9.70 6.46
CA ASP C 107 1.17 9.01 6.01
C ASP C 107 0.07 9.99 5.61
N SER C 108 -0.10 11.02 6.41
CA SER C 108 -1.19 11.98 6.23
C SER C 108 -0.75 13.25 5.52
N SER C 109 0.56 13.37 5.28
CA SER C 109 1.16 14.58 4.71
C SER C 109 0.77 15.82 5.51
N THR C 110 0.86 15.67 6.83
CA THR C 110 0.42 16.68 7.79
C THR C 110 1.54 16.92 8.80
N PRO C 111 1.86 18.18 9.10
CA PRO C 111 2.82 18.46 10.16
C PRO C 111 2.32 17.93 11.52
N ILE C 112 3.09 17.03 12.10
CA ILE C 112 2.84 16.56 13.46
C ILE C 112 3.99 17.07 14.33
N ALA C 113 3.75 18.20 15.00
CA ALA C 113 4.78 18.84 15.81
C ALA C 113 5.04 18.07 17.09
N ASN C 114 6.31 17.89 17.43
CA ASN C 114 6.71 17.16 18.62
C ASN C 114 7.00 18.09 19.79
N GLY C 115 6.00 18.25 20.65
CA GLY C 115 6.17 18.97 21.91
C GLY C 115 6.17 17.98 23.05
N VAL C 116 6.65 16.77 22.78
CA VAL C 116 6.76 15.73 23.79
C VAL C 116 8.14 15.80 24.43
N LEU C 117 8.16 16.18 25.70
CA LEU C 117 9.40 16.32 26.45
C LEU C 117 9.99 14.96 26.79
N THR C 118 11.28 14.80 26.54
CA THR C 118 12.00 13.58 26.85
C THR C 118 13.21 13.93 27.71
N THR C 119 13.01 13.90 29.03
CA THR C 119 14.01 14.41 29.97
C THR C 119 14.56 13.34 30.92
N ASN C 120 15.74 13.61 31.47
CA ASN C 120 16.35 12.76 32.49
C ASN C 120 15.74 12.98 33.87
N THR C 121 15.41 14.23 34.18
CA THR C 121 14.85 14.61 35.47
C THR C 121 13.57 15.43 35.33
N GLU C 122 12.85 15.58 36.43
CA GLU C 122 11.61 16.38 36.47
C GLU C 122 11.90 17.87 36.29
N GLU C 123 13.01 18.32 36.87
CA GLU C 123 13.46 19.71 36.78
C GLU C 123 13.64 20.17 35.33
N GLN C 124 14.23 19.30 34.52
CA GLN C 124 14.45 19.57 33.09
C GLN C 124 13.14 19.72 32.33
N ALA C 125 12.14 18.92 32.71
CA ALA C 125 10.81 18.98 32.11
C ALA C 125 10.06 20.24 32.50
N LEU C 126 10.17 20.62 33.78
CA LEU C 126 9.56 21.86 34.28
C LEU C 126 10.14 23.08 33.59
N ASP C 127 11.45 23.06 33.35
CA ASP C 127 12.18 24.17 32.74
C ASP C 127 11.87 24.35 31.24
N ARG C 128 11.18 23.38 30.66
CA ARG C 128 10.84 23.41 29.23
C ARG C 128 9.34 23.40 28.96
N ALA C 129 8.55 23.64 30.01
CA ALA C 129 7.09 23.60 29.91
C ALA C 129 6.46 24.98 29.76
N GLY C 130 7.20 26.02 30.12
CA GLY C 130 6.71 27.39 30.01
C GLY C 130 5.97 27.88 31.24
N LEU C 131 6.40 27.39 32.41
CA LEU C 131 5.92 27.90 33.69
C LEU C 131 6.59 29.23 33.97
N PRO C 132 6.06 30.01 34.94
CA PRO C 132 6.62 31.33 35.29
C PRO C 132 8.15 31.41 35.23
N THR C 133 8.84 30.45 35.83
CA THR C 133 10.31 30.49 35.95
C THR C 133 11.06 29.59 34.97
N SER C 134 10.34 29.05 33.99
CA SER C 134 10.93 28.16 32.99
C SER C 134 11.77 28.93 31.97
N ALA C 135 12.83 28.29 31.49
CA ALA C 135 13.71 28.89 30.48
C ALA C 135 13.05 28.94 29.11
N GLU C 136 12.27 27.91 28.78
CA GLU C 136 11.60 27.79 27.48
C GLU C 136 10.20 27.19 27.61
N ASP C 137 9.42 27.30 26.54
CA ASP C 137 8.12 26.65 26.43
C ASP C 137 8.08 25.86 25.14
N LYS C 138 8.26 24.54 25.24
CA LYS C 138 8.28 23.65 24.09
C LYS C 138 6.89 23.42 23.51
N GLY C 139 5.86 23.63 24.32
CA GLY C 139 4.47 23.57 23.88
C GLY C 139 4.16 24.71 22.93
N ALA C 140 4.67 25.88 23.28
CA ALA C 140 4.56 27.08 22.43
C ALA C 140 5.36 26.91 21.15
N GLN C 141 6.60 26.43 21.28
CA GLN C 141 7.49 26.24 20.13
C GLN C 141 6.95 25.24 19.11
N ALA C 142 6.37 24.15 19.61
CA ALA C 142 5.79 23.10 18.76
C ALA C 142 4.59 23.60 17.96
N THR C 143 3.79 24.46 18.58
CA THR C 143 2.61 25.03 17.93
C THR C 143 3.02 26.01 16.83
N VAL C 144 4.03 26.83 17.09
CA VAL C 144 4.61 27.70 16.06
C VAL C 144 5.11 26.83 14.90
N ALA C 145 5.83 25.76 15.23
CA ALA C 145 6.36 24.82 14.25
C ALA C 145 5.27 24.20 13.38
N ALA C 146 4.20 23.75 14.02
CA ALA C 146 3.07 23.13 13.30
C ALA C 146 2.35 24.11 12.38
N LEU C 147 2.08 25.31 12.88
CA LEU C 147 1.34 26.34 12.14
C LEU C 147 2.14 26.86 10.95
N ALA C 148 3.42 27.13 11.16
CA ALA C 148 4.31 27.62 10.10
C ALA C 148 4.45 26.61 8.97
N THR C 149 4.55 25.32 9.34
CA THR C 149 4.69 24.25 8.36
C THR C 149 3.38 24.03 7.59
N ALA C 150 2.25 24.16 8.29
CA ALA C 150 0.93 24.06 7.66
C ALA C 150 0.71 25.20 6.66
N LEU C 151 1.16 26.41 7.00
CA LEU C 151 1.09 27.57 6.11
C LEU C 151 2.03 27.42 4.92
N THR C 152 3.21 26.89 5.18
CA THR C 152 4.21 26.59 4.15
C THR C 152 3.67 25.59 3.13
N LEU C 153 3.07 24.51 3.63
CA LEU C 153 2.50 23.48 2.78
C LEU C 153 1.29 23.99 1.99
N ARG C 154 0.54 24.90 2.58
CA ARG C 154 -0.59 25.56 1.93
C ARG C 154 -0.13 26.38 0.72
N GLU C 155 1.02 27.03 0.87
CA GLU C 155 1.62 27.84 -0.19
C GLU C 155 2.25 26.95 -1.27
N LEU C 156 2.75 25.78 -0.85
CA LEU C 156 3.35 24.82 -1.77
C LEU C 156 2.32 23.99 -2.53
N ARG C 157 1.12 23.83 -1.96
CA ARG C 157 0.07 23.01 -2.56
C ARG C 157 -0.84 23.76 -3.52
N ALA C 158 -1.78 23.04 -4.13
CA ALA C 158 -2.64 23.55 -5.20
C ALA C 158 -3.49 24.76 -4.80
N HIS C 159 -3.29 25.87 -5.50
CA HIS C 159 -4.12 27.08 -5.34
C HIS C 159 -4.04 28.02 -6.55
N SER C 160 -5.08 27.93 -7.38
CA SER C 160 -5.16 28.59 -8.67
C SER C 160 -5.34 30.09 -8.68
N LEU D 13 -15.53 7.64 30.69
CA LEU D 13 -16.12 6.53 31.52
C LEU D 13 -17.17 5.73 30.77
N ASP D 14 -17.72 4.71 31.46
CA ASP D 14 -18.59 3.68 30.86
C ASP D 14 -17.92 3.02 29.67
N ALA D 15 -17.06 2.05 29.97
CA ALA D 15 -16.32 1.34 28.93
C ALA D 15 -16.95 -0.02 28.62
N SER D 16 -18.25 -0.16 28.85
CA SER D 16 -18.96 -1.44 28.66
C SER D 16 -19.07 -1.86 27.19
N GLY D 17 -19.11 -0.89 26.28
CA GLY D 17 -19.28 -1.16 24.87
C GLY D 17 -17.99 -1.48 24.10
N VAL D 18 -16.86 -1.12 24.67
CA VAL D 18 -15.57 -1.34 24.00
C VAL D 18 -15.15 -2.81 24.00
N ARG D 19 -14.62 -3.26 22.88
CA ARG D 19 -14.15 -4.62 22.74
C ARG D 19 -12.65 -4.68 23.00
N LEU D 20 -12.28 -5.35 24.08
CA LEU D 20 -10.90 -5.37 24.56
C LEU D 20 -10.25 -6.73 24.35
N ALA D 21 -9.05 -6.71 23.81
CA ALA D 21 -8.21 -7.90 23.72
C ALA D 21 -6.97 -7.71 24.56
N ILE D 22 -6.53 -8.79 25.20
CA ILE D 22 -5.31 -8.78 25.98
C ILE D 22 -4.39 -9.89 25.49
N VAL D 23 -3.20 -9.52 25.02
CA VAL D 23 -2.19 -10.49 24.65
C VAL D 23 -1.04 -10.40 25.65
N ALA D 24 -0.76 -11.52 26.32
CA ALA D 24 0.29 -11.57 27.33
C ALA D 24 1.28 -12.69 27.03
N SER D 25 2.57 -12.34 26.98
CA SER D 25 3.61 -13.35 26.84
C SER D 25 3.79 -14.14 28.14
N SER D 26 4.58 -15.21 28.09
CA SER D 26 4.64 -16.16 29.20
C SER D 26 6.02 -16.28 29.86
N TRP D 27 7.04 -15.75 29.17
CA TRP D 27 8.41 -15.69 29.71
C TRP D 27 8.45 -14.89 31.01
N HIS D 28 8.68 -15.60 32.12
CA HIS D 28 8.60 -15.06 33.50
C HIS D 28 7.16 -15.11 34.00
N GLY D 29 6.62 -16.32 34.05
CA GLY D 29 5.20 -16.59 34.32
C GLY D 29 4.54 -15.85 35.47
N LYS D 30 5.19 -15.83 36.62
CA LYS D 30 4.65 -15.19 37.82
C LYS D 30 4.35 -13.71 37.58
N ILE D 31 5.30 -13.00 36.98
CA ILE D 31 5.17 -11.57 36.71
C ILE D 31 4.15 -11.30 35.59
N CYS D 32 4.13 -12.17 34.58
CA CYS D 32 3.18 -12.06 33.47
C CYS D 32 1.74 -12.28 33.90
N ASP D 33 1.53 -13.23 34.82
CA ASP D 33 0.20 -13.51 35.37
C ASP D 33 -0.30 -12.35 36.24
N ALA D 34 0.63 -11.73 36.98
CA ALA D 34 0.32 -10.56 37.80
C ALA D 34 -0.11 -9.36 36.95
N LEU D 35 0.59 -9.14 35.84
CA LEU D 35 0.23 -8.09 34.88
C LEU D 35 -1.14 -8.35 34.27
N LEU D 36 -1.41 -9.62 33.93
CA LEU D 36 -2.69 -10.04 33.38
C LEU D 36 -3.81 -9.88 34.40
N ASP D 37 -3.50 -10.19 35.65
CA ASP D 37 -4.44 -10.02 36.75
C ASP D 37 -4.86 -8.56 36.89
N GLY D 38 -3.89 -7.66 36.84
CA GLY D 38 -4.15 -6.22 36.90
C GLY D 38 -4.97 -5.72 35.72
N ALA D 39 -4.67 -6.27 34.54
CA ALA D 39 -5.42 -5.97 33.32
C ALA D 39 -6.88 -6.40 33.40
N ARG D 40 -7.10 -7.64 33.81
CA ARG D 40 -8.44 -8.21 33.95
C ARG D 40 -9.30 -7.46 34.97
N LYS D 41 -8.66 -7.02 36.06
CA LYS D 41 -9.34 -6.30 37.14
C LYS D 41 -9.81 -4.92 36.71
N VAL D 42 -8.97 -4.19 35.98
CA VAL D 42 -9.35 -2.90 35.40
C VAL D 42 -10.49 -3.07 34.39
N ALA D 43 -10.36 -4.10 33.55
CA ALA D 43 -11.39 -4.43 32.55
C ALA D 43 -12.75 -4.69 33.21
N ALA D 44 -12.76 -5.55 34.23
CA ALA D 44 -13.98 -5.91 34.95
C ALA D 44 -14.58 -4.72 35.70
N GLY D 45 -13.71 -3.85 36.22
CA GLY D 45 -14.15 -2.63 36.90
C GLY D 45 -14.80 -1.63 35.96
N CYS D 46 -14.42 -1.69 34.69
CA CYS D 46 -14.98 -0.81 33.65
C CYS D 46 -16.18 -1.43 32.94
N GLY D 47 -16.65 -2.57 33.45
CA GLY D 47 -17.84 -3.23 32.90
C GLY D 47 -17.55 -4.28 31.84
N LEU D 48 -16.31 -4.74 31.79
CA LEU D 48 -15.90 -5.77 30.82
C LEU D 48 -15.39 -7.03 31.53
N ASP D 49 -16.32 -7.96 31.75
CA ASP D 49 -16.02 -9.21 32.45
C ASP D 49 -15.22 -10.20 31.62
N ASP D 50 -15.43 -10.19 30.31
CA ASP D 50 -14.77 -11.15 29.43
C ASP D 50 -14.06 -10.52 28.23
N PRO D 51 -12.84 -9.98 28.46
CA PRO D 51 -12.01 -9.57 27.33
C PRO D 51 -11.36 -10.78 26.67
N THR D 52 -11.01 -10.65 25.40
CA THR D 52 -10.30 -11.70 24.69
C THR D 52 -8.87 -11.77 25.21
N VAL D 53 -8.53 -12.87 25.87
CA VAL D 53 -7.20 -13.06 26.41
C VAL D 53 -6.45 -14.16 25.66
N VAL D 54 -5.31 -13.78 25.11
CA VAL D 54 -4.46 -14.70 24.36
C VAL D 54 -3.08 -14.75 24.99
N ARG D 55 -2.51 -15.94 25.09
CA ARG D 55 -1.15 -16.09 25.60
C ARG D 55 -0.17 -16.44 24.49
N VAL D 56 1.00 -15.82 24.55
CA VAL D 56 2.11 -16.14 23.66
C VAL D 56 3.33 -16.48 24.51
N LEU D 57 4.36 -17.06 23.89
CA LEU D 57 5.53 -17.50 24.62
C LEU D 57 6.44 -16.34 25.03
N GLY D 58 6.92 -15.60 24.04
CA GLY D 58 7.80 -14.46 24.30
C GLY D 58 7.24 -13.16 23.78
N ALA D 59 7.92 -12.06 24.11
CA ALA D 59 7.49 -10.71 23.74
C ALA D 59 7.56 -10.45 22.23
N ILE D 60 8.45 -11.16 21.54
CA ILE D 60 8.58 -11.06 20.08
C ILE D 60 7.31 -11.53 19.37
N GLU D 61 6.60 -12.46 20.00
CA GLU D 61 5.40 -13.05 19.45
C GLU D 61 4.15 -12.18 19.61
N ILE D 62 4.26 -11.13 20.42
CA ILE D 62 3.13 -10.25 20.73
C ILE D 62 2.56 -9.50 19.50
N PRO D 63 3.40 -8.74 18.77
CA PRO D 63 2.86 -7.89 17.69
C PRO D 63 2.00 -8.62 16.64
N VAL D 64 2.43 -9.79 16.20
CA VAL D 64 1.68 -10.55 15.19
C VAL D 64 0.31 -11.05 15.70
N VAL D 65 0.25 -11.33 16.99
CA VAL D 65 -1.01 -11.72 17.62
C VAL D 65 -1.86 -10.46 17.90
N ALA D 66 -1.19 -9.40 18.35
CA ALA D 66 -1.82 -8.09 18.53
C ALA D 66 -2.49 -7.61 17.24
N GLN D 67 -1.82 -7.87 16.11
CA GLN D 67 -2.32 -7.51 14.79
C GLN D 67 -3.61 -8.24 14.45
N GLU D 68 -3.65 -9.54 14.80
CA GLU D 68 -4.82 -10.37 14.60
C GLU D 68 -5.99 -9.91 15.47
N LEU D 69 -5.69 -9.64 16.74
CA LEU D 69 -6.69 -9.18 17.71
C LEU D 69 -7.26 -7.81 17.34
N ALA D 70 -6.40 -6.96 16.79
CA ALA D 70 -6.76 -5.60 16.37
C ALA D 70 -7.85 -5.56 15.30
N ARG D 71 -8.01 -6.65 14.55
CA ARG D 71 -9.01 -6.73 13.49
C ARG D 71 -10.45 -6.81 14.01
N ASN D 72 -10.59 -7.15 15.29
CA ASN D 72 -11.87 -7.51 15.89
C ASN D 72 -12.11 -6.85 17.25
N HIS D 73 -11.20 -5.96 17.66
CA HIS D 73 -11.25 -5.32 18.96
C HIS D 73 -10.95 -3.82 18.87
N ASP D 74 -11.55 -3.05 19.78
CA ASP D 74 -11.36 -1.59 19.81
C ASP D 74 -10.07 -1.20 20.50
N ALA D 75 -9.53 -2.12 21.30
CA ALA D 75 -8.28 -1.90 22.02
C ALA D 75 -7.59 -3.23 22.29
N VAL D 76 -6.26 -3.22 22.24
CA VAL D 76 -5.46 -4.38 22.57
C VAL D 76 -4.43 -3.98 23.63
N VAL D 77 -4.35 -4.79 24.68
CA VAL D 77 -3.34 -4.59 25.73
C VAL D 77 -2.23 -5.63 25.54
N ALA D 78 -1.01 -5.15 25.34
CA ALA D 78 0.15 -6.04 25.22
C ALA D 78 0.85 -6.14 26.56
N LEU D 79 0.95 -7.36 27.08
CA LEU D 79 1.60 -7.59 28.37
C LEU D 79 2.75 -8.53 28.23
N GLY D 80 3.83 -8.24 28.95
CA GLY D 80 5.02 -9.07 28.90
C GLY D 80 6.11 -8.59 29.83
N VAL D 81 7.15 -9.40 29.99
CA VAL D 81 8.26 -9.09 30.85
C VAL D 81 9.57 -9.42 30.13
N VAL D 82 10.34 -8.37 29.84
CA VAL D 82 11.67 -8.54 29.27
C VAL D 82 12.70 -8.07 30.29
N ILE D 83 13.50 -9.01 30.79
CA ILE D 83 14.56 -8.71 31.75
C ILE D 83 15.92 -8.85 31.08
N ARG D 84 16.78 -7.84 31.28
CA ARG D 84 18.11 -7.82 30.67
C ARG D 84 18.97 -8.97 31.18
N GLY D 85 19.61 -9.67 30.25
CA GLY D 85 20.51 -10.77 30.58
C GLY D 85 21.97 -10.38 30.47
N GLN D 86 22.76 -11.27 29.88
CA GLN D 86 24.21 -11.08 29.75
C GLN D 86 24.58 -10.47 28.40
N THR D 87 23.72 -10.65 27.41
CA THR D 87 23.99 -10.21 26.04
C THR D 87 23.16 -8.97 25.66
N PRO D 88 23.52 -8.30 24.54
CA PRO D 88 22.72 -7.18 24.05
C PRO D 88 21.34 -7.58 23.49
N HIS D 89 21.00 -8.87 23.61
CA HIS D 89 19.73 -9.41 23.09
C HIS D 89 18.50 -8.69 23.65
N PHE D 90 18.60 -8.23 24.89
CA PHE D 90 17.54 -7.46 25.54
C PHE D 90 17.10 -6.26 24.69
N ASP D 91 18.08 -5.48 24.23
CA ASP D 91 17.81 -4.27 23.45
C ASP D 91 17.02 -4.56 22.18
N TYR D 92 17.39 -5.62 21.48
CA TYR D 92 16.79 -5.94 20.19
C TYR D 92 15.41 -6.59 20.31
N VAL D 93 15.16 -7.29 21.41
CA VAL D 93 13.83 -7.82 21.69
C VAL D 93 12.85 -6.68 21.98
N CYS D 94 13.31 -5.71 22.80
CA CYS D 94 12.49 -4.54 23.12
C CYS D 94 12.31 -3.61 21.91
N ASP D 95 13.32 -3.55 21.05
CA ASP D 95 13.22 -2.81 19.78
C ASP D 95 12.14 -3.39 18.89
N ALA D 96 12.13 -4.72 18.76
CA ALA D 96 11.14 -5.43 17.93
C ALA D 96 9.72 -5.22 18.44
N VAL D 97 9.53 -5.29 19.75
CA VAL D 97 8.23 -5.07 20.38
C VAL D 97 7.76 -3.63 20.15
N THR D 98 8.64 -2.68 20.43
CA THR D 98 8.37 -1.25 20.19
C THR D 98 7.94 -1.02 18.75
N GLN D 99 8.76 -1.45 17.80
CA GLN D 99 8.47 -1.30 16.36
C GLN D 99 7.16 -1.98 15.96
N GLY D 100 6.97 -3.21 16.45
CA GLY D 100 5.81 -4.03 16.11
C GLY D 100 4.50 -3.44 16.58
N LEU D 101 4.44 -3.09 17.87
CA LEU D 101 3.23 -2.55 18.49
C LEU D 101 2.83 -1.20 17.92
N THR D 102 3.83 -0.35 17.70
CA THR D 102 3.61 0.97 17.11
C THR D 102 3.05 0.85 15.69
N ARG D 103 3.62 -0.07 14.90
CA ARG D 103 3.11 -0.32 13.56
C ARG D 103 1.68 -0.87 13.58
N VAL D 104 1.44 -1.88 14.42
CA VAL D 104 0.12 -2.52 14.53
C VAL D 104 -0.94 -1.48 14.90
N SER D 105 -0.63 -0.61 15.85
CA SER D 105 -1.56 0.44 16.28
C SER D 105 -1.95 1.38 15.15
N LEU D 106 -0.98 1.77 14.35
CA LEU D 106 -1.22 2.72 13.27
C LEU D 106 -1.79 2.06 12.00
N ASP D 107 -1.41 0.80 11.75
CA ASP D 107 -1.98 0.01 10.65
C ASP D 107 -3.48 -0.20 10.84
N SER D 108 -3.86 -0.51 12.08
CA SER D 108 -5.23 -0.89 12.39
C SER D 108 -6.04 0.26 12.95
N SER D 109 -5.36 1.38 13.22
CA SER D 109 -5.97 2.56 13.86
C SER D 109 -6.63 2.18 15.19
N THR D 110 -5.89 1.37 15.97
CA THR D 110 -6.37 0.78 17.21
C THR D 110 -5.33 1.03 18.29
N PRO D 111 -5.76 1.47 19.49
CA PRO D 111 -4.86 1.56 20.63
C PRO D 111 -4.25 0.19 20.96
N ILE D 112 -2.93 0.09 20.87
CA ILE D 112 -2.22 -1.08 21.35
C ILE D 112 -1.40 -0.63 22.56
N ALA D 113 -1.94 -0.86 23.75
CA ALA D 113 -1.30 -0.43 24.98
C ALA D 113 -0.08 -1.29 25.32
N ASN D 114 0.99 -0.63 25.73
CA ASN D 114 2.26 -1.29 26.05
C ASN D 114 2.38 -1.54 27.55
N GLY D 115 2.01 -2.75 27.97
CA GLY D 115 2.26 -3.19 29.34
C GLY D 115 3.37 -4.21 29.36
N VAL D 116 4.30 -4.08 28.43
CA VAL D 116 5.47 -4.95 28.35
C VAL D 116 6.60 -4.33 29.17
N LEU D 117 6.95 -5.00 30.26
CA LEU D 117 8.01 -4.54 31.14
C LEU D 117 9.37 -4.75 30.51
N THR D 118 10.19 -3.71 30.56
CA THR D 118 11.56 -3.75 30.02
C THR D 118 12.52 -3.33 31.13
N THR D 119 13.00 -4.30 31.89
CA THR D 119 13.74 -4.03 33.12
C THR D 119 15.18 -4.55 33.09
N ASN D 120 16.03 -3.96 33.94
CA ASN D 120 17.41 -4.41 34.11
C ASN D 120 17.51 -5.63 35.02
N THR D 121 16.65 -5.66 36.05
CA THR D 121 16.62 -6.76 37.03
C THR D 121 15.23 -7.33 37.22
N GLU D 122 15.15 -8.49 37.87
CA GLU D 122 13.87 -9.15 38.17
C GLU D 122 13.07 -8.37 39.21
N GLU D 123 13.77 -7.79 40.19
CA GLU D 123 13.14 -6.97 41.24
C GLU D 123 12.34 -5.81 40.67
N GLN D 124 12.91 -5.14 39.67
CA GLN D 124 12.26 -4.02 39.00
C GLN D 124 10.98 -4.44 38.29
N ALA D 125 10.99 -5.65 37.72
CA ALA D 125 9.82 -6.21 37.04
C ALA D 125 8.72 -6.60 38.04
N LEU D 126 9.13 -7.20 39.16
CA LEU D 126 8.21 -7.57 40.24
C LEU D 126 7.52 -6.33 40.81
N ASP D 127 8.28 -5.24 40.96
CA ASP D 127 7.81 -3.99 41.54
C ASP D 127 6.84 -3.23 40.63
N ARG D 128 6.71 -3.68 39.39
CA ARG D 128 5.85 -3.02 38.41
C ARG D 128 4.74 -3.94 37.88
N ALA D 129 4.54 -5.08 38.55
CA ALA D 129 3.58 -6.08 38.11
C ALA D 129 2.24 -6.00 38.85
N GLY D 130 2.25 -5.35 40.01
CA GLY D 130 1.04 -5.21 40.81
C GLY D 130 0.82 -6.35 41.78
N LEU D 131 1.92 -6.93 42.27
CA LEU D 131 1.88 -7.91 43.33
C LEU D 131 1.61 -7.19 44.67
N PRO D 132 1.20 -7.93 45.72
CA PRO D 132 0.92 -7.34 47.03
C PRO D 132 1.83 -6.18 47.43
N THR D 133 3.15 -6.35 47.28
CA THR D 133 4.13 -5.37 47.76
C THR D 133 4.74 -4.50 46.65
N SER D 134 4.18 -4.58 45.45
CA SER D 134 4.67 -3.80 44.31
C SER D 134 4.28 -2.33 44.41
N ALA D 135 5.15 -1.46 43.88
CA ALA D 135 4.92 -0.02 43.89
C ALA D 135 3.84 0.40 42.89
N GLU D 136 3.83 -0.26 41.72
CA GLU D 136 2.79 -0.02 40.72
C GLU D 136 2.37 -1.28 39.95
N ASP D 137 1.33 -1.14 39.14
CA ASP D 137 0.83 -2.21 38.29
C ASP D 137 0.71 -1.69 36.88
N LYS D 138 1.68 -2.04 36.03
CA LYS D 138 1.72 -1.56 34.65
C LYS D 138 0.70 -2.28 33.77
N GLY D 139 0.27 -3.45 34.21
CA GLY D 139 -0.80 -4.21 33.54
C GLY D 139 -2.12 -3.48 33.68
N ALA D 140 -2.36 -2.97 34.88
CA ALA D 140 -3.53 -2.14 35.17
C ALA D 140 -3.48 -0.81 34.41
N GLN D 141 -2.32 -0.16 34.45
CA GLN D 141 -2.10 1.12 33.79
C GLN D 141 -2.32 1.06 32.28
N ALA D 142 -1.81 0.00 31.66
CA ALA D 142 -1.93 -0.19 30.21
C ALA D 142 -3.38 -0.43 29.76
N THR D 143 -4.15 -1.12 30.59
CA THR D 143 -5.56 -1.37 30.30
C THR D 143 -6.39 -0.10 30.41
N VAL D 144 -6.11 0.73 31.43
CA VAL D 144 -6.70 2.06 31.54
C VAL D 144 -6.38 2.86 30.28
N ALA D 145 -5.10 2.84 29.88
CA ALA D 145 -4.61 3.54 28.71
C ALA D 145 -5.32 3.11 27.43
N ALA D 146 -5.48 1.80 27.25
CA ALA D 146 -6.15 1.24 26.07
C ALA D 146 -7.62 1.60 26.01
N LEU D 147 -8.31 1.47 27.14
CA LEU D 147 -9.75 1.73 27.23
C LEU D 147 -10.09 3.20 27.03
N ALA D 148 -9.33 4.07 27.69
CA ALA D 148 -9.52 5.52 27.57
C ALA D 148 -9.30 6.01 26.13
N THR D 149 -8.29 5.46 25.47
CA THR D 149 -7.97 5.82 24.09
C THR D 149 -9.04 5.30 23.12
N ALA D 150 -9.53 4.09 23.39
CA ALA D 150 -10.62 3.51 22.60
C ALA D 150 -11.90 4.34 22.72
N LEU D 151 -12.20 4.81 23.93
CA LEU D 151 -13.37 5.66 24.17
C LEU D 151 -13.20 7.05 23.54
N THR D 152 -11.97 7.57 23.61
CA THR D 152 -11.62 8.84 22.98
C THR D 152 -11.79 8.78 21.46
N LEU D 153 -11.31 7.69 20.86
CA LEU D 153 -11.43 7.48 19.42
C LEU D 153 -12.88 7.27 18.98
N ARG D 154 -13.67 6.63 19.85
CA ARG D 154 -15.11 6.47 19.62
C ARG D 154 -15.83 7.81 19.56
N GLU D 155 -15.42 8.74 20.42
CA GLU D 155 -15.97 10.09 20.44
C GLU D 155 -15.49 10.93 19.25
N LEU D 156 -14.27 10.65 18.79
CA LEU D 156 -13.69 11.36 17.66
C LEU D 156 -14.21 10.84 16.32
N ARG D 157 -14.65 9.58 16.29
CA ARG D 157 -15.09 8.94 15.05
C ARG D 157 -16.58 9.11 14.76
N ALA D 158 -17.01 8.59 13.61
CA ALA D 158 -18.37 8.81 13.09
C ALA D 158 -19.48 8.31 14.01
N HIS D 159 -20.34 9.25 14.42
CA HIS D 159 -21.57 8.93 15.18
C HIS D 159 -22.63 10.03 15.09
N SER D 160 -23.61 9.79 14.22
CA SER D 160 -24.70 10.70 13.88
C SER D 160 -25.67 11.08 14.98
N LEU E 10 7.84 -27.69 21.73
CA LEU E 10 7.97 -28.84 22.67
C LEU E 10 6.80 -29.79 22.50
N PRO E 11 7.09 -31.10 22.38
CA PRO E 11 6.07 -32.15 22.28
C PRO E 11 5.06 -32.12 23.44
N SER E 12 3.86 -31.64 23.13
CA SER E 12 2.73 -31.65 24.06
C SER E 12 1.43 -31.58 23.27
N LEU E 13 1.44 -30.76 22.21
CA LEU E 13 0.33 -30.67 21.27
C LEU E 13 0.71 -31.19 19.88
N ASP E 14 -0.30 -31.47 19.07
CA ASP E 14 -0.15 -32.13 17.76
C ASP E 14 0.83 -31.46 16.78
N ALA E 15 0.78 -30.13 16.71
CA ALA E 15 1.39 -29.27 15.67
C ALA E 15 1.65 -29.91 14.29
N SER E 16 0.97 -31.03 14.02
CA SER E 16 1.19 -31.81 12.80
C SER E 16 0.74 -31.11 11.53
N GLY E 17 -0.30 -30.27 11.65
CA GLY E 17 -0.87 -29.58 10.50
C GLY E 17 -0.18 -28.30 10.09
N VAL E 18 0.62 -27.73 11.01
CA VAL E 18 1.29 -26.45 10.75
C VAL E 18 2.46 -26.60 9.76
N ARG E 19 2.54 -25.67 8.82
CA ARG E 19 3.62 -25.63 7.84
C ARG E 19 4.75 -24.75 8.36
N LEU E 20 5.90 -25.38 8.63
CA LEU E 20 7.01 -24.68 9.25
C LEU E 20 8.18 -24.52 8.29
N ALA E 21 8.72 -23.30 8.25
CA ALA E 21 9.93 -23.02 7.52
C ALA E 21 11.03 -22.60 8.50
N ILE E 22 12.25 -23.00 8.21
CA ILE E 22 13.39 -22.60 9.01
C ILE E 22 14.46 -21.98 8.10
N VAL E 23 14.79 -20.73 8.37
CA VAL E 23 15.87 -20.05 7.66
C VAL E 23 17.02 -19.83 8.64
N ALA E 24 18.18 -20.38 8.31
CA ALA E 24 19.35 -20.29 9.17
C ALA E 24 20.55 -19.74 8.41
N SER E 25 21.15 -18.68 8.94
CA SER E 25 22.38 -18.15 8.37
C SER E 25 23.57 -19.09 8.65
N SER E 26 24.72 -18.82 8.04
CA SER E 26 25.84 -19.76 8.07
C SER E 26 27.11 -19.22 8.74
N TRP E 27 27.15 -17.90 8.94
CA TRP E 27 28.24 -17.23 9.64
C TRP E 27 28.38 -17.74 11.07
N HIS E 28 29.44 -18.50 11.33
CA HIS E 28 29.67 -19.23 12.59
C HIS E 28 28.99 -20.61 12.52
N GLY E 29 29.41 -21.40 11.54
CA GLY E 29 28.78 -22.67 11.17
C GLY E 29 28.42 -23.64 12.28
N LYS E 30 29.35 -23.89 13.20
CA LYS E 30 29.13 -24.82 14.30
C LYS E 30 27.91 -24.43 15.16
N ILE E 31 27.83 -23.15 15.50
CA ILE E 31 26.76 -22.63 16.35
C ILE E 31 25.44 -22.59 15.58
N CYS E 32 25.51 -22.24 14.30
CA CYS E 32 24.32 -22.18 13.44
C CYS E 32 23.70 -23.56 13.22
N ASP E 33 24.55 -24.58 13.06
CA ASP E 33 24.10 -25.96 12.89
C ASP E 33 23.47 -26.51 14.16
N ALA E 34 24.00 -26.10 15.32
CA ALA E 34 23.47 -26.47 16.63
C ALA E 34 22.06 -25.88 16.85
N LEU E 35 21.89 -24.61 16.48
CA LEU E 35 20.59 -23.95 16.54
C LEU E 35 19.58 -24.65 15.63
N LEU E 36 20.03 -25.03 14.43
CA LEU E 36 19.19 -25.73 13.46
C LEU E 36 18.82 -27.12 13.95
N ASP E 37 19.79 -27.77 14.60
CA ASP E 37 19.58 -29.08 15.22
C ASP E 37 18.46 -29.01 16.26
N GLY E 38 18.52 -28.00 17.12
CA GLY E 38 17.50 -27.79 18.15
C GLY E 38 16.14 -27.49 17.55
N ALA E 39 16.13 -26.71 16.48
CA ALA E 39 14.92 -26.38 15.74
C ALA E 39 14.25 -27.61 15.13
N ARG E 40 15.05 -28.42 14.42
CA ARG E 40 14.55 -29.64 13.77
C ARG E 40 14.03 -30.68 14.77
N LYS E 41 14.67 -30.75 15.93
CA LYS E 41 14.27 -31.71 16.98
C LYS E 41 12.93 -31.34 17.62
N VAL E 42 12.71 -30.05 17.87
CA VAL E 42 11.42 -29.57 18.36
C VAL E 42 10.32 -29.82 17.32
N ALA E 43 10.65 -29.52 16.06
CA ALA E 43 9.72 -29.73 14.95
C ALA E 43 9.29 -31.19 14.84
N ALA E 44 10.27 -32.10 14.86
CA ALA E 44 10.01 -33.54 14.76
C ALA E 44 9.24 -34.09 15.97
N GLY E 45 9.51 -33.53 17.14
CA GLY E 45 8.80 -33.89 18.37
C GLY E 45 7.34 -33.46 18.35
N CYS E 46 7.05 -32.41 17.58
CA CYS E 46 5.68 -31.89 17.44
C CYS E 46 4.96 -32.48 16.22
N GLY E 47 5.56 -33.51 15.61
CA GLY E 47 4.94 -34.21 14.49
C GLY E 47 5.30 -33.68 13.12
N LEU E 48 6.36 -32.88 13.04
CA LEU E 48 6.82 -32.31 11.78
C LEU E 48 8.23 -32.77 11.43
N ASP E 49 8.30 -33.87 10.66
CA ASP E 49 9.57 -34.47 10.27
C ASP E 49 10.32 -33.69 9.20
N ASP E 50 9.58 -33.03 8.32
CA ASP E 50 10.20 -32.30 7.22
C ASP E 50 9.75 -30.84 7.09
N PRO E 51 10.31 -29.94 7.92
CA PRO E 51 10.11 -28.52 7.70
C PRO E 51 10.97 -28.01 6.55
N THR E 52 10.53 -26.92 5.92
CA THR E 52 11.29 -26.25 4.88
C THR E 52 12.53 -25.58 5.48
N VAL E 53 13.70 -26.10 5.15
CA VAL E 53 14.94 -25.56 5.71
C VAL E 53 15.78 -24.90 4.62
N VAL E 54 16.05 -23.61 4.82
CA VAL E 54 16.81 -22.82 3.87
C VAL E 54 18.03 -22.25 4.58
N ARG E 55 19.18 -22.28 3.90
CA ARG E 55 20.39 -21.66 4.44
C ARG E 55 20.74 -20.37 3.70
N VAL E 56 21.15 -19.36 4.48
CA VAL E 56 21.68 -18.11 3.94
C VAL E 56 23.07 -17.86 4.52
N LEU E 57 23.82 -16.93 3.94
CA LEU E 57 25.19 -16.69 4.38
C LEU E 57 25.25 -15.93 5.71
N GLY E 58 24.66 -14.73 5.73
CA GLY E 58 24.66 -13.90 6.93
C GLY E 58 23.27 -13.57 7.42
N ALA E 59 23.19 -12.97 8.61
CA ALA E 59 21.93 -12.62 9.25
C ALA E 59 21.13 -11.57 8.50
N ILE E 60 21.82 -10.70 7.75
CA ILE E 60 21.15 -9.65 6.95
C ILE E 60 20.33 -10.26 5.80
N GLU E 61 20.72 -11.47 5.37
CA GLU E 61 20.05 -12.17 4.28
C GLU E 61 18.78 -12.90 4.72
N ILE E 62 18.57 -12.99 6.03
CA ILE E 62 17.44 -13.73 6.60
C ILE E 62 16.06 -13.16 6.24
N PRO E 63 15.82 -11.86 6.50
CA PRO E 63 14.47 -11.29 6.31
C PRO E 63 13.87 -11.49 4.91
N VAL E 64 14.67 -11.28 3.86
CA VAL E 64 14.19 -11.42 2.48
C VAL E 64 13.83 -12.87 2.13
N VAL E 65 14.54 -13.83 2.73
CA VAL E 65 14.22 -15.24 2.56
C VAL E 65 13.05 -15.63 3.45
N ALA E 66 13.02 -15.11 4.67
CA ALA E 66 11.89 -15.27 5.58
C ALA E 66 10.59 -14.78 4.95
N GLN E 67 10.67 -13.68 4.22
CA GLN E 67 9.53 -13.09 3.49
C GLN E 67 8.98 -14.05 2.43
N GLU E 68 9.89 -14.69 1.71
CA GLU E 68 9.55 -15.66 0.68
C GLU E 68 8.89 -16.90 1.30
N LEU E 69 9.50 -17.40 2.38
CA LEU E 69 9.01 -18.57 3.10
C LEU E 69 7.64 -18.32 3.73
N ALA E 70 7.42 -17.10 4.22
CA ALA E 70 6.18 -16.70 4.86
C ALA E 70 4.96 -16.79 3.93
N ARG E 71 5.20 -16.78 2.61
CA ARG E 71 4.13 -16.86 1.62
C ARG E 71 3.45 -18.22 1.56
N ASN E 72 4.14 -19.26 2.01
CA ASN E 72 3.57 -20.61 1.98
C ASN E 72 3.81 -21.46 3.22
N HIS E 73 4.08 -20.79 4.34
CA HIS E 73 4.24 -21.44 5.64
C HIS E 73 3.48 -20.70 6.73
N ASP E 74 3.03 -21.45 7.74
CA ASP E 74 2.27 -20.88 8.86
C ASP E 74 3.20 -20.26 9.89
N ALA E 75 4.47 -20.65 9.86
CA ALA E 75 5.47 -20.14 10.78
C ALA E 75 6.86 -20.23 10.15
N VAL E 76 7.69 -19.23 10.43
CA VAL E 76 9.08 -19.25 10.02
C VAL E 76 9.99 -19.04 11.22
N VAL E 77 11.00 -19.88 11.35
CA VAL E 77 12.02 -19.72 12.38
C VAL E 77 13.28 -19.14 11.77
N ALA E 78 13.71 -18.00 12.29
CA ALA E 78 14.95 -17.36 11.85
C ALA E 78 16.07 -17.74 12.80
N LEU E 79 17.11 -18.37 12.27
CA LEU E 79 18.24 -18.78 13.08
C LEU E 79 19.53 -18.14 12.58
N GLY E 80 20.37 -17.74 13.51
CA GLY E 80 21.64 -17.11 13.16
C GLY E 80 22.47 -16.74 14.37
N VAL E 81 23.71 -16.35 14.11
CA VAL E 81 24.63 -15.98 15.17
C VAL E 81 25.36 -14.70 14.78
N VAL E 82 25.10 -13.63 15.53
CA VAL E 82 25.82 -12.38 15.36
C VAL E 82 26.68 -12.14 16.61
N ILE E 83 28.00 -12.16 16.43
CA ILE E 83 28.95 -11.92 17.51
C ILE E 83 29.59 -10.56 17.31
N ARG E 84 29.61 -9.76 18.38
CA ARG E 84 30.21 -8.42 18.31
C ARG E 84 31.70 -8.48 18.01
N GLY E 85 32.14 -7.64 17.07
CA GLY E 85 33.54 -7.56 16.70
C GLY E 85 34.20 -6.31 17.27
N GLN E 86 35.01 -5.67 16.43
CA GLN E 86 35.78 -4.48 16.82
C GLN E 86 35.05 -3.18 16.50
N THR E 87 34.13 -3.25 15.54
CA THR E 87 33.43 -2.06 15.03
C THR E 87 31.96 -2.03 15.50
N PRO E 88 31.29 -0.87 15.36
CA PRO E 88 29.85 -0.76 15.65
C PRO E 88 28.96 -1.55 14.69
N HIS E 89 29.56 -2.25 13.74
CA HIS E 89 28.83 -3.00 12.71
C HIS E 89 27.85 -4.03 13.28
N PHE E 90 28.18 -4.58 14.45
CA PHE E 90 27.31 -5.51 15.17
C PHE E 90 25.92 -4.92 15.40
N ASP E 91 25.88 -3.69 15.90
CA ASP E 91 24.63 -2.99 16.23
C ASP E 91 23.71 -2.89 15.02
N TYR E 92 24.29 -2.52 13.88
CA TYR E 92 23.51 -2.25 12.68
C TYR E 92 23.05 -3.51 11.95
N VAL E 93 23.81 -4.59 12.08
CA VAL E 93 23.40 -5.90 11.57
C VAL E 93 22.19 -6.41 12.35
N CYS E 94 22.25 -6.30 13.68
CA CYS E 94 21.16 -6.72 14.55
C CYS E 94 19.93 -5.83 14.39
N ASP E 95 20.15 -4.54 14.14
CA ASP E 95 19.09 -3.59 13.85
C ASP E 95 18.31 -3.99 12.59
N ALA E 96 19.06 -4.33 11.54
CA ALA E 96 18.49 -4.75 10.26
C ALA E 96 17.65 -6.02 10.39
N VAL E 97 18.16 -6.99 11.13
CA VAL E 97 17.44 -8.24 11.37
C VAL E 97 16.17 -7.99 12.16
N THR E 98 16.29 -7.24 13.26
CA THR E 98 15.15 -6.83 14.09
C THR E 98 14.07 -6.18 13.23
N GLN E 99 14.43 -5.12 12.52
CA GLN E 99 13.52 -4.39 11.62
C GLN E 99 12.90 -5.29 10.54
N GLY E 100 13.74 -6.12 9.93
CA GLY E 100 13.32 -6.99 8.83
C GLY E 100 12.33 -8.05 9.24
N LEU E 101 12.64 -8.78 10.31
CA LEU E 101 11.80 -9.88 10.79
C LEU E 101 10.47 -9.40 11.34
N THR E 102 10.51 -8.27 12.05
CA THR E 102 9.30 -7.64 12.60
C THR E 102 8.37 -7.20 11.46
N ARG E 103 8.95 -6.61 10.41
CA ARG E 103 8.17 -6.20 9.24
C ARG E 103 7.57 -7.40 8.52
N VAL E 104 8.39 -8.41 8.27
CA VAL E 104 7.96 -9.61 7.55
C VAL E 104 6.80 -10.31 8.29
N SER E 105 6.91 -10.41 9.61
CA SER E 105 5.87 -11.03 10.43
C SER E 105 4.54 -10.31 10.31
N LEU E 106 4.58 -8.98 10.32
CA LEU E 106 3.36 -8.17 10.25
C LEU E 106 2.81 -8.03 8.82
N ASP E 107 3.71 -7.98 7.83
CA ASP E 107 3.34 -7.96 6.41
C ASP E 107 2.58 -9.22 6.02
N SER E 108 3.05 -10.36 6.49
CA SER E 108 2.52 -11.66 6.09
C SER E 108 1.54 -12.22 7.11
N SER E 109 1.42 -11.56 8.26
CA SER E 109 0.61 -12.02 9.38
C SER E 109 1.02 -13.44 9.80
N THR E 110 2.33 -13.65 9.87
CA THR E 110 2.94 -14.95 10.13
C THR E 110 3.96 -14.80 11.26
N PRO E 111 3.94 -15.72 12.23
CA PRO E 111 4.99 -15.73 13.25
C PRO E 111 6.36 -15.95 12.62
N ILE E 112 7.25 -14.98 12.80
CA ILE E 112 8.65 -15.13 12.41
C ILE E 112 9.45 -15.14 13.72
N ALA E 113 9.76 -16.34 14.19
CA ALA E 113 10.47 -16.51 15.45
C ALA E 113 11.94 -16.13 15.32
N ASN E 114 12.43 -15.40 16.32
CA ASN E 114 13.81 -14.92 16.33
C ASN E 114 14.72 -15.83 17.15
N GLY E 115 15.41 -16.73 16.46
CA GLY E 115 16.45 -17.55 17.06
C GLY E 115 17.81 -17.08 16.60
N VAL E 116 17.91 -15.78 16.34
CA VAL E 116 19.15 -15.15 15.91
C VAL E 116 19.90 -14.65 17.14
N LEU E 117 21.02 -15.29 17.43
CA LEU E 117 21.83 -14.94 18.60
C LEU E 117 22.57 -13.63 18.37
N THR E 118 22.49 -12.74 19.36
CA THR E 118 23.18 -11.45 19.31
C THR E 118 24.03 -11.33 20.57
N THR E 119 25.29 -11.77 20.47
CA THR E 119 26.15 -11.89 21.65
C THR E 119 27.40 -11.01 21.58
N ASN E 120 27.98 -10.74 22.74
CA ASN E 120 29.23 -10.00 22.85
C ASN E 120 30.45 -10.89 22.58
N THR E 121 30.37 -12.15 23.00
CA THR E 121 31.46 -13.12 22.84
C THR E 121 30.98 -14.42 22.19
N GLU E 122 31.92 -15.23 21.74
CA GLU E 122 31.62 -16.53 21.13
C GLU E 122 31.09 -17.52 22.18
N GLU E 123 31.64 -17.45 23.39
CA GLU E 123 31.24 -18.27 24.53
C GLU E 123 29.74 -18.15 24.83
N GLN E 124 29.24 -16.91 24.80
CA GLN E 124 27.83 -16.63 25.04
C GLN E 124 26.93 -17.23 23.97
N ALA E 125 27.40 -17.25 22.73
CA ALA E 125 26.66 -17.84 21.61
C ALA E 125 26.65 -19.37 21.69
N LEU E 126 27.79 -19.95 22.07
CA LEU E 126 27.89 -21.40 22.27
C LEU E 126 26.95 -21.87 23.38
N ASP E 127 26.86 -21.08 24.44
CA ASP E 127 26.05 -21.39 25.62
C ASP E 127 24.54 -21.30 25.36
N ARG E 128 24.17 -20.76 24.21
CA ARG E 128 22.76 -20.56 23.85
C ARG E 128 22.35 -21.30 22.58
N ALA E 129 23.22 -22.21 22.12
CA ALA E 129 23.01 -22.93 20.87
C ALA E 129 22.42 -24.33 21.08
N GLY E 130 22.55 -24.85 22.30
CA GLY E 130 22.04 -26.17 22.63
C GLY E 130 23.02 -27.30 22.36
N LEU E 131 24.30 -27.00 22.53
CA LEU E 131 25.35 -28.00 22.47
C LEU E 131 25.36 -28.79 23.79
N PRO E 132 26.00 -29.98 23.82
CA PRO E 132 26.06 -30.81 25.03
C PRO E 132 26.13 -30.04 26.36
N THR E 133 27.02 -29.07 26.45
CA THR E 133 27.27 -28.35 27.72
C THR E 133 26.65 -26.95 27.77
N SER E 134 25.79 -26.62 26.81
CA SER E 134 25.13 -25.32 26.76
C SER E 134 24.02 -25.20 27.80
N ALA E 135 23.82 -23.99 28.31
CA ALA E 135 22.80 -23.71 29.32
C ALA E 135 21.40 -23.74 28.72
N GLU E 136 21.27 -23.25 27.49
CA GLU E 136 19.98 -23.26 26.79
C GLU E 136 20.13 -23.48 25.28
N ASP E 137 19.00 -23.68 24.62
CA ASP E 137 18.94 -23.84 23.17
C ASP E 137 17.91 -22.88 22.61
N LYS E 138 18.38 -21.77 22.04
CA LYS E 138 17.49 -20.73 21.53
C LYS E 138 16.87 -21.13 20.19
N GLY E 139 17.50 -22.07 19.50
CA GLY E 139 16.95 -22.65 18.27
C GLY E 139 15.71 -23.47 18.58
N ALA E 140 15.78 -24.24 19.67
CA ALA E 140 14.64 -25.02 20.16
C ALA E 140 13.52 -24.09 20.68
N GLN E 141 13.91 -23.09 21.46
CA GLN E 141 12.96 -22.12 22.02
C GLN E 141 12.18 -21.35 20.96
N ALA E 142 12.89 -20.92 19.90
CA ALA E 142 12.29 -20.16 18.81
C ALA E 142 11.28 -20.99 18.01
N THR E 143 11.56 -22.28 17.85
CA THR E 143 10.65 -23.19 17.14
C THR E 143 9.39 -23.46 17.94
N VAL E 144 9.53 -23.65 19.25
CA VAL E 144 8.37 -23.73 20.15
C VAL E 144 7.53 -22.44 20.02
N ALA E 145 8.21 -21.31 20.07
CA ALA E 145 7.58 -20.00 19.94
C ALA E 145 6.79 -19.85 18.62
N ALA E 146 7.41 -20.25 17.51
CA ALA E 146 6.79 -20.17 16.19
C ALA E 146 5.56 -21.08 16.06
N LEU E 147 5.70 -22.32 16.53
CA LEU E 147 4.65 -23.32 16.42
C LEU E 147 3.44 -23.00 17.30
N ALA E 148 3.71 -22.57 18.53
CA ALA E 148 2.66 -22.19 19.47
C ALA E 148 1.85 -21.00 18.95
N THR E 149 2.55 -20.03 18.37
CA THR E 149 1.91 -18.83 17.83
C THR E 149 1.10 -19.15 16.58
N ALA E 150 1.62 -20.04 15.73
CA ALA E 150 0.90 -20.51 14.55
C ALA E 150 -0.38 -21.26 14.92
N LEU E 151 -0.31 -22.09 15.96
CA LEU E 151 -1.47 -22.81 16.48
C LEU E 151 -2.49 -21.86 17.12
N THR E 152 -1.99 -20.86 17.83
CA THR E 152 -2.83 -19.83 18.44
C THR E 152 -3.57 -19.00 17.39
N LEU E 153 -2.86 -18.63 16.32
CA LEU E 153 -3.46 -17.87 15.22
C LEU E 153 -4.46 -18.71 14.43
N ARG E 154 -4.20 -20.01 14.33
CA ARG E 154 -5.13 -20.97 13.73
C ARG E 154 -6.45 -21.02 14.49
N GLU E 155 -6.38 -20.97 15.82
CA GLU E 155 -7.56 -20.99 16.68
C GLU E 155 -8.29 -19.64 16.65
N LEU E 156 -7.54 -18.56 16.45
CA LEU E 156 -8.11 -17.22 16.39
C LEU E 156 -8.72 -16.91 15.02
N ARG E 157 -8.25 -17.59 13.98
CA ARG E 157 -8.71 -17.32 12.61
C ARG E 157 -9.92 -18.17 12.19
N ALA E 158 -10.40 -17.91 10.98
CA ALA E 158 -11.64 -18.49 10.46
C ALA E 158 -11.67 -20.01 10.43
N HIS E 159 -12.62 -20.58 11.17
CA HIS E 159 -12.89 -22.01 11.13
C HIS E 159 -14.26 -22.42 11.67
N SER E 160 -15.22 -22.50 10.77
CA SER E 160 -16.17 -23.62 10.75
C SER E 160 -17.50 -23.74 11.40
N ASP F 14 -29.70 -13.04 16.95
CA ASP F 14 -29.49 -11.73 17.64
C ASP F 14 -28.29 -10.99 17.06
N ALA F 15 -28.28 -9.66 17.24
CA ALA F 15 -27.29 -8.75 16.67
C ALA F 15 -27.18 -7.46 17.49
N SER F 16 -27.38 -7.57 18.80
CA SER F 16 -27.37 -6.45 19.73
C SER F 16 -25.99 -5.77 19.86
N GLY F 17 -24.92 -6.55 19.72
CA GLY F 17 -23.57 -6.06 19.89
C GLY F 17 -22.95 -5.41 18.66
N VAL F 18 -23.53 -5.67 17.50
CA VAL F 18 -23.06 -5.15 16.21
C VAL F 18 -23.26 -3.65 16.10
N ARG F 19 -22.24 -2.94 15.63
CA ARG F 19 -22.33 -1.50 15.38
C ARG F 19 -22.69 -1.25 13.92
N LEU F 20 -23.90 -0.73 13.71
CA LEU F 20 -24.45 -0.56 12.37
C LEU F 20 -24.51 0.90 11.96
N ALA F 21 -24.04 1.18 10.74
CA ALA F 21 -24.19 2.49 10.13
C ALA F 21 -25.07 2.37 8.89
N ILE F 22 -25.89 3.38 8.65
CA ILE F 22 -26.72 3.43 7.46
C ILE F 22 -26.48 4.75 6.75
N VAL F 23 -26.01 4.67 5.50
CA VAL F 23 -25.86 5.84 4.65
C VAL F 23 -26.90 5.78 3.53
N ALA F 24 -27.75 6.80 3.47
CA ALA F 24 -28.83 6.85 2.49
C ALA F 24 -28.77 8.15 1.69
N SER F 25 -28.76 8.03 0.36
CA SER F 25 -28.84 9.22 -0.50
C SER F 25 -30.26 9.78 -0.48
N SER F 26 -30.44 10.95 -1.10
CA SER F 26 -31.69 11.71 -0.95
C SER F 26 -32.44 11.92 -2.28
N TRP F 27 -31.75 11.70 -3.39
CA TRP F 27 -32.33 11.78 -4.74
C TRP F 27 -33.47 10.77 -4.89
N HIS F 28 -34.70 11.29 -4.95
CA HIS F 28 -35.95 10.51 -4.94
C HIS F 28 -36.38 10.23 -3.49
N GLY F 29 -36.61 11.32 -2.75
CA GLY F 29 -36.84 11.31 -1.30
C GLY F 29 -37.81 10.28 -0.74
N LYS F 30 -38.98 10.17 -1.37
CA LYS F 30 -40.02 9.23 -0.93
C LYS F 30 -39.52 7.79 -0.88
N ILE F 31 -38.86 7.36 -1.95
CA ILE F 31 -38.34 6.00 -2.07
C ILE F 31 -37.15 5.78 -1.14
N CYS F 32 -36.30 6.80 -1.01
CA CYS F 32 -35.13 6.75 -0.13
C CYS F 32 -35.51 6.63 1.36
N ASP F 33 -36.57 7.36 1.75
CA ASP F 33 -37.08 7.30 3.11
C ASP F 33 -37.72 5.95 3.43
N ALA F 34 -38.37 5.36 2.43
CA ALA F 34 -38.97 4.04 2.55
C ALA F 34 -37.91 2.95 2.76
N LEU F 35 -36.83 3.05 1.99
CA LEU F 35 -35.69 2.13 2.13
C LEU F 35 -35.04 2.26 3.52
N LEU F 36 -34.90 3.50 3.99
CA LEU F 36 -34.34 3.78 5.31
C LEU F 36 -35.28 3.29 6.41
N ASP F 37 -36.58 3.42 6.19
CA ASP F 37 -37.59 2.90 7.12
C ASP F 37 -37.45 1.39 7.29
N GLY F 38 -37.31 0.67 6.17
CA GLY F 38 -37.11 -0.78 6.18
C GLY F 38 -35.81 -1.19 6.87
N ALA F 39 -34.77 -0.39 6.65
CA ALA F 39 -33.47 -0.59 7.28
C ALA F 39 -33.54 -0.45 8.80
N ARG F 40 -34.15 0.65 9.25
CA ARG F 40 -34.28 0.94 10.68
C ARG F 40 -35.14 -0.09 11.41
N LYS F 41 -36.17 -0.58 10.73
CA LYS F 41 -37.09 -1.60 11.27
C LYS F 41 -36.39 -2.94 11.52
N VAL F 42 -35.59 -3.37 10.54
CA VAL F 42 -34.79 -4.59 10.68
C VAL F 42 -33.77 -4.42 11.81
N ALA F 43 -33.11 -3.27 11.85
CA ALA F 43 -32.13 -2.95 12.88
C ALA F 43 -32.75 -3.04 14.28
N ALA F 44 -33.89 -2.38 14.48
CA ALA F 44 -34.58 -2.36 15.75
C ALA F 44 -35.11 -3.74 16.18
N GLY F 45 -35.52 -4.53 15.18
CA GLY F 45 -35.97 -5.90 15.41
C GLY F 45 -34.84 -6.82 15.86
N CYS F 46 -33.62 -6.49 15.46
CA CYS F 46 -32.44 -7.26 15.85
C CYS F 46 -31.75 -6.71 17.11
N GLY F 47 -32.41 -5.79 17.79
CA GLY F 47 -31.91 -5.23 19.04
C GLY F 47 -31.05 -3.98 18.91
N LEU F 48 -31.13 -3.33 17.75
CA LEU F 48 -30.38 -2.09 17.49
C LEU F 48 -31.33 -0.91 17.26
N ASP F 49 -31.66 -0.20 18.33
CA ASP F 49 -32.59 0.93 18.26
C ASP F 49 -31.98 2.19 17.65
N ASP F 50 -30.67 2.36 17.82
CA ASP F 50 -29.99 3.57 17.32
C ASP F 50 -28.75 3.27 16.47
N PRO F 51 -28.95 2.93 15.19
CA PRO F 51 -27.82 2.85 14.27
C PRO F 51 -27.41 4.25 13.80
N THR F 52 -26.15 4.39 13.40
CA THR F 52 -25.66 5.66 12.86
C THR F 52 -26.26 5.88 11.48
N VAL F 53 -27.10 6.89 11.35
CA VAL F 53 -27.76 7.19 10.08
C VAL F 53 -27.26 8.51 9.51
N VAL F 54 -26.71 8.43 8.30
CA VAL F 54 -26.16 9.59 7.62
C VAL F 54 -26.87 9.77 6.28
N ARG F 55 -27.17 11.02 5.93
CA ARG F 55 -27.80 11.32 4.64
C ARG F 55 -26.82 12.00 3.70
N VAL F 56 -26.84 11.57 2.45
CA VAL F 56 -26.09 12.23 1.37
C VAL F 56 -27.05 12.59 0.25
N LEU F 57 -26.61 13.45 -0.67
CA LEU F 57 -27.48 13.95 -1.74
C LEU F 57 -27.73 12.90 -2.82
N GLY F 58 -26.65 12.42 -3.44
CA GLY F 58 -26.75 11.43 -4.50
C GLY F 58 -26.00 10.15 -4.19
N ALA F 59 -26.20 9.14 -5.03
CA ALA F 59 -25.58 7.83 -4.86
C ALA F 59 -24.05 7.84 -5.01
N ILE F 60 -23.54 8.79 -5.78
CA ILE F 60 -22.09 8.98 -5.98
C ILE F 60 -21.39 9.36 -4.67
N GLU F 61 -22.14 10.02 -3.78
CA GLU F 61 -21.60 10.50 -2.51
C GLU F 61 -21.55 9.41 -1.43
N ILE F 62 -22.18 8.27 -1.71
CA ILE F 62 -22.29 7.18 -0.73
C ILE F 62 -20.94 6.56 -0.32
N PRO F 63 -20.12 6.10 -1.31
CA PRO F 63 -18.88 5.39 -0.96
C PRO F 63 -17.93 6.12 -0.01
N VAL F 64 -17.71 7.42 -0.23
CA VAL F 64 -16.79 8.20 0.60
C VAL F 64 -17.29 8.36 2.04
N VAL F 65 -18.61 8.41 2.21
CA VAL F 65 -19.21 8.46 3.54
C VAL F 65 -19.24 7.05 4.16
N ALA F 66 -19.55 6.06 3.34
CA ALA F 66 -19.49 4.65 3.75
C ALA F 66 -18.10 4.29 4.25
N GLN F 67 -17.07 4.85 3.62
CA GLN F 67 -15.68 4.65 4.02
C GLN F 67 -15.40 5.21 5.41
N GLU F 68 -15.93 6.40 5.67
CA GLU F 68 -15.78 7.05 6.97
C GLU F 68 -16.52 6.27 8.06
N LEU F 69 -17.73 5.82 7.75
CA LEU F 69 -18.56 5.04 8.68
C LEU F 69 -17.96 3.68 8.99
N ALA F 70 -17.32 3.09 7.98
CA ALA F 70 -16.66 1.77 8.10
C ALA F 70 -15.53 1.74 9.13
N ARG F 71 -14.99 2.91 9.46
CA ARG F 71 -13.89 3.03 10.41
C ARG F 71 -14.31 2.77 11.86
N ASN F 72 -15.60 2.93 12.15
CA ASN F 72 -16.09 2.67 13.51
C ASN F 72 -17.42 1.92 13.62
N HIS F 73 -17.74 1.16 12.57
CA HIS F 73 -18.92 0.30 12.56
C HIS F 73 -18.60 -1.07 11.99
N ASP F 74 -19.32 -2.08 12.47
CA ASP F 74 -19.13 -3.47 12.03
C ASP F 74 -19.81 -3.75 10.71
N ALA F 75 -20.78 -2.90 10.36
CA ALA F 75 -21.55 -3.04 9.13
C ALA F 75 -22.05 -1.69 8.67
N VAL F 76 -22.09 -1.49 7.36
CA VAL F 76 -22.62 -0.28 6.75
C VAL F 76 -23.66 -0.68 5.72
N VAL F 77 -24.84 -0.06 5.81
CA VAL F 77 -25.89 -0.25 4.82
C VAL F 77 -25.95 0.97 3.90
N ALA F 78 -25.74 0.74 2.61
CA ALA F 78 -25.83 1.81 1.62
C ALA F 78 -27.21 1.78 0.99
N LEU F 79 -27.92 2.90 1.09
CA LEU F 79 -29.27 3.01 0.55
C LEU F 79 -29.36 4.15 -0.44
N GLY F 80 -30.09 3.91 -1.53
CA GLY F 80 -30.23 4.91 -2.58
C GLY F 80 -31.13 4.46 -3.70
N VAL F 81 -31.47 5.41 -4.57
CA VAL F 81 -32.36 5.16 -5.70
C VAL F 81 -31.76 5.79 -6.95
N VAL F 82 -31.35 4.96 -7.89
CA VAL F 82 -30.88 5.43 -9.19
C VAL F 82 -31.86 4.98 -10.27
N ILE F 83 -32.53 5.94 -10.89
CA ILE F 83 -33.51 5.67 -11.93
C ILE F 83 -32.95 6.13 -13.28
N ARG F 84 -33.03 5.25 -14.29
CA ARG F 84 -32.53 5.56 -15.63
C ARG F 84 -33.26 6.73 -16.25
N GLY F 85 -32.50 7.68 -16.78
CA GLY F 85 -33.06 8.84 -17.47
C GLY F 85 -32.96 8.72 -18.98
N GLN F 86 -32.58 9.82 -19.62
CA GLN F 86 -32.50 9.89 -21.09
C GLN F 86 -31.09 9.61 -21.60
N THR F 87 -30.09 9.80 -20.73
CA THR F 87 -28.69 9.66 -21.12
C THR F 87 -28.06 8.39 -20.52
N PRO F 88 -26.89 7.96 -21.05
CA PRO F 88 -26.14 6.84 -20.44
C PRO F 88 -25.60 7.12 -19.04
N HIS F 89 -25.89 8.30 -18.48
CA HIS F 89 -25.41 8.71 -17.16
C HIS F 89 -25.77 7.72 -16.05
N PHE F 90 -26.91 7.05 -16.18
CA PHE F 90 -27.36 6.02 -15.25
C PHE F 90 -26.30 4.93 -15.06
N ASP F 91 -25.79 4.42 -16.17
CA ASP F 91 -24.79 3.34 -16.17
C ASP F 91 -23.54 3.71 -15.36
N TYR F 92 -23.05 4.93 -15.56
CA TYR F 92 -21.80 5.37 -14.94
C TYR F 92 -21.94 5.75 -13.47
N VAL F 93 -23.13 6.20 -13.07
CA VAL F 93 -23.44 6.44 -11.66
C VAL F 93 -23.46 5.11 -10.90
N CYS F 94 -24.13 4.11 -11.47
CA CYS F 94 -24.23 2.78 -10.89
C CYS F 94 -22.87 2.07 -10.87
N ASP F 95 -22.07 2.29 -11.90
CA ASP F 95 -20.70 1.79 -11.97
C ASP F 95 -19.83 2.33 -10.84
N ALA F 96 -19.93 3.63 -10.60
CA ALA F 96 -19.19 4.31 -9.53
C ALA F 96 -19.56 3.78 -8.14
N VAL F 97 -20.85 3.58 -7.91
CA VAL F 97 -21.35 3.06 -6.64
C VAL F 97 -20.87 1.62 -6.43
N THR F 98 -21.03 0.79 -7.45
CA THR F 98 -20.54 -0.59 -7.44
C THR F 98 -19.05 -0.66 -7.11
N GLN F 99 -18.23 0.07 -7.88
CA GLN F 99 -16.78 0.14 -7.65
C GLN F 99 -16.43 0.66 -6.26
N GLY F 100 -17.12 1.73 -5.84
CA GLY F 100 -16.85 2.38 -4.57
C GLY F 100 -17.15 1.53 -3.35
N LEU F 101 -18.35 0.95 -3.32
CA LEU F 101 -18.79 0.12 -2.19
C LEU F 101 -18.00 -1.17 -2.05
N THR F 102 -17.68 -1.78 -3.20
CA THR F 102 -16.87 -3.00 -3.24
C THR F 102 -15.46 -2.72 -2.70
N ARG F 103 -14.87 -1.60 -3.12
CA ARG F 103 -13.56 -1.20 -2.62
C ARG F 103 -13.58 -0.91 -1.12
N VAL F 104 -14.56 -0.12 -0.68
CA VAL F 104 -14.71 0.25 0.73
C VAL F 104 -14.84 -0.98 1.62
N SER F 105 -15.66 -1.94 1.19
CA SER F 105 -15.86 -3.19 1.95
C SER F 105 -14.57 -3.97 2.13
N LEU F 106 -13.76 -4.04 1.07
CA LEU F 106 -12.53 -4.82 1.11
C LEU F 106 -11.36 -4.06 1.77
N ASP F 107 -11.33 -2.74 1.58
CA ASP F 107 -10.35 -1.87 2.26
C ASP F 107 -10.51 -1.92 3.78
N SER F 108 -11.76 -1.90 4.25
CA SER F 108 -12.06 -1.83 5.67
C SER F 108 -12.38 -3.19 6.28
N SER F 109 -12.47 -4.22 5.43
CA SER F 109 -12.86 -5.57 5.85
C SER F 109 -14.21 -5.52 6.60
N THR F 110 -15.13 -4.74 6.05
CA THR F 110 -16.44 -4.50 6.66
C THR F 110 -17.52 -4.74 5.61
N PRO F 111 -18.60 -5.46 5.98
CA PRO F 111 -19.73 -5.58 5.06
C PRO F 111 -20.35 -4.21 4.74
N ILE F 112 -20.35 -3.88 3.46
CA ILE F 112 -21.07 -2.71 2.97
C ILE F 112 -22.23 -3.23 2.12
N ALA F 113 -23.41 -3.30 2.72
CA ALA F 113 -24.60 -3.82 2.06
C ALA F 113 -25.13 -2.85 1.02
N ASN F 114 -25.48 -3.38 -0.15
CA ASN F 114 -25.98 -2.57 -1.24
C ASN F 114 -27.51 -2.58 -1.30
N GLY F 115 -28.10 -1.55 -0.72
CA GLY F 115 -29.53 -1.31 -0.83
C GLY F 115 -29.78 -0.14 -1.76
N VAL F 116 -28.89 0.04 -2.73
CA VAL F 116 -29.03 1.09 -3.73
C VAL F 116 -29.79 0.55 -4.94
N LEU F 117 -31.00 1.05 -5.13
CA LEU F 117 -31.86 0.63 -6.23
C LEU F 117 -31.35 1.17 -7.55
N THR F 118 -31.26 0.29 -8.55
CA THR F 118 -30.84 0.66 -9.89
C THR F 118 -31.91 0.20 -10.88
N THR F 119 -32.85 1.09 -11.16
CA THR F 119 -34.06 0.74 -11.91
C THR F 119 -34.19 1.49 -13.23
N ASN F 120 -34.97 0.91 -14.15
CA ASN F 120 -35.29 1.55 -15.42
C ASN F 120 -36.40 2.58 -15.29
N THR F 121 -37.37 2.30 -14.41
CA THR F 121 -38.51 3.18 -14.18
C THR F 121 -38.71 3.48 -12.69
N GLU F 122 -39.53 4.48 -12.40
CA GLU F 122 -39.86 4.85 -11.02
C GLU F 122 -40.71 3.78 -10.33
N GLU F 123 -41.62 3.16 -11.09
CA GLU F 123 -42.50 2.10 -10.59
C GLU F 123 -41.71 0.91 -10.04
N GLN F 124 -40.63 0.55 -10.73
CA GLN F 124 -39.74 -0.53 -10.29
C GLN F 124 -39.04 -0.22 -8.97
N ALA F 125 -38.67 1.04 -8.80
CA ALA F 125 -38.04 1.52 -7.56
C ALA F 125 -39.03 1.54 -6.39
N LEU F 126 -40.26 1.99 -6.66
CA LEU F 126 -41.32 2.00 -5.66
C LEU F 126 -41.64 0.59 -5.18
N ASP F 127 -41.64 -0.36 -6.12
CA ASP F 127 -41.99 -1.75 -5.84
C ASP F 127 -40.92 -2.50 -5.04
N ARG F 128 -39.77 -1.87 -4.87
CA ARG F 128 -38.64 -2.49 -4.17
C ARG F 128 -38.20 -1.68 -2.94
N ALA F 129 -39.03 -0.72 -2.53
CA ALA F 129 -38.71 0.17 -1.43
C ALA F 129 -39.35 -0.25 -0.10
N GLY F 130 -40.38 -1.09 -0.18
CA GLY F 130 -41.09 -1.57 1.01
C GLY F 130 -42.22 -0.66 1.46
N LEU F 131 -42.86 -0.02 0.49
CA LEU F 131 -44.07 0.75 0.73
C LEU F 131 -45.24 -0.23 0.88
N PRO F 132 -46.38 0.24 1.44
CA PRO F 132 -47.56 -0.58 1.65
C PRO F 132 -47.81 -1.66 0.57
N THR F 133 -47.77 -1.25 -0.70
CA THR F 133 -48.12 -2.13 -1.82
C THR F 133 -46.92 -2.66 -2.60
N SER F 134 -45.71 -2.47 -2.06
CA SER F 134 -44.48 -2.94 -2.70
C SER F 134 -44.34 -4.46 -2.59
N ALA F 135 -43.72 -5.06 -3.60
CA ALA F 135 -43.48 -6.51 -3.63
C ALA F 135 -42.36 -6.91 -2.66
N GLU F 136 -41.34 -6.06 -2.56
CA GLU F 136 -40.21 -6.30 -1.65
C GLU F 136 -39.66 -5.01 -1.02
N ASP F 137 -38.79 -5.18 -0.03
CA ASP F 137 -38.09 -4.07 0.62
C ASP F 137 -36.60 -4.36 0.62
N LYS F 138 -35.88 -3.72 -0.30
CA LYS F 138 -34.44 -3.94 -0.45
C LYS F 138 -33.63 -3.24 0.65
N GLY F 139 -34.23 -2.24 1.28
CA GLY F 139 -33.65 -1.59 2.45
C GLY F 139 -33.59 -2.52 3.63
N ALA F 140 -34.68 -3.28 3.80
CA ALA F 140 -34.77 -4.31 4.82
C ALA F 140 -33.81 -5.47 4.53
N GLN F 141 -33.82 -5.92 3.28
CA GLN F 141 -32.96 -7.00 2.81
C GLN F 141 -31.46 -6.71 3.01
N ALA F 142 -31.04 -5.50 2.65
CA ALA F 142 -29.64 -5.09 2.77
C ALA F 142 -29.17 -5.04 4.22
N THR F 143 -30.06 -4.63 5.13
CA THR F 143 -29.73 -4.56 6.55
C THR F 143 -29.59 -5.95 7.16
N VAL F 144 -30.46 -6.87 6.77
CA VAL F 144 -30.31 -8.28 7.14
C VAL F 144 -28.96 -8.79 6.64
N ALA F 145 -28.65 -8.48 5.38
CA ALA F 145 -27.40 -8.89 4.76
C ALA F 145 -26.17 -8.36 5.49
N ALA F 146 -26.21 -7.08 5.85
CA ALA F 146 -25.11 -6.44 6.57
C ALA F 146 -24.90 -7.03 7.97
N LEU F 147 -25.99 -7.21 8.70
CA LEU F 147 -25.93 -7.72 10.07
C LEU F 147 -25.50 -9.18 10.15
N ALA F 148 -26.03 -10.01 9.26
CA ALA F 148 -25.66 -11.43 9.20
C ALA F 148 -24.18 -11.60 8.87
N THR F 149 -23.69 -10.78 7.95
CA THR F 149 -22.28 -10.84 7.54
C THR F 149 -21.36 -10.34 8.66
N ALA F 150 -21.80 -9.31 9.36
CA ALA F 150 -21.07 -8.79 10.52
C ALA F 150 -20.96 -9.82 11.63
N LEU F 151 -22.05 -10.55 11.88
CA LEU F 151 -22.07 -11.62 12.88
C LEU F 151 -21.24 -12.81 12.45
N THR F 152 -21.28 -13.13 11.15
CA THR F 152 -20.47 -14.18 10.57
C THR F 152 -18.98 -13.89 10.72
N LEU F 153 -18.59 -12.64 10.40
CA LEU F 153 -17.19 -12.21 10.52
C LEU F 153 -16.73 -12.19 11.97
N ARG F 154 -17.65 -11.84 12.87
CA ARG F 154 -17.42 -11.87 14.32
C ARG F 154 -17.06 -13.28 14.80
N GLU F 155 -17.76 -14.28 14.26
CA GLU F 155 -17.51 -15.68 14.57
C GLU F 155 -16.23 -16.20 13.93
N LEU F 156 -15.91 -15.66 12.75
CA LEU F 156 -14.70 -16.06 12.04
C LEU F 156 -13.44 -15.40 12.60
N ARG F 157 -13.61 -14.24 13.25
CA ARG F 157 -12.46 -13.47 13.75
C ARG F 157 -12.05 -13.84 15.18
N ALA F 158 -10.99 -13.21 15.66
CA ALA F 158 -10.36 -13.54 16.95
C ALA F 158 -11.29 -13.41 18.16
N HIS F 159 -11.51 -14.52 18.85
CA HIS F 159 -12.22 -14.55 20.14
C HIS F 159 -11.92 -15.79 20.98
N SER F 160 -11.05 -15.57 21.98
CA SER F 160 -10.47 -16.61 22.82
C SER F 160 -11.39 -17.28 23.83
N ASP G 14 -23.98 26.73 7.17
CA ASP G 14 -23.38 27.22 5.89
C ASP G 14 -22.08 26.48 5.58
N ALA G 15 -21.41 26.89 4.51
CA ALA G 15 -20.22 26.21 4.01
C ALA G 15 -19.05 27.15 3.75
N SER G 16 -18.92 28.20 4.57
CA SER G 16 -17.86 29.19 4.43
C SER G 16 -16.46 28.65 4.73
N GLY G 17 -16.38 27.65 5.61
CA GLY G 17 -15.11 27.08 6.05
C GLY G 17 -14.53 26.02 5.13
N VAL G 18 -15.38 25.43 4.29
CA VAL G 18 -14.92 24.36 3.40
C VAL G 18 -14.06 24.87 2.25
N ARG G 19 -13.01 24.11 1.95
CA ARG G 19 -12.10 24.45 0.86
C ARG G 19 -12.52 23.69 -0.38
N LEU G 20 -12.97 24.43 -1.39
CA LEU G 20 -13.53 23.84 -2.59
C LEU G 20 -12.63 24.04 -3.79
N ALA G 21 -12.41 22.95 -4.52
CA ALA G 21 -11.72 23.00 -5.81
C ALA G 21 -12.68 22.59 -6.92
N ILE G 22 -12.55 23.24 -8.07
CA ILE G 22 -13.33 22.89 -9.24
C ILE G 22 -12.40 22.63 -10.41
N VAL G 23 -12.46 21.41 -10.95
CA VAL G 23 -11.73 21.09 -12.17
C VAL G 23 -12.73 20.86 -13.30
N ALA G 24 -12.57 21.65 -14.36
CA ALA G 24 -13.47 21.59 -15.50
C ALA G 24 -12.70 21.39 -16.80
N SER G 25 -13.09 20.37 -17.57
CA SER G 25 -12.52 20.15 -18.89
C SER G 25 -13.02 21.21 -19.88
N SER G 26 -12.43 21.25 -21.07
CA SER G 26 -12.66 22.34 -22.02
C SER G 26 -13.33 21.90 -23.33
N TRP G 27 -13.31 20.58 -23.58
CA TRP G 27 -13.97 19.98 -24.75
C TRP G 27 -15.46 20.27 -24.75
N HIS G 28 -15.89 21.14 -25.66
CA HIS G 28 -17.27 21.67 -25.74
C HIS G 28 -17.40 22.91 -24.84
N GLY G 29 -16.59 23.92 -25.14
CA GLY G 29 -16.40 25.11 -24.31
C GLY G 29 -17.62 25.80 -23.75
N LYS G 30 -18.62 26.02 -24.59
CA LYS G 30 -19.85 26.71 -24.19
C LYS G 30 -20.57 25.99 -23.05
N ILE G 31 -20.69 24.67 -23.17
CA ILE G 31 -21.37 23.85 -22.17
C ILE G 31 -20.53 23.72 -20.90
N CYS G 32 -19.22 23.61 -21.06
CA CYS G 32 -18.29 23.51 -19.94
C CYS G 32 -18.26 24.79 -19.10
N ASP G 33 -18.33 25.94 -19.76
CA ASP G 33 -18.36 27.25 -19.11
C ASP G 33 -19.67 27.45 -18.33
N ALA G 34 -20.76 26.95 -18.90
CA ALA G 34 -22.08 27.00 -18.25
C ALA G 34 -22.12 26.16 -16.98
N LEU G 35 -21.52 24.97 -17.04
CA LEU G 35 -21.40 24.09 -15.86
C LEU G 35 -20.56 24.76 -14.78
N LEU G 36 -19.46 25.40 -15.19
CA LEU G 36 -18.57 26.10 -14.27
C LEU G 36 -19.26 27.32 -13.66
N ASP G 37 -20.07 28.00 -14.48
CA ASP G 37 -20.87 29.13 -14.02
C ASP G 37 -21.83 28.71 -12.90
N GLY G 38 -22.51 27.59 -13.11
CA GLY G 38 -23.43 27.03 -12.11
C GLY G 38 -22.72 26.61 -10.84
N ALA G 39 -21.52 26.05 -11.00
CA ALA G 39 -20.67 25.65 -9.87
C ALA G 39 -20.24 26.85 -9.03
N ARG G 40 -19.72 27.89 -9.71
CA ARG G 40 -19.25 29.11 -9.05
C ARG G 40 -20.38 29.84 -8.30
N LYS G 41 -21.57 29.83 -8.89
CA LYS G 41 -22.74 30.50 -8.31
C LYS G 41 -23.23 29.82 -7.02
N VAL G 42 -23.24 28.49 -7.02
CA VAL G 42 -23.57 27.71 -5.81
C VAL G 42 -22.51 27.97 -4.72
N ALA G 43 -21.25 27.94 -5.13
CA ALA G 43 -20.13 28.20 -4.21
C ALA G 43 -20.26 29.56 -3.55
N ALA G 44 -20.48 30.60 -4.36
CA ALA G 44 -20.61 31.98 -3.87
C ALA G 44 -21.82 32.17 -2.98
N GLY G 45 -22.91 31.46 -3.29
CA GLY G 45 -24.12 31.48 -2.49
C GLY G 45 -23.95 30.83 -1.12
N CYS G 46 -23.01 29.89 -1.04
CA CYS G 46 -22.70 29.21 0.22
C CYS G 46 -21.55 29.87 1.00
N GLY G 47 -21.15 31.05 0.54
CA GLY G 47 -20.13 31.84 1.24
C GLY G 47 -18.70 31.61 0.75
N LEU G 48 -18.58 31.03 -0.43
CA LEU G 48 -17.26 30.75 -1.02
C LEU G 48 -17.07 31.51 -2.34
N ASP G 49 -16.51 32.71 -2.24
CA ASP G 49 -16.32 33.58 -3.40
C ASP G 49 -15.17 33.15 -4.31
N ASP G 50 -14.14 32.53 -3.72
CA ASP G 50 -12.98 32.11 -4.52
C ASP G 50 -12.58 30.65 -4.30
N PRO G 51 -13.27 29.72 -4.99
CA PRO G 51 -12.82 28.33 -5.03
C PRO G 51 -11.65 28.17 -6.01
N THR G 52 -10.82 27.15 -5.79
CA THR G 52 -9.72 26.85 -6.70
C THR G 52 -10.29 26.27 -7.99
N VAL G 53 -10.14 27.03 -9.09
CA VAL G 53 -10.67 26.60 -10.37
C VAL G 53 -9.53 26.28 -11.34
N VAL G 54 -9.53 25.04 -11.82
CA VAL G 54 -8.51 24.56 -12.74
C VAL G 54 -9.18 24.07 -14.01
N ARG G 55 -8.57 24.39 -15.16
CA ARG G 55 -9.07 23.92 -16.44
C ARG G 55 -8.17 22.83 -17.02
N VAL G 56 -8.80 21.80 -17.57
CA VAL G 56 -8.11 20.76 -18.33
C VAL G 56 -8.72 20.64 -19.71
N LEU G 57 -8.04 19.97 -20.64
CA LEU G 57 -8.52 19.89 -22.03
C LEU G 57 -9.69 18.92 -22.18
N GLY G 58 -9.48 17.66 -21.78
CA GLY G 58 -10.52 16.64 -21.90
C GLY G 58 -10.87 16.02 -20.56
N ALA G 59 -11.92 15.20 -20.56
CA ALA G 59 -12.44 14.56 -19.35
C ALA G 59 -11.47 13.53 -18.77
N ILE G 60 -10.64 12.94 -19.61
CA ILE G 60 -9.64 11.96 -19.18
C ILE G 60 -8.57 12.60 -18.29
N GLU G 61 -8.36 13.90 -18.48
CA GLU G 61 -7.35 14.66 -17.73
C GLU G 61 -7.84 15.09 -16.34
N ILE G 62 -9.14 14.92 -16.08
CA ILE G 62 -9.75 15.35 -14.82
C ILE G 62 -9.22 14.62 -13.57
N PRO G 63 -9.25 13.27 -13.55
CA PRO G 63 -8.89 12.55 -12.33
C PRO G 63 -7.51 12.89 -11.73
N VAL G 64 -6.49 12.99 -12.59
CA VAL G 64 -5.13 13.27 -12.12
C VAL G 64 -4.99 14.70 -11.54
N VAL G 65 -5.77 15.63 -12.07
CA VAL G 65 -5.81 16.99 -11.53
C VAL G 65 -6.68 17.02 -10.27
N ALA G 66 -7.80 16.29 -10.30
CA ALA G 66 -8.66 16.14 -9.12
C ALA G 66 -7.88 15.54 -7.94
N GLN G 67 -6.97 14.63 -8.25
CA GLN G 67 -6.11 13.99 -7.24
C GLN G 67 -5.18 15.00 -6.58
N GLU G 68 -4.62 15.91 -7.39
CA GLU G 68 -3.75 16.96 -6.90
C GLU G 68 -4.53 17.95 -6.04
N LEU G 69 -5.72 18.32 -6.51
CA LEU G 69 -6.59 19.27 -5.81
C LEU G 69 -7.10 18.71 -4.48
N ALA G 70 -7.33 17.40 -4.45
CA ALA G 70 -7.84 16.72 -3.26
C ALA G 70 -6.87 16.76 -2.08
N ARG G 71 -5.59 17.00 -2.36
CA ARG G 71 -4.56 17.07 -1.31
C ARG G 71 -4.70 18.31 -0.42
N ASN G 72 -5.42 19.30 -0.92
CA ASN G 72 -5.45 20.64 -0.34
C ASN G 72 -6.87 21.22 -0.22
N HIS G 73 -7.87 20.41 -0.54
CA HIS G 73 -9.27 20.85 -0.52
C HIS G 73 -10.19 19.82 0.12
N ASP G 74 -11.27 20.31 0.74
CA ASP G 74 -12.25 19.46 1.41
C ASP G 74 -13.22 18.81 0.43
N ALA G 75 -13.33 19.41 -0.76
CA ALA G 75 -14.22 18.94 -1.81
C ALA G 75 -13.69 19.33 -3.18
N VAL G 76 -13.88 18.46 -4.15
CA VAL G 76 -13.51 18.74 -5.53
C VAL G 76 -14.72 18.48 -6.42
N VAL G 77 -15.02 19.45 -7.29
CA VAL G 77 -16.09 19.31 -8.27
C VAL G 77 -15.47 19.05 -9.64
N ALA G 78 -15.82 17.91 -10.23
CA ALA G 78 -15.36 17.56 -11.57
C ALA G 78 -16.42 17.95 -12.59
N LEU G 79 -16.07 18.82 -13.52
CA LEU G 79 -17.00 19.26 -14.54
C LEU G 79 -16.48 18.96 -15.93
N GLY G 80 -17.37 18.54 -16.81
CA GLY G 80 -17.01 18.19 -18.17
C GLY G 80 -18.18 17.77 -19.02
N VAL G 81 -17.95 17.64 -20.32
CA VAL G 81 -18.97 17.26 -21.27
C VAL G 81 -18.43 16.19 -22.20
N VAL G 82 -18.99 15.00 -22.11
CA VAL G 82 -18.66 13.91 -23.02
C VAL G 82 -19.89 13.59 -23.87
N ILE G 83 -19.78 13.86 -25.16
CA ILE G 83 -20.88 13.58 -26.09
C ILE G 83 -20.51 12.41 -27.01
N ARG G 84 -21.41 11.45 -27.13
CA ARG G 84 -21.19 10.26 -27.95
C ARG G 84 -20.99 10.61 -29.42
N GLY G 85 -19.95 10.04 -30.01
CA GLY G 85 -19.65 10.25 -31.41
C GLY G 85 -20.05 9.06 -32.27
N GLN G 86 -19.16 8.69 -33.20
CA GLN G 86 -19.41 7.60 -34.14
C GLN G 86 -18.81 6.28 -33.65
N THR G 87 -17.83 6.36 -32.76
CA THR G 87 -17.09 5.20 -32.29
C THR G 87 -17.46 4.84 -30.84
N PRO G 88 -17.11 3.62 -30.39
CA PRO G 88 -17.27 3.22 -28.98
C PRO G 88 -16.40 4.01 -28.00
N HIS G 89 -15.62 4.97 -28.50
CA HIS G 89 -14.69 5.76 -27.67
C HIS G 89 -15.37 6.49 -26.52
N PHE G 90 -16.62 6.89 -26.72
CA PHE G 90 -17.44 7.52 -25.68
C PHE G 90 -17.49 6.68 -24.41
N ASP G 91 -17.78 5.39 -24.56
CA ASP G 91 -17.91 4.48 -23.42
C ASP G 91 -16.63 4.41 -22.57
N TYR G 92 -15.48 4.32 -23.25
CA TYR G 92 -14.21 4.14 -22.58
C TYR G 92 -13.67 5.42 -21.93
N VAL G 93 -14.02 6.58 -22.49
CA VAL G 93 -13.72 7.87 -21.87
C VAL G 93 -14.49 8.03 -20.56
N CYS G 94 -15.79 7.71 -20.61
CA CYS G 94 -16.66 7.78 -19.44
C CYS G 94 -16.28 6.74 -18.38
N ASP G 95 -15.84 5.57 -18.84
CA ASP G 95 -15.33 4.52 -17.95
C ASP G 95 -14.10 5.00 -17.17
N ALA G 96 -13.18 5.65 -17.87
CA ALA G 96 -11.95 6.17 -17.27
C ALA G 96 -12.24 7.24 -16.22
N VAL G 97 -13.16 8.14 -16.55
CA VAL G 97 -13.58 9.22 -15.64
C VAL G 97 -14.23 8.63 -14.39
N THR G 98 -15.18 7.73 -14.59
CA THR G 98 -15.86 7.03 -13.49
C THR G 98 -14.85 6.34 -12.57
N GLN G 99 -13.98 5.51 -13.14
CA GLN G 99 -12.94 4.79 -12.42
C GLN G 99 -11.98 5.73 -11.68
N GLY G 100 -11.57 6.78 -12.38
CA GLY G 100 -10.61 7.75 -11.84
C GLY G 100 -11.13 8.54 -10.66
N LEU G 101 -12.31 9.12 -10.82
CA LEU G 101 -12.92 9.97 -9.79
C LEU G 101 -13.30 9.19 -8.54
N THR G 102 -13.82 7.98 -8.75
CA THR G 102 -14.16 7.07 -7.66
C THR G 102 -12.91 6.70 -6.85
N ARG G 103 -11.82 6.39 -7.55
CA ARG G 103 -10.56 6.07 -6.89
C ARG G 103 -10.01 7.27 -6.12
N VAL G 104 -9.98 8.43 -6.77
CA VAL G 104 -9.45 9.65 -6.16
C VAL G 104 -10.22 10.00 -4.88
N SER G 105 -11.55 9.90 -4.93
CA SER G 105 -12.39 10.17 -3.77
C SER G 105 -12.06 9.27 -2.58
N LEU G 106 -11.84 7.99 -2.85
CA LEU G 106 -11.57 7.01 -1.79
C LEU G 106 -10.12 7.03 -1.32
N ASP G 107 -9.19 7.31 -2.24
CA ASP G 107 -7.77 7.47 -1.91
C ASP G 107 -7.55 8.63 -0.96
N SER G 108 -8.22 9.74 -1.24
CA SER G 108 -8.01 10.98 -0.51
C SER G 108 -9.06 11.21 0.58
N SER G 109 -10.07 10.33 0.63
CA SER G 109 -11.21 10.47 1.54
C SER G 109 -11.85 11.84 1.41
N THR G 110 -12.03 12.25 0.16
CA THR G 110 -12.55 13.56 -0.20
C THR G 110 -13.69 13.39 -1.20
N PRO G 111 -14.80 14.11 -1.00
CA PRO G 111 -15.87 14.11 -2.00
C PRO G 111 -15.36 14.65 -3.35
N ILE G 112 -15.43 13.82 -4.38
CA ILE G 112 -15.18 14.26 -5.74
C ILE G 112 -16.50 14.19 -6.50
N ALA G 113 -17.18 15.34 -6.59
CA ALA G 113 -18.49 15.40 -7.22
C ALA G 113 -18.39 15.28 -8.73
N ASN G 114 -19.28 14.48 -9.31
CA ASN G 114 -19.30 14.22 -10.74
C ASN G 114 -20.31 15.11 -11.45
N GLY G 115 -19.82 16.23 -11.99
CA GLY G 115 -20.62 17.09 -12.85
C GLY G 115 -20.16 16.94 -14.30
N VAL G 116 -19.69 15.74 -14.63
CA VAL G 116 -19.25 15.42 -15.98
C VAL G 116 -20.43 14.84 -16.75
N LEU G 117 -20.90 15.59 -17.73
CA LEU G 117 -22.03 15.19 -18.56
C LEU G 117 -21.63 14.08 -19.52
N THR G 118 -22.45 13.03 -19.56
CA THR G 118 -22.24 11.89 -20.44
C THR G 118 -23.50 11.70 -21.28
N THR G 119 -23.53 12.33 -22.44
CA THR G 119 -24.76 12.44 -23.25
C THR G 119 -24.64 11.77 -24.63
N ASN G 120 -25.79 11.40 -25.19
CA ASN G 120 -25.85 10.87 -26.56
C ASN G 120 -25.79 11.97 -27.62
N THR G 121 -26.41 13.10 -27.32
CA THR G 121 -26.45 14.25 -28.23
C THR G 121 -26.02 15.55 -27.56
N GLU G 122 -25.76 16.58 -28.36
CA GLU G 122 -25.38 17.89 -27.86
C GLU G 122 -26.52 18.59 -27.13
N GLU G 123 -27.75 18.41 -27.65
CA GLU G 123 -28.92 19.03 -27.02
C GLU G 123 -29.17 18.54 -25.59
N GLN G 124 -28.90 17.27 -25.34
CA GLN G 124 -29.00 16.69 -23.99
C GLN G 124 -27.99 17.33 -23.02
N ALA G 125 -26.79 17.63 -23.54
CA ALA G 125 -25.75 18.28 -22.76
C ALA G 125 -26.08 19.74 -22.46
N LEU G 126 -26.62 20.44 -23.45
CA LEU G 126 -27.05 21.83 -23.30
C LEU G 126 -28.18 21.94 -22.27
N ASP G 127 -29.09 20.98 -22.28
CA ASP G 127 -30.25 20.95 -21.38
C ASP G 127 -29.89 20.65 -19.93
N ARG G 128 -28.65 20.23 -19.69
CA ARG G 128 -28.20 19.89 -18.34
C ARG G 128 -27.02 20.76 -17.86
N ALA G 129 -26.77 21.85 -18.57
CA ALA G 129 -25.64 22.74 -18.25
C ALA G 129 -26.04 23.97 -17.45
N GLY G 130 -27.33 24.30 -17.45
CA GLY G 130 -27.85 25.45 -16.72
C GLY G 130 -27.82 26.74 -17.50
N LEU G 131 -28.01 26.63 -18.82
CA LEU G 131 -28.20 27.78 -19.68
C LEU G 131 -29.62 28.33 -19.49
N PRO G 132 -29.89 29.58 -19.92
CA PRO G 132 -31.21 30.19 -19.82
C PRO G 132 -32.40 29.22 -19.96
N THR G 133 -32.37 28.38 -21.01
CA THR G 133 -33.50 27.52 -21.35
C THR G 133 -33.31 26.05 -20.97
N SER G 134 -32.26 25.77 -20.19
CA SER G 134 -31.96 24.40 -19.76
C SER G 134 -32.92 23.92 -18.67
N ALA G 135 -33.21 22.63 -18.67
CA ALA G 135 -34.09 22.02 -17.68
C ALA G 135 -33.42 21.92 -16.31
N GLU G 136 -32.12 21.61 -16.31
CA GLU G 136 -31.35 21.55 -15.07
C GLU G 136 -29.90 22.04 -15.22
N ASP G 137 -29.21 22.16 -14.08
CA ASP G 137 -27.81 22.57 -14.05
C ASP G 137 -27.04 21.56 -13.21
N LYS G 138 -26.34 20.67 -13.88
CA LYS G 138 -25.58 19.60 -13.23
C LYS G 138 -24.30 20.11 -12.57
N GLY G 139 -23.83 21.26 -13.05
CA GLY G 139 -22.68 21.94 -12.44
C GLY G 139 -23.04 22.48 -11.08
N ALA G 140 -24.25 23.03 -10.97
CA ALA G 140 -24.79 23.51 -9.71
C ALA G 140 -25.07 22.35 -8.75
N GLN G 141 -25.70 21.30 -9.27
CA GLN G 141 -26.04 20.11 -8.49
C GLN G 141 -24.81 19.43 -7.89
N ALA G 142 -23.76 19.30 -8.69
CA ALA G 142 -22.51 18.67 -8.27
C ALA G 142 -21.81 19.44 -7.15
N THR G 143 -21.88 20.77 -7.21
CA THR G 143 -21.27 21.62 -6.20
C THR G 143 -22.03 21.54 -4.87
N VAL G 144 -23.35 21.50 -4.94
CA VAL G 144 -24.19 21.24 -3.76
C VAL G 144 -23.79 19.90 -3.16
N ALA G 145 -23.68 18.88 -4.02
CA ALA G 145 -23.30 17.53 -3.60
C ALA G 145 -21.94 17.48 -2.91
N ALA G 146 -20.96 18.17 -3.49
CA ALA G 146 -19.61 18.23 -2.93
C ALA G 146 -19.56 18.94 -1.58
N LEU G 147 -20.23 20.09 -1.49
CA LEU G 147 -20.23 20.90 -0.27
C LEU G 147 -20.96 20.22 0.88
N ALA G 148 -22.12 19.64 0.59
CA ALA G 148 -22.92 18.93 1.59
C ALA G 148 -22.16 17.74 2.16
N THR G 149 -21.47 17.01 1.29
CA THR G 149 -20.71 15.83 1.70
C THR G 149 -19.46 16.23 2.51
N ALA G 150 -18.83 17.33 2.12
CA ALA G 150 -17.70 17.88 2.87
C ALA G 150 -18.11 18.32 4.27
N LEU G 151 -19.29 18.94 4.39
CA LEU G 151 -19.83 19.36 5.69
C LEU G 151 -20.24 18.16 6.53
N THR G 152 -20.81 17.15 5.88
CA THR G 152 -21.19 15.89 6.51
C THR G 152 -19.98 15.19 7.10
N LEU G 153 -18.90 15.10 6.31
CA LEU G 153 -17.67 14.47 6.76
C LEU G 153 -16.97 15.26 7.85
N ARG G 154 -17.12 16.59 7.82
CA ARG G 154 -16.60 17.46 8.88
C ARG G 154 -17.28 17.18 10.22
N GLU G 155 -18.58 16.90 10.17
CA GLU G 155 -19.36 16.58 11.36
C GLU G 155 -19.07 15.15 11.84
N LEU G 156 -18.75 14.26 10.91
CA LEU G 156 -18.42 12.88 11.23
C LEU G 156 -16.99 12.71 11.75
N ARG G 157 -16.11 13.63 11.36
CA ARG G 157 -14.68 13.53 11.73
C ARG G 157 -14.34 14.22 13.05
N ALA G 158 -13.07 14.12 13.44
CA ALA G 158 -12.59 14.57 14.75
C ALA G 158 -12.81 16.05 15.03
N HIS G 159 -13.57 16.35 16.09
CA HIS G 159 -13.77 17.72 16.59
C HIS G 159 -14.23 17.76 18.05
N SER G 160 -13.27 18.03 18.93
CA SER G 160 -13.43 17.98 20.38
C SER G 160 -14.30 19.07 21.02
N LEU H 13 2.40 28.36 -20.57
CA LEU H 13 2.02 27.82 -21.91
C LEU H 13 3.23 27.51 -22.79
N ASP H 14 4.42 27.79 -22.28
CA ASP H 14 5.66 27.34 -22.90
C ASP H 14 6.01 25.98 -22.30
N ALA H 15 6.04 24.96 -23.16
CA ALA H 15 6.18 23.59 -22.67
C ALA H 15 7.58 23.01 -22.84
N SER H 16 8.60 23.88 -22.90
CA SER H 16 9.98 23.46 -23.14
C SER H 16 10.58 22.64 -21.99
N GLY H 17 10.14 22.92 -20.77
CA GLY H 17 10.68 22.27 -19.57
C GLY H 17 10.08 20.92 -19.23
N VAL H 18 8.90 20.63 -19.78
CA VAL H 18 8.21 19.38 -19.49
C VAL H 18 8.87 18.17 -20.17
N ARG H 19 8.98 17.08 -19.43
CA ARG H 19 9.54 15.83 -19.94
C ARG H 19 8.41 14.95 -20.45
N LEU H 20 8.42 14.71 -21.76
CA LEU H 20 7.33 14.01 -22.41
C LEU H 20 7.78 12.64 -22.92
N ALA H 21 6.96 11.64 -22.63
CA ALA H 21 7.14 10.30 -23.18
C ALA H 21 5.96 9.95 -24.06
N ILE H 22 6.23 9.24 -25.14
CA ILE H 22 5.19 8.76 -26.04
C ILE H 22 5.34 7.25 -26.21
N VAL H 23 4.31 6.52 -25.81
CA VAL H 23 4.26 5.08 -26.07
C VAL H 23 3.18 4.80 -27.11
N ALA H 24 3.59 4.18 -28.22
CA ALA H 24 2.69 3.88 -29.33
C ALA H 24 2.75 2.39 -29.68
N SER H 25 1.59 1.75 -29.69
CA SER H 25 1.49 0.36 -30.16
C SER H 25 1.66 0.29 -31.68
N SER H 26 1.79 -0.92 -32.22
CA SER H 26 2.18 -1.11 -33.62
C SER H 26 1.13 -1.80 -34.48
N TRP H 27 0.15 -2.42 -33.82
CA TRP H 27 -0.99 -3.06 -34.49
C TRP H 27 -1.77 -2.05 -35.33
N HIS H 28 -1.64 -2.18 -36.66
CA HIS H 28 -2.18 -1.23 -37.65
C HIS H 28 -1.18 -0.10 -37.88
N GLY H 29 0.00 -0.48 -38.36
CA GLY H 29 1.18 0.38 -38.47
C GLY H 29 0.99 1.76 -39.08
N LYS H 30 0.29 1.83 -40.22
CA LYS H 30 0.07 3.08 -40.92
C LYS H 30 -0.65 4.11 -40.05
N ILE H 31 -1.71 3.69 -39.37
CA ILE H 31 -2.49 4.58 -38.50
C ILE H 31 -1.72 4.95 -37.24
N CYS H 32 -0.97 3.98 -36.70
CA CYS H 32 -0.16 4.20 -35.50
C CYS H 32 0.97 5.20 -35.74
N ASP H 33 1.60 5.12 -36.92
CA ASP H 33 2.66 6.05 -37.29
C ASP H 33 2.12 7.46 -37.53
N ALA H 34 0.91 7.55 -38.07
CA ALA H 34 0.22 8.83 -38.28
C ALA H 34 -0.10 9.52 -36.94
N LEU H 35 -0.57 8.74 -35.98
CA LEU H 35 -0.83 9.24 -34.62
C LEU H 35 0.45 9.72 -33.95
N LEU H 36 1.53 8.96 -34.14
CA LEU H 36 2.84 9.31 -33.60
C LEU H 36 3.39 10.57 -34.27
N ASP H 37 3.16 10.69 -35.57
CA ASP H 37 3.55 11.86 -36.34
C ASP H 37 2.88 13.13 -35.78
N GLY H 38 1.58 13.03 -35.51
CA GLY H 38 0.82 14.14 -34.92
C GLY H 38 1.30 14.49 -33.53
N ALA H 39 1.65 13.46 -32.75
CA ALA H 39 2.20 13.64 -31.41
C ALA H 39 3.54 14.37 -31.42
N ARG H 40 4.45 13.90 -32.28
CA ARG H 40 5.79 14.48 -32.42
C ARG H 40 5.74 15.94 -32.88
N LYS H 41 4.81 16.24 -33.78
CA LYS H 41 4.65 17.60 -34.33
C LYS H 41 4.17 18.60 -33.29
N VAL H 42 3.20 18.20 -32.48
CA VAL H 42 2.72 19.02 -31.36
C VAL H 42 3.85 19.24 -30.35
N ALA H 43 4.58 18.17 -30.03
CA ALA H 43 5.70 18.24 -29.10
C ALA H 43 6.77 19.23 -29.57
N ALA H 44 7.16 19.10 -30.85
CA ALA H 44 8.17 19.98 -31.45
C ALA H 44 7.73 21.43 -31.53
N GLY H 45 6.42 21.64 -31.77
CA GLY H 45 5.83 22.97 -31.80
C GLY H 45 5.82 23.64 -30.44
N CYS H 46 5.78 22.83 -29.39
CA CYS H 46 5.80 23.33 -28.01
C CYS H 46 7.22 23.42 -27.43
N GLY H 47 8.22 23.22 -28.27
CA GLY H 47 9.62 23.36 -27.86
C GLY H 47 10.28 22.06 -27.39
N LEU H 48 9.67 20.93 -27.75
CA LEU H 48 10.19 19.61 -27.37
C LEU H 48 10.54 18.79 -28.61
N ASP H 49 11.79 18.89 -29.04
CA ASP H 49 12.26 18.21 -30.25
C ASP H 49 12.49 16.73 -30.05
N ASP H 50 12.86 16.32 -28.83
CA ASP H 50 13.10 14.91 -28.57
C ASP H 50 12.40 14.34 -27.34
N PRO H 51 11.12 13.96 -27.51
CA PRO H 51 10.44 13.22 -26.45
C PRO H 51 10.85 11.76 -26.48
N THR H 52 10.72 11.09 -25.34
CA THR H 52 11.00 9.66 -25.26
C THR H 52 9.91 8.88 -26.00
N VAL H 53 10.29 8.24 -27.10
CA VAL H 53 9.34 7.48 -27.90
C VAL H 53 9.62 5.99 -27.80
N VAL H 54 8.62 5.24 -27.34
CA VAL H 54 8.74 3.81 -27.19
C VAL H 54 7.64 3.13 -28.00
N ARG H 55 8.00 2.04 -28.68
CA ARG H 55 7.00 1.27 -29.42
C ARG H 55 6.70 -0.06 -28.73
N VAL H 56 5.42 -0.41 -28.70
CA VAL H 56 4.97 -1.73 -28.24
C VAL H 56 4.14 -2.39 -29.34
N LEU H 57 3.87 -3.68 -29.20
CA LEU H 57 3.17 -4.43 -30.25
C LEU H 57 1.67 -4.13 -30.27
N GLY H 58 0.99 -4.38 -29.15
CA GLY H 58 -0.44 -4.14 -29.04
C GLY H 58 -0.80 -3.16 -27.95
N ALA H 59 -2.07 -2.78 -27.91
CA ALA H 59 -2.58 -1.80 -26.94
C ALA H 59 -2.53 -2.29 -25.50
N ILE H 60 -2.60 -3.61 -25.30
CA ILE H 60 -2.54 -4.23 -23.98
C ILE H 60 -1.16 -4.00 -23.33
N GLU H 61 -0.14 -3.85 -24.17
CA GLU H 61 1.24 -3.66 -23.74
C GLU H 61 1.55 -2.23 -23.32
N ILE H 62 0.63 -1.31 -23.60
CA ILE H 62 0.85 0.12 -23.33
C ILE H 62 0.97 0.46 -21.83
N PRO H 63 -0.01 0.07 -20.99
CA PRO H 63 0.00 0.51 -19.59
C PRO H 63 1.29 0.21 -18.82
N VAL H 64 1.83 -1.01 -18.97
CA VAL H 64 3.05 -1.42 -18.26
C VAL H 64 4.28 -0.60 -18.69
N VAL H 65 4.30 -0.20 -19.97
CA VAL H 65 5.36 0.65 -20.49
C VAL H 65 5.14 2.10 -20.08
N ALA H 66 3.88 2.53 -20.15
CA ALA H 66 3.47 3.85 -19.66
C ALA H 66 3.85 4.03 -18.19
N GLN H 67 3.71 2.97 -17.41
CA GLN H 67 4.06 2.95 -15.99
C GLN H 67 5.55 3.21 -15.79
N GLU H 68 6.38 2.57 -16.63
CA GLU H 68 7.83 2.74 -16.57
C GLU H 68 8.24 4.15 -16.99
N LEU H 69 7.62 4.64 -18.06
CA LEU H 69 7.89 6.00 -18.57
C LEU H 69 7.46 7.08 -17.59
N ALA H 70 6.36 6.82 -16.87
CA ALA H 70 5.82 7.76 -15.89
C ALA H 70 6.76 8.04 -14.71
N ARG H 71 7.73 7.16 -14.48
CA ARG H 71 8.69 7.33 -13.39
C ARG H 71 9.72 8.42 -13.65
N ASN H 72 9.84 8.84 -14.91
CA ASN H 72 10.91 9.71 -15.37
C ASN H 72 10.43 10.82 -16.30
N HIS H 73 9.11 10.97 -16.43
CA HIS H 73 8.51 11.95 -17.34
C HIS H 73 7.33 12.66 -16.68
N ASP H 74 7.08 13.91 -17.08
CA ASP H 74 5.99 14.71 -16.54
C ASP H 74 4.66 14.39 -17.20
N ALA H 75 4.74 13.79 -18.37
CA ALA H 75 3.57 13.43 -19.16
C ALA H 75 3.87 12.24 -20.07
N VAL H 76 2.89 11.36 -20.21
CA VAL H 76 3.01 10.23 -21.13
C VAL H 76 1.81 10.24 -22.09
N VAL H 77 2.10 10.09 -23.37
CA VAL H 77 1.05 10.00 -24.38
C VAL H 77 0.95 8.55 -24.83
N ALA H 78 -0.23 7.96 -24.66
CA ALA H 78 -0.48 6.59 -25.11
C ALA H 78 -1.16 6.63 -26.47
N LEU H 79 -0.53 6.00 -27.46
CA LEU H 79 -1.06 5.98 -28.82
C LEU H 79 -1.27 4.55 -29.28
N GLY H 80 -2.37 4.33 -29.99
CA GLY H 80 -2.71 3.01 -30.49
C GLY H 80 -3.98 2.98 -31.29
N VAL H 81 -4.22 1.84 -31.94
CA VAL H 81 -5.42 1.67 -32.75
C VAL H 81 -6.03 0.31 -32.46
N VAL H 82 -7.23 0.33 -31.89
CA VAL H 82 -7.99 -0.89 -31.68
C VAL H 82 -9.25 -0.85 -32.55
N ILE H 83 -9.30 -1.75 -33.52
CA ILE H 83 -10.45 -1.86 -34.43
C ILE H 83 -11.24 -3.11 -34.11
N ARG H 84 -12.56 -2.96 -33.99
CA ARG H 84 -13.46 -4.07 -33.68
C ARG H 84 -13.41 -5.15 -34.76
N GLY H 85 -13.27 -6.40 -34.32
CA GLY H 85 -13.27 -7.54 -35.22
C GLY H 85 -14.58 -8.31 -35.20
N GLN H 86 -14.48 -9.63 -35.18
CA GLN H 86 -15.64 -10.51 -35.22
C GLN H 86 -16.09 -10.95 -33.82
N THR H 87 -15.16 -10.89 -32.87
CA THR H 87 -15.42 -11.36 -31.50
C THR H 87 -15.55 -10.19 -30.52
N PRO H 88 -16.08 -10.47 -29.29
CA PRO H 88 -16.14 -9.45 -28.24
C PRO H 88 -14.77 -9.02 -27.70
N HIS H 89 -13.69 -9.56 -28.27
CA HIS H 89 -12.32 -9.28 -27.84
C HIS H 89 -11.98 -7.79 -27.83
N PHE H 90 -12.57 -7.04 -28.76
CA PHE H 90 -12.41 -5.59 -28.85
C PHE H 90 -12.72 -4.91 -27.52
N ASP H 91 -13.88 -5.25 -26.95
CA ASP H 91 -14.34 -4.64 -25.71
C ASP H 91 -13.36 -4.82 -24.55
N TYR H 92 -12.82 -6.04 -24.43
CA TYR H 92 -11.93 -6.38 -23.32
C TYR H 92 -10.53 -5.81 -23.46
N VAL H 93 -10.07 -5.64 -24.70
CA VAL H 93 -8.78 -4.98 -24.95
C VAL H 93 -8.87 -3.50 -24.57
N CYS H 94 -9.96 -2.85 -24.98
CA CYS H 94 -10.19 -1.44 -24.65
C CYS H 94 -10.45 -1.25 -23.15
N ASP H 95 -11.11 -2.22 -22.52
CA ASP H 95 -11.30 -2.24 -21.07
C ASP H 95 -9.98 -2.25 -20.33
N ALA H 96 -9.07 -3.12 -20.75
CA ALA H 96 -7.75 -3.25 -20.15
C ALA H 96 -6.92 -1.97 -20.27
N VAL H 97 -6.97 -1.35 -21.45
CA VAL H 97 -6.25 -0.10 -21.71
C VAL H 97 -6.80 1.01 -20.83
N THR H 98 -8.13 1.16 -20.83
CA THR H 98 -8.81 2.14 -19.98
C THR H 98 -8.41 1.97 -18.52
N GLN H 99 -8.58 0.76 -17.98
CA GLN H 99 -8.21 0.43 -16.61
C GLN H 99 -6.74 0.71 -16.30
N GLY H 100 -5.87 0.27 -17.21
CA GLY H 100 -4.43 0.37 -17.05
C GLY H 100 -3.92 1.80 -17.02
N LEU H 101 -4.33 2.59 -18.01
CA LEU H 101 -3.88 3.97 -18.14
C LEU H 101 -4.41 4.87 -17.02
N THR H 102 -5.66 4.65 -16.62
CA THR H 102 -6.26 5.38 -15.50
C THR H 102 -5.51 5.08 -14.20
N ARG H 103 -5.19 3.80 -13.98
CA ARG H 103 -4.42 3.41 -12.80
C ARG H 103 -3.02 4.02 -12.80
N VAL H 104 -2.32 3.89 -13.93
CA VAL H 104 -0.95 4.42 -14.08
C VAL H 104 -0.91 5.92 -13.80
N SER H 105 -1.87 6.65 -14.35
CA SER H 105 -1.95 8.10 -14.15
C SER H 105 -2.08 8.48 -12.67
N LEU H 106 -2.93 7.75 -11.96
CA LEU H 106 -3.19 8.05 -10.56
C LEU H 106 -2.12 7.50 -9.60
N ASP H 107 -1.54 6.35 -9.96
CA ASP H 107 -0.41 5.78 -9.23
C ASP H 107 0.80 6.71 -9.24
N SER H 108 1.09 7.27 -10.41
CA SER H 108 2.28 8.06 -10.62
C SER H 108 2.02 9.57 -10.50
N SER H 109 0.74 9.94 -10.40
CA SER H 109 0.30 11.33 -10.38
C SER H 109 0.82 12.07 -11.62
N THR H 110 0.69 11.41 -12.77
CA THR H 110 1.21 11.88 -14.04
C THR H 110 0.11 11.77 -15.08
N PRO H 111 -0.06 12.83 -15.90
CA PRO H 111 -1.00 12.75 -17.01
C PRO H 111 -0.61 11.64 -18.00
N ILE H 112 -1.51 10.68 -18.17
CA ILE H 112 -1.35 9.67 -19.21
C ILE H 112 -2.45 9.91 -20.24
N ALA H 113 -2.10 10.63 -21.30
CA ALA H 113 -3.07 10.98 -22.34
C ALA H 113 -3.45 9.78 -23.19
N ASN H 114 -4.73 9.64 -23.45
CA ASN H 114 -5.25 8.52 -24.24
C ASN H 114 -5.46 8.92 -25.69
N GLY H 115 -4.48 8.58 -26.52
CA GLY H 115 -4.59 8.71 -27.98
C GLY H 115 -4.75 7.34 -28.60
N VAL H 116 -5.38 6.43 -27.86
CA VAL H 116 -5.65 5.08 -28.34
C VAL H 116 -7.02 5.06 -28.99
N LEU H 117 -7.02 4.86 -30.31
CA LEU H 117 -8.25 4.82 -31.09
C LEU H 117 -9.01 3.52 -30.82
N THR H 118 -10.31 3.67 -30.57
CA THR H 118 -11.19 2.52 -30.33
C THR H 118 -12.37 2.63 -31.30
N THR H 119 -12.21 2.01 -32.46
CA THR H 119 -13.14 2.21 -33.58
C THR H 119 -13.85 0.92 -34.00
N ASN H 120 -15.00 1.08 -34.66
CA ASN H 120 -15.74 -0.04 -35.22
C ASN H 120 -15.18 -0.49 -36.58
N THR H 121 -14.70 0.47 -37.36
CA THR H 121 -14.14 0.21 -38.69
C THR H 121 -12.76 0.84 -38.86
N GLU H 122 -12.06 0.42 -39.91
CA GLU H 122 -10.74 0.96 -40.24
C GLU H 122 -10.82 2.42 -40.71
N GLU H 123 -11.88 2.73 -41.47
CA GLU H 123 -12.07 4.10 -41.98
C GLU H 123 -12.24 5.13 -40.86
N GLN H 124 -12.91 4.74 -39.77
CA GLN H 124 -13.06 5.61 -38.60
C GLN H 124 -11.71 5.90 -37.92
N ALA H 125 -10.83 4.89 -37.91
CA ALA H 125 -9.49 5.02 -37.35
C ALA H 125 -8.59 5.90 -38.23
N LEU H 126 -8.69 5.73 -39.54
CA LEU H 126 -7.96 6.55 -40.50
C LEU H 126 -8.36 8.02 -40.39
N ASP H 127 -9.66 8.26 -40.19
CA ASP H 127 -10.23 9.60 -40.11
C ASP H 127 -9.85 10.35 -38.83
N ARG H 128 -9.26 9.64 -37.88
CA ARG H 128 -8.89 10.21 -36.58
C ARG H 128 -7.38 10.14 -36.32
N ALA H 129 -6.61 9.83 -37.35
CA ALA H 129 -5.16 9.64 -37.22
C ALA H 129 -4.35 10.88 -37.62
N GLY H 130 -4.98 11.76 -38.39
CA GLY H 130 -4.33 12.98 -38.86
C GLY H 130 -3.57 12.81 -40.17
N LEU H 131 -4.09 11.93 -41.03
CA LEU H 131 -3.59 11.78 -42.39
C LEU H 131 -4.09 12.96 -43.23
N PRO H 132 -3.47 13.19 -44.41
CA PRO H 132 -3.89 14.28 -45.30
C PRO H 132 -5.39 14.59 -45.31
N THR H 133 -6.22 13.56 -45.47
CA THR H 133 -7.67 13.73 -45.64
C THR H 133 -8.49 13.39 -44.39
N SER H 134 -7.82 13.23 -43.25
CA SER H 134 -8.49 12.92 -41.99
C SER H 134 -9.20 14.15 -41.41
N ALA H 135 -10.32 13.92 -40.73
CA ALA H 135 -11.09 14.98 -40.10
C ALA H 135 -10.40 15.52 -38.84
N GLU H 136 -9.75 14.64 -38.09
CA GLU H 136 -9.06 14.97 -36.84
C GLU H 136 -7.74 14.22 -36.69
N ASP H 137 -6.92 14.67 -35.73
CA ASP H 137 -5.71 13.97 -35.34
C ASP H 137 -5.72 13.79 -33.82
N LYS H 138 -6.08 12.59 -33.38
CA LYS H 138 -6.17 12.27 -31.96
C LYS H 138 -4.80 12.15 -31.30
N GLY H 139 -3.78 11.86 -32.11
CA GLY H 139 -2.40 11.82 -31.64
C GLY H 139 -1.92 13.20 -31.24
N ALA H 140 -2.28 14.19 -32.06
CA ALA H 140 -2.00 15.58 -31.78
C ALA H 140 -2.79 16.09 -30.57
N GLN H 141 -4.08 15.76 -30.53
CA GLN H 141 -4.96 16.17 -29.43
C GLN H 141 -4.50 15.62 -28.07
N ALA H 142 -4.09 14.36 -28.06
CA ALA H 142 -3.63 13.70 -26.82
C ALA H 142 -2.34 14.32 -26.28
N THR H 143 -1.45 14.74 -27.18
CA THR H 143 -0.21 15.39 -26.79
C THR H 143 -0.44 16.80 -26.23
N VAL H 144 -1.36 17.54 -26.83
CA VAL H 144 -1.81 18.82 -26.27
C VAL H 144 -2.36 18.58 -24.86
N ALA H 145 -3.22 17.57 -24.73
CA ALA H 145 -3.85 17.20 -23.46
C ALA H 145 -2.81 16.87 -22.39
N ALA H 146 -1.81 16.07 -22.74
CA ALA H 146 -0.77 15.67 -21.80
C ALA H 146 0.11 16.84 -21.36
N LEU H 147 0.51 17.67 -22.32
CA LEU H 147 1.39 18.81 -22.04
C LEU H 147 0.69 19.89 -21.21
N ALA H 148 -0.55 20.21 -21.56
CA ALA H 148 -1.35 21.20 -20.83
C ALA H 148 -1.57 20.77 -19.37
N THR H 149 -1.85 19.48 -19.17
CA THR H 149 -2.08 18.93 -17.84
C THR H 149 -0.79 18.91 -17.02
N ALA H 150 0.32 18.60 -17.67
CA ALA H 150 1.64 18.62 -17.03
C ALA H 150 2.03 20.03 -16.59
N LEU H 151 1.72 21.02 -17.41
CA LEU H 151 1.97 22.42 -17.09
C LEU H 151 1.05 22.92 -15.99
N THR H 152 -0.21 22.46 -16.02
CA THR H 152 -1.20 22.76 -14.99
C THR H 152 -0.77 22.22 -13.63
N LEU H 153 -0.31 20.96 -13.61
CA LEU H 153 0.15 20.32 -12.38
C LEU H 153 1.44 20.96 -11.86
N ARG H 154 2.28 21.43 -12.77
CA ARG H 154 3.49 22.16 -12.42
C ARG H 154 3.17 23.46 -11.68
N GLU H 155 2.10 24.13 -12.11
CA GLU H 155 1.65 25.36 -11.49
C GLU H 155 0.93 25.09 -10.16
N LEU H 156 0.29 23.93 -10.06
CA LEU H 156 -0.40 23.52 -8.84
C LEU H 156 0.54 22.99 -7.78
N ARG H 157 1.68 22.46 -8.20
CA ARG H 157 2.64 21.83 -7.29
C ARG H 157 3.67 22.80 -6.71
N ALA H 158 4.52 22.28 -5.82
CA ALA H 158 5.47 23.08 -5.04
C ALA H 158 6.46 23.89 -5.89
N HIS H 159 6.41 25.22 -5.72
CA HIS H 159 7.37 26.13 -6.34
C HIS H 159 7.45 27.50 -5.64
N SER H 160 8.49 27.62 -4.81
CA SER H 160 8.73 28.76 -3.93
C SER H 160 9.04 30.10 -4.57
N PRO I 11 14.14 -13.82 -34.14
CA PRO I 11 13.37 -12.98 -35.05
C PRO I 11 13.98 -11.59 -35.22
N SER I 12 14.10 -10.85 -34.11
CA SER I 12 14.73 -9.53 -34.13
C SER I 12 15.86 -9.47 -33.11
N LEU I 13 15.50 -9.14 -31.87
CA LEU I 13 16.47 -9.11 -30.77
C LEU I 13 16.62 -10.49 -30.13
N ASP I 14 17.80 -10.72 -29.57
CA ASP I 14 18.08 -11.93 -28.82
C ASP I 14 17.23 -11.96 -27.55
N ALA I 15 16.19 -12.81 -27.55
CA ALA I 15 15.36 -12.94 -26.36
C ALA I 15 15.81 -14.11 -25.47
N SER I 16 17.07 -14.51 -25.59
CA SER I 16 17.61 -15.65 -24.84
C SER I 16 17.72 -15.41 -23.33
N GLY I 17 17.91 -14.15 -22.93
CA GLY I 17 18.09 -13.80 -21.52
C GLY I 17 16.81 -13.61 -20.74
N VAL I 18 15.70 -13.39 -21.45
CA VAL I 18 14.41 -13.14 -20.80
C VAL I 18 13.82 -14.40 -20.18
N ARG I 19 13.27 -14.24 -18.98
CA ARG I 19 12.65 -15.34 -18.26
C ARG I 19 11.14 -15.32 -18.50
N LEU I 20 10.66 -16.35 -19.19
CA LEU I 20 9.29 -16.39 -19.65
C LEU I 20 8.48 -17.45 -18.92
N ALA I 21 7.30 -17.05 -18.46
CA ALA I 21 6.34 -17.97 -17.90
C ALA I 21 5.09 -18.01 -18.77
N ILE I 22 4.49 -19.19 -18.89
CA ILE I 22 3.26 -19.35 -19.63
C ILE I 22 2.23 -20.04 -18.73
N VAL I 23 1.11 -19.35 -18.50
CA VAL I 23 -0.01 -19.93 -17.77
C VAL I 23 -1.17 -20.14 -18.74
N ALA I 24 -1.60 -21.38 -18.86
CA ALA I 24 -2.67 -21.74 -19.79
C ALA I 24 -3.78 -22.50 -19.07
N SER I 25 -5.01 -22.01 -19.22
CA SER I 25 -6.18 -22.71 -18.69
C SER I 25 -6.47 -23.97 -19.52
N SER I 26 -7.39 -24.80 -19.04
CA SER I 26 -7.61 -26.13 -19.63
C SER I 26 -9.01 -26.33 -20.21
N TRP I 27 -9.94 -25.43 -19.87
CA TRP I 27 -11.29 -25.45 -20.39
C TRP I 27 -11.31 -25.27 -21.91
N HIS I 28 -11.62 -26.35 -22.62
CA HIS I 28 -11.54 -26.45 -24.09
C HIS I 28 -10.12 -26.90 -24.49
N GLY I 29 -9.74 -28.07 -24.00
CA GLY I 29 -8.38 -28.61 -24.09
C GLY I 29 -7.66 -28.53 -25.43
N LYS I 30 -8.35 -28.92 -26.50
CA LYS I 30 -7.78 -28.93 -27.85
C LYS I 30 -7.28 -27.54 -28.26
N ILE I 31 -8.10 -26.53 -28.02
CA ILE I 31 -7.80 -25.15 -28.40
C ILE I 31 -6.72 -24.56 -27.48
N CYS I 32 -6.78 -24.91 -26.20
CA CYS I 32 -5.81 -24.44 -25.21
C CYS I 32 -4.40 -25.01 -25.47
N ASP I 33 -4.35 -26.28 -25.89
CA ASP I 33 -3.08 -26.93 -26.24
C ASP I 33 -2.47 -26.34 -27.50
N ALA I 34 -3.32 -25.96 -28.45
CA ALA I 34 -2.90 -25.30 -29.69
C ALA I 34 -2.29 -23.93 -29.42
N LEU I 35 -2.93 -23.15 -28.54
CA LEU I 35 -2.41 -21.86 -28.11
C LEU I 35 -1.06 -22.00 -27.42
N LEU I 36 -0.94 -23.02 -26.57
CA LEU I 36 0.29 -23.32 -25.84
C LEU I 36 1.39 -23.76 -26.79
N ASP I 37 1.00 -24.54 -27.80
CA ASP I 37 1.91 -24.97 -28.85
C ASP I 37 2.52 -23.78 -29.58
N GLY I 38 1.67 -22.82 -29.95
CA GLY I 38 2.10 -21.59 -30.62
C GLY I 38 3.00 -20.75 -29.74
N ALA I 39 2.69 -20.71 -28.45
CA ALA I 39 3.50 -19.99 -27.46
C ALA I 39 4.89 -20.59 -27.31
N ARG I 40 4.95 -21.92 -27.15
CA ARG I 40 6.21 -22.65 -26.99
C ARG I 40 7.11 -22.53 -28.21
N LYS I 41 6.51 -22.53 -29.40
CA LYS I 41 7.25 -22.43 -30.65
C LYS I 41 7.89 -21.06 -30.86
N VAL I 42 7.16 -20.00 -30.52
CA VAL I 42 7.72 -18.63 -30.55
C VAL I 42 8.86 -18.51 -29.55
N ALA I 43 8.63 -19.04 -28.35
CA ALA I 43 9.64 -19.03 -27.28
C ALA I 43 10.93 -19.72 -27.72
N ALA I 44 10.80 -20.93 -28.27
CA ALA I 44 11.94 -21.71 -28.74
C ALA I 44 12.67 -21.06 -29.91
N GLY I 45 11.91 -20.39 -30.78
CA GLY I 45 12.47 -19.65 -31.91
C GLY I 45 13.28 -18.43 -31.48
N CYS I 46 12.94 -17.88 -30.31
CA CYS I 46 13.62 -16.74 -29.75
C CYS I 46 14.76 -17.12 -28.79
N GLY I 47 15.07 -18.42 -28.74
CA GLY I 47 16.18 -18.92 -27.94
C GLY I 47 15.79 -19.37 -26.55
N LEU I 48 14.50 -19.61 -26.32
CA LEU I 48 13.99 -20.06 -25.02
C LEU I 48 13.32 -21.43 -25.13
N ASP I 49 14.11 -22.48 -24.91
CA ASP I 49 13.63 -23.85 -25.03
C ASP I 49 12.76 -24.29 -23.86
N ASP I 50 13.01 -23.74 -22.67
CA ASP I 50 12.30 -24.14 -21.46
C ASP I 50 11.67 -22.97 -20.69
N PRO I 51 10.52 -22.45 -21.17
CA PRO I 51 9.78 -21.50 -20.34
C PRO I 51 9.01 -22.20 -19.24
N THR I 52 8.71 -21.48 -18.15
CA THR I 52 7.89 -22.01 -17.07
C THR I 52 6.44 -22.13 -17.54
N VAL I 53 5.96 -23.37 -17.66
CA VAL I 53 4.61 -23.62 -18.13
C VAL I 53 3.74 -24.19 -17.01
N VAL I 54 2.67 -23.47 -16.72
CA VAL I 54 1.74 -23.85 -15.66
C VAL I 54 0.35 -24.01 -16.26
N ARG I 55 -0.36 -25.06 -15.85
CA ARG I 55 -1.74 -25.23 -16.27
C ARG I 55 -2.73 -24.95 -15.15
N VAL I 56 -3.83 -24.27 -15.49
CA VAL I 56 -4.94 -24.04 -14.57
C VAL I 56 -6.23 -24.56 -15.23
N LEU I 57 -7.30 -24.69 -14.44
CA LEU I 57 -8.55 -25.25 -14.96
C LEU I 57 -9.31 -24.27 -15.86
N GLY I 58 -9.66 -23.12 -15.29
CA GLY I 58 -10.40 -22.10 -16.03
C GLY I 58 -9.65 -20.78 -16.10
N ALA I 59 -10.19 -19.86 -16.90
CA ALA I 59 -9.59 -18.55 -17.12
C ALA I 59 -9.58 -17.65 -15.88
N ILE I 60 -10.53 -17.87 -14.97
CA ILE I 60 -10.59 -17.10 -13.73
C ILE I 60 -9.39 -17.42 -12.80
N GLU I 61 -8.83 -18.61 -12.99
CA GLU I 61 -7.69 -19.08 -12.20
C GLU I 61 -6.35 -18.52 -12.68
N ILE I 62 -6.35 -17.90 -13.86
CA ILE I 62 -5.12 -17.38 -14.47
C ILE I 62 -4.42 -16.25 -13.69
N PRO I 63 -5.15 -15.17 -13.34
CA PRO I 63 -4.49 -14.00 -12.72
C PRO I 63 -3.68 -14.32 -11.45
N VAL I 64 -4.24 -15.13 -10.55
CA VAL I 64 -3.55 -15.48 -9.29
C VAL I 64 -2.28 -16.29 -9.53
N VAL I 65 -2.29 -17.11 -10.58
CA VAL I 65 -1.11 -17.89 -10.97
C VAL I 65 -0.12 -17.00 -11.72
N ALA I 66 -0.65 -16.14 -12.60
CA ALA I 66 0.15 -15.14 -13.29
C ALA I 66 0.89 -14.23 -12.30
N GLN I 67 0.23 -13.89 -11.21
CA GLN I 67 0.80 -13.07 -10.15
C GLN I 67 2.01 -13.75 -9.49
N GLU I 68 1.88 -15.06 -9.25
CA GLU I 68 2.94 -15.85 -8.66
C GLU I 68 4.13 -15.97 -9.62
N LEU I 69 3.82 -16.23 -10.89
CA LEU I 69 4.83 -16.36 -11.93
C LEU I 69 5.57 -15.05 -12.19
N ALA I 70 4.85 -13.93 -12.08
CA ALA I 70 5.40 -12.59 -12.29
C ALA I 70 6.51 -12.22 -11.31
N ARG I 71 6.56 -12.91 -10.18
CA ARG I 71 7.55 -12.63 -9.15
C ARG I 71 8.97 -13.11 -9.54
N ASN I 72 9.02 -13.98 -10.53
CA ASN I 72 10.24 -14.71 -10.88
C ASN I 72 10.51 -14.74 -12.40
N HIS I 73 9.70 -14.02 -13.17
CA HIS I 73 9.81 -14.00 -14.63
C HIS I 73 9.70 -12.59 -15.19
N ASP I 74 10.35 -12.35 -16.32
CA ASP I 74 10.34 -11.04 -16.98
C ASP I 74 9.08 -10.83 -17.81
N ALA I 75 8.41 -11.93 -18.14
CA ALA I 75 7.19 -11.89 -18.93
C ALA I 75 6.33 -13.12 -18.63
N VAL I 76 5.02 -12.90 -18.60
CA VAL I 76 4.07 -14.00 -18.45
C VAL I 76 3.06 -13.96 -19.60
N VAL I 77 2.85 -15.12 -20.22
CA VAL I 77 1.84 -15.27 -21.26
C VAL I 77 0.63 -15.98 -20.66
N ALA I 78 -0.53 -15.31 -20.73
CA ALA I 78 -1.78 -15.89 -20.28
C ALA I 78 -2.51 -16.47 -21.46
N LEU I 79 -2.80 -17.78 -21.40
CA LEU I 79 -3.49 -18.46 -22.48
C LEU I 79 -4.77 -19.11 -21.98
N GLY I 80 -5.83 -19.02 -22.79
CA GLY I 80 -7.11 -19.60 -22.43
C GLY I 80 -8.16 -19.40 -23.49
N VAL I 81 -9.29 -20.09 -23.31
CA VAL I 81 -10.39 -20.02 -24.26
C VAL I 81 -11.69 -19.84 -23.49
N VAL I 82 -12.33 -18.69 -23.70
CA VAL I 82 -13.66 -18.44 -23.15
C VAL I 82 -14.66 -18.33 -24.29
N ILE I 83 -15.57 -19.29 -24.36
CA ILE I 83 -16.63 -19.34 -25.37
C ILE I 83 -17.96 -18.95 -24.74
N ARG I 84 -18.67 -18.01 -25.37
CA ARG I 84 -19.99 -17.58 -24.90
C ARG I 84 -20.99 -18.74 -24.89
N GLY I 85 -21.69 -18.88 -23.77
CA GLY I 85 -22.72 -19.90 -23.62
C GLY I 85 -24.12 -19.32 -23.72
N GLN I 86 -25.01 -19.78 -22.83
CA GLN I 86 -26.41 -19.38 -22.81
C GLN I 86 -26.67 -18.20 -21.88
N THR I 87 -25.78 -18.03 -20.89
CA THR I 87 -25.95 -17.03 -19.83
C THR I 87 -24.97 -15.87 -20.00
N PRO I 88 -25.21 -14.74 -19.28
CA PRO I 88 -24.27 -13.60 -19.26
C PRO I 88 -22.94 -13.91 -18.59
N HIS I 89 -22.77 -15.14 -18.12
CA HIS I 89 -21.57 -15.60 -17.40
C HIS I 89 -20.27 -15.34 -18.17
N PHE I 90 -20.35 -15.43 -19.50
CA PHE I 90 -19.24 -15.14 -20.41
C PHE I 90 -18.62 -13.76 -20.14
N ASP I 91 -19.48 -12.75 -20.05
CA ASP I 91 -19.04 -11.36 -19.87
C ASP I 91 -18.25 -11.19 -18.57
N TYR I 92 -18.74 -11.79 -17.50
CA TYR I 92 -18.15 -11.61 -16.18
C TYR I 92 -16.85 -12.39 -15.98
N VAL I 93 -16.72 -13.52 -16.67
CA VAL I 93 -15.48 -14.29 -16.66
C VAL I 93 -14.38 -13.50 -17.39
N CYS I 94 -14.73 -12.94 -18.55
CA CYS I 94 -13.79 -12.14 -19.33
C CYS I 94 -13.44 -10.83 -18.63
N ASP I 95 -14.41 -10.26 -17.91
CA ASP I 95 -14.18 -9.06 -17.09
C ASP I 95 -13.15 -9.33 -15.99
N ALA I 96 -13.30 -10.46 -15.31
CA ALA I 96 -12.40 -10.88 -14.24
C ALA I 96 -10.97 -11.08 -14.74
N VAL I 97 -10.84 -11.73 -15.89
CA VAL I 97 -9.54 -11.97 -16.53
C VAL I 97 -8.88 -10.64 -16.92
N THR I 98 -9.64 -9.79 -17.60
CA THR I 98 -9.20 -8.45 -17.98
C THR I 98 -8.69 -7.66 -16.77
N GLN I 99 -9.54 -7.54 -15.74
CA GLN I 99 -9.19 -6.84 -14.50
C GLN I 99 -7.97 -7.44 -13.80
N GLY I 100 -7.94 -8.77 -13.72
CA GLY I 100 -6.89 -9.49 -13.03
C GLY I 100 -5.52 -9.35 -13.67
N LEU I 101 -5.46 -9.58 -14.98
CA LEU I 101 -4.20 -9.53 -15.71
C LEU I 101 -3.63 -8.12 -15.81
N THR I 102 -4.51 -7.14 -15.99
CA THR I 102 -4.11 -5.73 -16.02
C THR I 102 -3.53 -5.29 -14.68
N ARG I 103 -4.18 -5.72 -13.59
CA ARG I 103 -3.67 -5.44 -12.25
C ARG I 103 -2.32 -6.10 -11.99
N VAL I 104 -2.23 -7.39 -12.30
CA VAL I 104 -1.00 -8.17 -12.11
C VAL I 104 0.18 -7.53 -12.86
N SER I 105 -0.05 -7.13 -14.10
CA SER I 105 0.98 -6.49 -14.92
C SER I 105 1.52 -5.22 -14.29
N LEU I 106 0.61 -4.40 -13.76
CA LEU I 106 0.99 -3.12 -13.16
C LEU I 106 1.54 -3.26 -11.74
N ASP I 107 1.02 -4.23 -10.99
CA ASP I 107 1.50 -4.55 -9.64
C ASP I 107 2.95 -5.00 -9.67
N SER I 108 3.27 -5.85 -10.65
CA SER I 108 4.58 -6.49 -10.75
C SER I 108 5.51 -5.78 -11.73
N SER I 109 4.96 -4.82 -12.47
CA SER I 109 5.68 -4.11 -13.54
C SER I 109 6.25 -5.12 -14.55
N THR I 110 5.41 -6.08 -14.91
CA THR I 110 5.77 -7.19 -15.78
C THR I 110 4.73 -7.29 -16.89
N PRO I 111 5.18 -7.49 -18.15
CA PRO I 111 4.24 -7.76 -19.23
C PRO I 111 3.48 -9.05 -18.98
N ILE I 112 2.15 -8.94 -18.88
CA ILE I 112 1.29 -10.11 -18.85
C ILE I 112 0.49 -10.11 -20.15
N ALA I 113 0.97 -10.88 -21.11
CA ALA I 113 0.35 -10.95 -22.44
C ALA I 113 -0.97 -11.72 -22.39
N ASN I 114 -1.98 -11.16 -23.05
CA ASN I 114 -3.29 -11.77 -23.08
C ASN I 114 -3.51 -12.60 -24.35
N GLY I 115 -3.31 -13.91 -24.21
CA GLY I 115 -3.64 -14.86 -25.26
C GLY I 115 -4.87 -15.65 -24.86
N VAL I 116 -5.76 -15.01 -24.11
CA VAL I 116 -7.02 -15.60 -23.68
C VAL I 116 -8.08 -15.26 -24.72
N LEU I 117 -8.55 -16.28 -25.43
CA LEU I 117 -9.57 -16.11 -26.45
C LEU I 117 -10.94 -15.86 -25.82
N THR I 118 -11.63 -14.85 -26.33
CA THR I 118 -12.96 -14.50 -25.88
C THR I 118 -13.88 -14.46 -27.09
N THR I 119 -14.51 -15.60 -27.38
CA THR I 119 -15.26 -15.78 -28.62
C THR I 119 -16.75 -16.07 -28.41
N ASN I 120 -17.54 -15.80 -29.44
CA ASN I 120 -18.97 -16.10 -29.43
C ASN I 120 -19.25 -17.57 -29.75
N THR I 121 -18.42 -18.15 -30.62
CA THR I 121 -18.58 -19.54 -31.06
C THR I 121 -17.26 -20.31 -30.93
N GLU I 122 -17.36 -21.64 -31.02
CA GLU I 122 -16.19 -22.52 -30.98
C GLU I 122 -15.32 -22.37 -32.24
N GLU I 123 -15.97 -22.18 -33.39
CA GLU I 123 -15.27 -21.98 -34.67
C GLU I 123 -14.33 -20.79 -34.64
N GLN I 124 -14.78 -19.70 -34.03
CA GLN I 124 -13.98 -18.48 -33.88
C GLN I 124 -12.73 -18.72 -33.04
N ALA I 125 -12.86 -19.55 -32.00
CA ALA I 125 -11.74 -19.89 -31.14
C ALA I 125 -10.74 -20.82 -31.82
N LEU I 126 -11.26 -21.79 -32.60
CA LEU I 126 -10.43 -22.69 -33.39
C LEU I 126 -9.60 -21.91 -34.42
N ASP I 127 -10.24 -20.91 -35.03
CA ASP I 127 -9.63 -20.10 -36.08
C ASP I 127 -8.54 -19.15 -35.56
N ARG I 128 -8.43 -19.03 -34.25
CA ARG I 128 -7.45 -18.13 -33.63
C ARG I 128 -6.46 -18.87 -32.72
N ALA I 129 -6.43 -20.19 -32.81
CA ALA I 129 -5.58 -21.03 -31.97
C ALA I 129 -4.28 -21.45 -32.63
N GLY I 130 -4.23 -21.36 -33.96
CA GLY I 130 -3.04 -21.72 -34.72
C GLY I 130 -2.98 -23.18 -35.10
N LEU I 131 -4.15 -23.77 -35.33
CA LEU I 131 -4.26 -25.12 -35.85
C LEU I 131 -3.97 -25.08 -37.36
N PRO I 132 -3.68 -26.25 -37.99
CA PRO I 132 -3.37 -26.32 -39.43
C PRO I 132 -4.15 -25.33 -40.31
N THR I 133 -5.46 -25.26 -40.14
CA THR I 133 -6.33 -24.45 -41.02
C THR I 133 -6.80 -23.13 -40.40
N SER I 134 -6.21 -22.75 -39.26
CA SER I 134 -6.57 -21.51 -38.58
C SER I 134 -6.01 -20.28 -39.29
N ALA I 135 -6.74 -19.17 -39.20
CA ALA I 135 -6.33 -17.91 -39.83
C ALA I 135 -5.18 -17.26 -39.07
N GLU I 136 -5.21 -17.36 -37.74
CA GLU I 136 -4.15 -16.80 -36.90
C GLU I 136 -3.85 -17.67 -35.68
N ASP I 137 -2.77 -17.33 -34.97
CA ASP I 137 -2.38 -17.99 -33.74
C ASP I 137 -2.15 -16.92 -32.67
N LYS I 138 -3.12 -16.77 -31.78
CA LYS I 138 -3.07 -15.74 -30.75
C LYS I 138 -2.13 -16.13 -29.62
N GLY I 139 -1.85 -17.42 -29.49
CA GLY I 139 -0.87 -17.93 -28.53
C GLY I 139 0.53 -17.51 -28.94
N ALA I 140 0.80 -17.60 -30.24
CA ALA I 140 2.05 -17.13 -30.83
C ALA I 140 2.19 -15.61 -30.72
N GLN I 141 1.12 -14.90 -31.07
CA GLN I 141 1.08 -13.43 -31.02
C GLN I 141 1.33 -12.88 -29.63
N ALA I 142 0.70 -13.50 -28.62
CA ALA I 142 0.85 -13.07 -27.23
C ALA I 142 2.27 -13.26 -26.70
N THR I 143 2.92 -14.34 -27.12
CA THR I 143 4.31 -14.61 -26.71
C THR I 143 5.28 -13.62 -27.33
N VAL I 144 5.08 -13.29 -28.61
CA VAL I 144 5.83 -12.21 -29.26
C VAL I 144 5.64 -10.91 -28.48
N ALA I 145 4.38 -10.60 -28.17
CA ALA I 145 4.02 -9.41 -27.40
C ALA I 145 4.71 -9.34 -26.04
N ALA I 146 4.70 -10.46 -25.31
CA ALA I 146 5.33 -10.55 -23.99
C ALA I 146 6.86 -10.37 -24.05
N LEU I 147 7.49 -11.06 -25.00
CA LEU I 147 8.94 -11.04 -25.14
C LEU I 147 9.47 -9.68 -25.60
N ALA I 148 8.78 -9.08 -26.57
CA ALA I 148 9.16 -7.76 -27.08
C ALA I 148 9.06 -6.69 -26.00
N THR I 149 8.00 -6.77 -25.19
CA THR I 149 7.78 -5.82 -24.11
C THR I 149 8.79 -6.00 -22.99
N ALA I 150 9.13 -7.25 -22.69
CA ALA I 150 10.16 -7.56 -21.70
C ALA I 150 11.53 -7.04 -22.13
N LEU I 151 11.85 -7.17 -23.42
CA LEU I 151 13.10 -6.66 -23.98
C LEU I 151 13.12 -5.13 -24.01
N THR I 152 11.96 -4.54 -24.31
CA THR I 152 11.78 -3.09 -24.30
C THR I 152 12.00 -2.51 -22.90
N LEU I 153 11.40 -3.16 -21.90
CA LEU I 153 11.54 -2.73 -20.51
C LEU I 153 12.96 -2.93 -19.98
N ARG I 154 13.63 -3.97 -20.49
CA ARG I 154 15.04 -4.24 -20.20
C ARG I 154 15.94 -3.08 -20.68
N GLU I 155 15.63 -2.56 -21.87
CA GLU I 155 16.36 -1.43 -22.43
C GLU I 155 16.02 -0.11 -21.73
N LEU I 156 14.78 -0.01 -21.24
CA LEU I 156 14.33 1.18 -20.53
C LEU I 156 14.82 1.22 -19.08
N ARG I 157 15.09 0.05 -18.51
CA ARG I 157 15.49 -0.04 -17.10
C ARG I 157 17.00 0.06 -16.87
N ALA I 158 17.40 0.02 -15.60
CA ALA I 158 18.77 0.28 -15.17
C ALA I 158 19.81 -0.68 -15.77
N HIS I 159 20.80 -0.08 -16.46
CA HIS I 159 21.85 -0.88 -17.13
C HIS I 159 23.10 -0.03 -17.48
N SER I 160 23.97 0.13 -16.48
CA SER I 160 25.43 0.20 -16.59
C SER I 160 26.29 1.23 -17.29
N ALA J 15 -5.28 -33.99 -2.53
CA ALA J 15 -5.54 -32.62 -2.00
C ALA J 15 -5.88 -32.64 -0.49
N SER J 16 -5.35 -33.63 0.22
CA SER J 16 -5.64 -33.79 1.65
C SER J 16 -5.04 -32.68 2.54
N GLY J 17 -3.92 -32.12 2.11
CA GLY J 17 -3.22 -31.10 2.89
C GLY J 17 -3.74 -29.68 2.70
N VAL J 18 -4.49 -29.45 1.62
CA VAL J 18 -4.99 -28.09 1.32
C VAL J 18 -6.13 -27.70 2.25
N ARG J 19 -6.08 -26.43 2.70
CA ARG J 19 -7.12 -25.87 3.56
C ARG J 19 -8.15 -25.16 2.70
N LEU J 20 -9.36 -25.70 2.70
CA LEU J 20 -10.43 -25.22 1.82
C LEU J 20 -11.53 -24.51 2.60
N ALA J 21 -11.89 -23.32 2.12
CA ALA J 21 -13.05 -22.60 2.63
C ALA J 21 -14.12 -22.50 1.54
N ILE J 22 -15.38 -22.60 1.95
CA ILE J 22 -16.50 -22.43 1.03
C ILE J 22 -17.43 -21.36 1.58
N VAL J 23 -17.60 -20.28 0.83
CA VAL J 23 -18.59 -19.28 1.16
C VAL J 23 -19.73 -19.33 0.14
N ALA J 24 -20.95 -19.56 0.64
CA ALA J 24 -22.12 -19.69 -0.21
C ALA J 24 -23.22 -18.72 0.24
N SER J 25 -23.72 -17.93 -0.71
CA SER J 25 -24.85 -17.05 -0.43
C SER J 25 -26.14 -17.87 -0.33
N SER J 26 -27.23 -17.23 0.09
CA SER J 26 -28.46 -17.96 0.44
C SER J 26 -29.68 -17.58 -0.42
N TRP J 27 -29.57 -16.46 -1.14
CA TRP J 27 -30.58 -16.02 -2.09
C TRP J 27 -30.82 -17.07 -3.18
N HIS J 28 -31.97 -17.73 -3.12
CA HIS J 28 -32.33 -18.89 -3.97
C HIS J 28 -31.83 -20.18 -3.32
N GLY J 29 -32.31 -20.44 -2.10
CA GLY J 29 -31.82 -21.50 -1.23
C GLY J 29 -31.61 -22.88 -1.82
N LYS J 30 -32.60 -23.36 -2.58
CA LYS J 30 -32.54 -24.67 -3.20
C LYS J 30 -31.32 -24.84 -4.11
N ILE J 31 -31.10 -23.83 -4.96
CA ILE J 31 -29.98 -23.85 -5.91
C ILE J 31 -28.64 -23.69 -5.20
N CYS J 32 -28.62 -22.82 -4.18
CA CYS J 32 -27.42 -22.57 -3.38
C CYS J 32 -26.97 -23.79 -2.60
N ASP J 33 -27.93 -24.53 -2.06
CA ASP J 33 -27.67 -25.77 -1.31
C ASP J 33 -27.13 -26.86 -2.24
N ALA J 34 -27.64 -26.90 -3.47
CA ALA J 34 -27.19 -27.85 -4.48
C ALA J 34 -25.73 -27.58 -4.90
N LEU J 35 -25.40 -26.30 -5.09
CA LEU J 35 -24.03 -25.89 -5.40
C LEU J 35 -23.07 -26.25 -4.27
N LEU J 36 -23.52 -26.01 -3.03
CA LEU J 36 -22.75 -26.36 -1.84
C LEU J 36 -22.57 -27.88 -1.69
N ASP J 37 -23.63 -28.61 -2.03
CA ASP J 37 -23.59 -30.08 -2.03
C ASP J 37 -22.53 -30.61 -3.00
N GLY J 38 -22.48 -30.04 -4.21
CA GLY J 38 -21.47 -30.38 -5.20
C GLY J 38 -20.06 -30.03 -4.76
N ALA J 39 -19.94 -28.88 -4.10
CA ALA J 39 -18.66 -28.43 -3.55
C ALA J 39 -18.14 -29.38 -2.47
N ARG J 40 -19.00 -29.71 -1.51
CA ARG J 40 -18.62 -30.58 -0.39
C ARG J 40 -18.29 -32.00 -0.84
N LYS J 41 -18.97 -32.49 -1.88
CA LYS J 41 -18.71 -33.83 -2.43
C LYS J 41 -17.36 -33.93 -3.15
N VAL J 42 -17.00 -32.90 -3.90
CA VAL J 42 -15.67 -32.80 -4.53
C VAL J 42 -14.59 -32.75 -3.45
N ALA J 43 -14.82 -31.93 -2.43
CA ALA J 43 -13.89 -31.77 -1.31
C ALA J 43 -13.64 -33.11 -0.60
N ALA J 44 -14.72 -33.80 -0.27
CA ALA J 44 -14.65 -35.08 0.42
C ALA J 44 -13.99 -36.18 -0.43
N GLY J 45 -14.22 -36.13 -1.74
CA GLY J 45 -13.58 -37.04 -2.68
C GLY J 45 -12.08 -36.83 -2.80
N CYS J 46 -11.64 -35.59 -2.55
CA CYS J 46 -10.22 -35.24 -2.59
C CYS J 46 -9.53 -35.36 -1.24
N GLY J 47 -10.23 -35.95 -0.26
CA GLY J 47 -9.68 -36.20 1.06
C GLY J 47 -9.91 -35.10 2.08
N LEU J 48 -10.88 -34.22 1.80
CA LEU J 48 -11.23 -33.12 2.69
C LEU J 48 -12.66 -33.24 3.18
N ASP J 49 -12.84 -33.88 4.32
CA ASP J 49 -14.17 -34.11 4.87
C ASP J 49 -14.78 -32.88 5.54
N ASP J 50 -13.94 -32.00 6.07
CA ASP J 50 -14.42 -30.81 6.78
C ASP J 50 -13.79 -29.50 6.28
N PRO J 51 -14.28 -28.98 5.15
CA PRO J 51 -13.89 -27.62 4.76
C PRO J 51 -14.65 -26.57 5.58
N THR J 52 -14.07 -25.38 5.72
CA THR J 52 -14.75 -24.28 6.40
C THR J 52 -15.88 -23.77 5.52
N VAL J 53 -17.12 -23.96 5.99
CA VAL J 53 -18.29 -23.55 5.24
C VAL J 53 -18.99 -22.39 5.93
N VAL J 54 -19.11 -21.28 5.20
CA VAL J 54 -19.73 -20.07 5.71
C VAL J 54 -20.91 -19.69 4.82
N ARG J 55 -22.02 -19.28 5.43
CA ARG J 55 -23.17 -18.81 4.67
C ARG J 55 -23.34 -17.31 4.78
N VAL J 56 -23.66 -16.68 3.64
CA VAL J 56 -24.02 -15.26 3.59
C VAL J 56 -25.38 -15.11 2.93
N LEU J 57 -26.00 -13.94 3.05
CA LEU J 57 -27.34 -13.73 2.51
C LEU J 57 -27.34 -13.59 0.98
N GLY J 58 -26.62 -12.59 0.49
CA GLY J 58 -26.56 -12.33 -0.94
C GLY J 58 -25.15 -12.43 -1.49
N ALA J 59 -25.04 -12.39 -2.82
CA ALA J 59 -23.75 -12.51 -3.51
C ALA J 59 -22.82 -11.31 -3.26
N ILE J 60 -23.38 -10.15 -2.94
CA ILE J 60 -22.57 -8.96 -2.64
C ILE J 60 -21.78 -9.15 -1.33
N GLU J 61 -22.29 -10.00 -0.44
CA GLU J 61 -21.67 -10.26 0.85
C GLU J 61 -20.51 -11.26 0.77
N ILE J 62 -20.37 -11.91 -0.37
CA ILE J 62 -19.35 -12.94 -0.58
C ILE J 62 -17.90 -12.44 -0.44
N PRO J 63 -17.51 -11.40 -1.23
CA PRO J 63 -16.11 -10.97 -1.25
C PRO J 63 -15.49 -10.66 0.12
N VAL J 64 -16.22 -9.94 0.97
CA VAL J 64 -15.69 -9.54 2.29
C VAL J 64 -15.50 -10.75 3.22
N VAL J 65 -16.34 -11.76 3.05
CA VAL J 65 -16.22 -13.01 3.80
C VAL J 65 -15.11 -13.88 3.19
N ALA J 66 -15.06 -13.92 1.86
CA ALA J 66 -14.00 -14.61 1.14
C ALA J 66 -12.62 -14.05 1.51
N GLN J 67 -12.56 -12.73 1.73
CA GLN J 67 -11.32 -12.06 2.16
C GLN J 67 -10.87 -12.53 3.54
N GLU J 68 -11.83 -12.69 4.44
CA GLU J 68 -11.58 -13.18 5.79
C GLU J 68 -11.10 -14.63 5.76
N LEU J 69 -11.78 -15.45 4.97
CA LEU J 69 -11.46 -16.86 4.82
C LEU J 69 -10.10 -17.09 4.16
N ALA J 70 -9.74 -16.20 3.23
CA ALA J 70 -8.47 -16.28 2.50
C ALA J 70 -7.25 -16.10 3.41
N ARG J 71 -7.45 -15.54 4.60
CA ARG J 71 -6.35 -15.31 5.54
C ARG J 71 -5.84 -16.61 6.18
N ASN J 72 -6.68 -17.65 6.18
CA ASN J 72 -6.27 -18.92 6.79
C ASN J 72 -6.65 -20.17 6.01
N HIS J 73 -6.86 -19.99 4.70
CA HIS J 73 -7.14 -21.12 3.80
C HIS J 73 -6.34 -21.00 2.51
N ASP J 74 -6.02 -22.14 1.92
CA ASP J 74 -5.24 -22.20 0.68
C ASP J 74 -6.12 -21.94 -0.54
N ALA J 75 -7.43 -22.13 -0.37
CA ALA J 75 -8.39 -21.93 -1.45
C ALA J 75 -9.76 -21.58 -0.88
N VAL J 76 -10.47 -20.70 -1.57
CA VAL J 76 -11.84 -20.35 -1.19
C VAL J 76 -12.74 -20.55 -2.40
N VAL J 77 -13.86 -21.25 -2.18
CA VAL J 77 -14.88 -21.43 -3.20
C VAL J 77 -16.05 -20.50 -2.91
N ALA J 78 -16.34 -19.62 -3.86
CA ALA J 78 -17.46 -18.70 -3.77
C ALA J 78 -18.66 -19.29 -4.49
N LEU J 79 -19.76 -19.48 -3.77
CA LEU J 79 -20.96 -20.07 -4.34
C LEU J 79 -22.15 -19.15 -4.18
N GLY J 80 -22.97 -19.05 -5.22
CA GLY J 80 -24.13 -18.19 -5.20
C GLY J 80 -24.95 -18.26 -6.46
N VAL J 81 -26.13 -17.64 -6.42
CA VAL J 81 -27.04 -17.64 -7.54
C VAL J 81 -27.58 -16.24 -7.75
N VAL J 82 -27.22 -15.62 -8.86
CA VAL J 82 -27.77 -14.34 -9.26
C VAL J 82 -28.63 -14.51 -10.52
N ILE J 83 -29.93 -14.30 -10.38
CA ILE J 83 -30.86 -14.42 -11.50
C ILE J 83 -31.38 -13.04 -11.89
N ARG J 84 -31.33 -12.75 -13.19
CA ARG J 84 -31.77 -11.45 -13.72
C ARG J 84 -33.24 -11.20 -13.44
N GLY J 85 -33.54 -10.00 -12.93
CA GLY J 85 -34.90 -9.59 -12.67
C GLY J 85 -35.43 -8.64 -13.71
N GLN J 86 -36.10 -7.58 -13.24
CA GLN J 86 -36.75 -6.59 -14.10
C GLN J 86 -35.87 -5.38 -14.35
N THR J 87 -34.93 -5.16 -13.43
CA THR J 87 -34.09 -3.97 -13.42
C THR J 87 -32.64 -4.32 -13.83
N PRO J 88 -31.83 -3.29 -14.18
CA PRO J 88 -30.39 -3.50 -14.45
C PRO J 88 -29.58 -3.90 -13.22
N HIS J 89 -30.23 -4.09 -12.08
CA HIS J 89 -29.56 -4.42 -10.84
C HIS J 89 -28.72 -5.71 -10.91
N PHE J 90 -29.16 -6.65 -11.75
CA PHE J 90 -28.44 -7.89 -12.01
C PHE J 90 -26.99 -7.63 -12.43
N ASP J 91 -26.82 -6.72 -13.38
CA ASP J 91 -25.51 -6.39 -13.93
C ASP J 91 -24.54 -5.89 -12.86
N TYR J 92 -25.03 -5.02 -12.00
CA TYR J 92 -24.19 -4.36 -10.99
C TYR J 92 -23.86 -5.26 -9.80
N VAL J 93 -24.75 -6.20 -9.49
CA VAL J 93 -24.48 -7.21 -8.47
C VAL J 93 -23.36 -8.15 -8.94
N CYS J 94 -23.46 -8.59 -10.19
CA CYS J 94 -22.47 -9.47 -10.79
C CYS J 94 -21.13 -8.75 -10.99
N ASP J 95 -21.18 -7.46 -11.31
CA ASP J 95 -20.00 -6.61 -11.41
C ASP J 95 -19.25 -6.54 -10.09
N ALA J 96 -19.98 -6.31 -9.00
CA ALA J 96 -19.39 -6.22 -7.67
C ALA J 96 -18.74 -7.53 -7.23
N VAL J 97 -19.40 -8.65 -7.51
CA VAL J 97 -18.89 -9.98 -7.21
C VAL J 97 -17.60 -10.24 -8.00
N THR J 98 -17.65 -10.01 -9.30
CA THR J 98 -16.49 -10.12 -10.18
C THR J 98 -15.30 -9.30 -9.66
N GLN J 99 -15.52 -8.00 -9.44
CA GLN J 99 -14.50 -7.10 -8.94
C GLN J 99 -13.96 -7.53 -7.57
N GLY J 100 -14.87 -7.91 -6.69
CA GLY J 100 -14.53 -8.29 -5.32
C GLY J 100 -13.68 -9.55 -5.23
N LEU J 101 -14.12 -10.60 -5.90
CA LEU J 101 -13.44 -11.90 -5.86
C LEU J 101 -12.07 -11.87 -6.53
N THR J 102 -11.98 -11.15 -7.65
CA THR J 102 -10.72 -10.97 -8.36
C THR J 102 -9.72 -10.19 -7.51
N ARG J 103 -10.18 -9.15 -6.82
CA ARG J 103 -9.33 -8.39 -5.91
C ARG J 103 -8.86 -9.25 -4.74
N VAL J 104 -9.80 -9.93 -4.10
CA VAL J 104 -9.49 -10.79 -2.94
C VAL J 104 -8.45 -11.86 -3.29
N SER J 105 -8.60 -12.48 -4.47
CA SER J 105 -7.67 -13.51 -4.94
C SER J 105 -6.25 -12.97 -5.08
N LEU J 106 -6.13 -11.77 -5.64
CA LEU J 106 -4.84 -11.15 -5.90
C LEU J 106 -4.22 -10.49 -4.65
N ASP J 107 -5.07 -9.92 -3.80
CA ASP J 107 -4.64 -9.37 -2.50
C ASP J 107 -4.03 -10.44 -1.60
N SER J 108 -4.68 -11.61 -1.55
CA SER J 108 -4.28 -12.68 -0.65
C SER J 108 -3.42 -13.73 -1.32
N SER J 109 -3.25 -13.62 -2.63
CA SER J 109 -2.52 -14.61 -3.44
C SER J 109 -3.12 -16.01 -3.22
N THR J 110 -4.45 -16.08 -3.23
CA THR J 110 -5.21 -17.28 -2.93
C THR J 110 -6.23 -17.48 -4.04
N PRO J 111 -6.37 -18.73 -4.54
CA PRO J 111 -7.45 -19.01 -5.50
C PRO J 111 -8.81 -18.78 -4.87
N ILE J 112 -9.58 -17.85 -5.45
CA ILE J 112 -10.98 -17.70 -5.09
C ILE J 112 -11.81 -18.15 -6.28
N ALA J 113 -12.30 -19.38 -6.21
CA ALA J 113 -13.06 -19.97 -7.30
C ALA J 113 -14.47 -19.38 -7.38
N ASN J 114 -14.90 -19.08 -8.59
CA ASN J 114 -16.20 -18.48 -8.85
C ASN J 114 -17.24 -19.53 -9.22
N GLY J 115 -18.00 -19.98 -8.23
CA GLY J 115 -19.15 -20.84 -8.46
C GLY J 115 -20.43 -20.05 -8.26
N VAL J 116 -20.37 -18.76 -8.57
CA VAL J 116 -21.52 -17.87 -8.46
C VAL J 116 -22.25 -17.84 -9.81
N LEU J 117 -23.44 -18.40 -9.84
CA LEU J 117 -24.25 -18.48 -11.06
C LEU J 117 -24.82 -17.11 -11.41
N THR J 118 -24.66 -16.72 -12.67
CA THR J 118 -25.20 -15.46 -13.18
C THR J 118 -26.07 -15.78 -14.39
N THR J 119 -27.36 -15.97 -14.15
CA THR J 119 -28.27 -16.46 -15.19
C THR J 119 -29.40 -15.48 -15.51
N ASN J 120 -29.97 -15.66 -16.70
CA ASN J 120 -31.13 -14.89 -17.14
C ASN J 120 -32.43 -15.41 -16.54
N THR J 121 -32.52 -16.73 -16.39
CA THR J 121 -33.72 -17.39 -15.85
C THR J 121 -33.37 -18.38 -14.73
N GLU J 122 -34.39 -18.81 -13.99
CA GLU J 122 -34.22 -19.78 -12.91
C GLU J 122 -33.85 -21.16 -13.43
N GLU J 123 -34.43 -21.52 -14.57
CA GLU J 123 -34.17 -22.79 -15.27
C GLU J 123 -32.68 -22.98 -15.55
N GLN J 124 -32.03 -21.92 -16.03
CA GLN J 124 -30.60 -21.93 -16.34
C GLN J 124 -29.75 -22.15 -15.09
N ALA J 125 -30.18 -21.58 -13.97
CA ALA J 125 -29.50 -21.74 -12.69
C ALA J 125 -29.67 -23.16 -12.13
N LEU J 126 -30.87 -23.70 -12.25
CA LEU J 126 -31.16 -25.07 -11.83
C LEU J 126 -30.32 -26.08 -12.62
N ASP J 127 -30.16 -25.81 -13.92
CA ASP J 127 -29.43 -26.68 -14.84
C ASP J 127 -27.92 -26.68 -14.61
N ARG J 128 -27.44 -25.75 -13.78
CA ARG J 128 -26.00 -25.59 -13.51
C ARG J 128 -25.65 -25.79 -12.04
N ALA J 129 -26.60 -26.32 -11.26
CA ALA J 129 -26.43 -26.48 -9.82
C ALA J 129 -26.03 -27.90 -9.41
N GLY J 130 -26.27 -28.86 -10.30
CA GLY J 130 -25.93 -30.25 -10.04
C GLY J 130 -27.03 -31.02 -9.34
N LEU J 131 -28.27 -30.66 -9.64
CA LEU J 131 -29.43 -31.41 -9.19
C LEU J 131 -29.57 -32.66 -10.07
N PRO J 132 -30.35 -33.67 -9.62
CA PRO J 132 -30.60 -34.89 -10.37
C PRO J 132 -30.57 -34.75 -11.89
N THR J 133 -31.34 -33.79 -12.41
CA THR J 133 -31.58 -33.63 -13.85
C THR J 133 -30.77 -32.50 -14.49
N SER J 134 -29.84 -31.92 -13.74
CA SER J 134 -29.03 -30.82 -14.22
C SER J 134 -27.96 -31.29 -15.20
N ALA J 135 -27.63 -30.43 -16.18
CA ALA J 135 -26.61 -30.72 -17.17
C ALA J 135 -25.19 -30.66 -16.59
N GLU J 136 -24.97 -29.72 -15.67
CA GLU J 136 -23.67 -29.57 -15.01
C GLU J 136 -23.79 -29.14 -13.54
N ASP J 137 -22.68 -29.20 -12.83
CA ASP J 137 -22.60 -28.74 -11.43
C ASP J 137 -21.43 -27.77 -11.31
N LYS J 138 -21.75 -26.49 -11.27
CA LYS J 138 -20.74 -25.42 -11.20
C LYS J 138 -20.12 -25.32 -9.81
N GLY J 139 -20.82 -25.81 -8.80
CA GLY J 139 -20.30 -25.90 -7.43
C GLY J 139 -19.18 -26.91 -7.35
N ALA J 140 -19.39 -28.04 -8.02
CA ALA J 140 -18.37 -29.08 -8.15
C ALA J 140 -17.17 -28.60 -8.96
N GLN J 141 -17.45 -27.97 -10.10
CA GLN J 141 -16.42 -27.43 -11.00
C GLN J 141 -15.52 -26.41 -10.32
N ALA J 142 -16.13 -25.49 -9.55
CA ALA J 142 -15.40 -24.43 -8.87
C ALA J 142 -14.47 -24.97 -7.79
N THR J 143 -14.90 -26.04 -7.12
CA THR J 143 -14.11 -26.65 -6.07
C THR J 143 -12.90 -27.40 -6.65
N VAL J 144 -13.12 -28.10 -7.77
CA VAL J 144 -12.01 -28.68 -8.55
C VAL J 144 -11.02 -27.57 -8.91
N ALA J 145 -11.54 -26.47 -9.44
CA ALA J 145 -10.74 -25.31 -9.85
C ALA J 145 -9.90 -24.74 -8.71
N ALA J 146 -10.53 -24.56 -7.55
CA ALA J 146 -9.86 -24.02 -6.38
C ALA J 146 -8.77 -24.94 -5.84
N LEU J 147 -9.08 -26.23 -5.74
CA LEU J 147 -8.14 -27.22 -5.21
C LEU J 147 -6.93 -27.44 -6.12
N ALA J 148 -7.18 -27.55 -7.43
CA ALA J 148 -6.11 -27.72 -8.41
C ALA J 148 -5.16 -26.52 -8.42
N THR J 149 -5.73 -25.32 -8.31
CA THR J 149 -4.93 -24.08 -8.30
C THR J 149 -4.12 -23.97 -7.01
N ALA J 150 -4.71 -24.37 -5.89
CA ALA J 150 -4.02 -24.39 -4.60
C ALA J 150 -2.84 -25.36 -4.61
N LEU J 151 -3.04 -26.53 -5.22
CA LEU J 151 -1.98 -27.53 -5.36
C LEU J 151 -0.88 -27.07 -6.32
N THR J 152 -1.30 -26.39 -7.39
CA THR J 152 -0.37 -25.81 -8.37
C THR J 152 0.52 -24.74 -7.72
N LEU J 153 -0.10 -23.86 -6.94
CA LEU J 153 0.61 -22.81 -6.22
C LEU J 153 1.54 -23.37 -5.14
N ARG J 154 1.11 -24.47 -4.52
CA ARG J 154 1.92 -25.22 -3.56
C ARG J 154 3.22 -25.72 -4.19
N GLU J 155 3.11 -26.22 -5.44
CA GLU J 155 4.26 -26.72 -6.19
C GLU J 155 5.15 -25.58 -6.69
N LEU J 156 4.53 -24.44 -6.97
CA LEU J 156 5.25 -23.26 -7.45
C LEU J 156 5.94 -22.50 -6.33
N ARG J 157 5.43 -22.62 -5.10
CA ARG J 157 5.97 -21.87 -3.96
C ARG J 157 7.08 -22.61 -3.22
N ALA J 158 7.64 -21.96 -2.20
CA ALA J 158 8.82 -22.45 -1.48
C ALA J 158 8.65 -23.81 -0.78
N HIS J 159 9.52 -24.76 -1.13
CA HIS J 159 9.68 -26.08 -0.44
C HIS J 159 10.97 -26.71 -1.02
N SER J 160 12.17 -26.61 -0.44
CA SER J 160 12.82 -27.35 0.61
C SER J 160 13.37 -28.71 0.12
O2 Y19 K . 29.91 7.62 2.68
C2 Y19 K . 30.03 8.41 3.65
N3 Y19 K . 30.85 8.08 4.67
C4 Y19 K . 31.02 8.89 5.74
O4 Y19 K . 31.79 8.55 6.67
N1 Y19 K . 29.34 9.57 3.65
C6 Y19 K . 29.44 10.47 4.66
C5 Y19 K . 30.28 10.18 5.85
N13 Y19 K . 31.12 11.29 6.26
C14 Y19 K . 31.01 11.85 7.47
C15 Y19 K . 29.97 11.30 8.43
C16 Y19 K . 30.60 10.58 9.61
O23 Y19 K . 31.71 12.79 7.82
N7 Y19 K . 28.70 11.61 4.60
C8 Y19 K . 27.86 11.91 3.45
C9 Y19 K . 26.47 11.29 3.57
O9 Y19 K . 26.55 9.89 3.29
C10 Y19 K . 25.53 11.95 2.57
O10 Y19 K . 26.17 12.06 1.30
C11 Y19 K . 25.06 13.33 3.06
O11 Y19 K . 24.31 13.18 4.27
C12 Y19 K . 24.23 14.05 2.01
O12 Y19 K . 23.01 13.35 1.77
K K L . 14.10 -7.69 -8.59
K K M . 9.56 -23.93 -6.14
P PO4 N . 31.99 14.16 11.63
O1 PO4 N . 31.21 15.20 10.86
O2 PO4 N . 32.45 13.08 10.68
O3 PO4 N . 31.12 13.57 12.71
O4 PO4 N . 33.20 14.80 12.28
O2 Y19 O . 16.49 22.34 14.17
C2 Y19 O . 16.48 22.04 15.38
N3 Y19 O . 17.64 21.78 16.02
C4 Y19 O . 17.69 21.45 17.34
O4 Y19 O . 18.78 21.21 17.88
N1 Y19 O . 15.30 21.98 16.03
C6 Y19 O . 15.22 21.67 17.35
C5 Y19 O . 16.43 21.34 18.14
N13 Y19 O . 16.51 22.08 19.39
C14 Y19 O . 16.58 21.45 20.57
C15 Y19 O . 16.58 19.94 20.60
C16 Y19 O . 17.99 19.38 20.71
O23 Y19 O . 16.64 22.08 21.62
N7 Y19 O . 14.02 21.62 17.97
C8 Y19 O . 12.78 21.93 17.26
C9 Y19 O . 12.25 20.62 16.67
O9 Y19 O . 12.98 20.28 15.50
C10 Y19 O . 10.77 20.76 16.31
O10 Y19 O . 10.57 21.99 15.61
C11 Y19 O . 9.87 20.69 17.55
O11 Y19 O . 10.13 19.50 18.30
C12 Y19 O . 8.38 20.75 17.20
O12 Y19 O . 8.03 19.75 16.23
K K P . 10.23 13.16 -7.93
K K Q . 18.14 3.20 -19.15
P PO4 R . 17.40 20.18 25.02
O1 PO4 R . 18.12 20.74 23.81
O2 PO4 R . 18.21 19.04 25.59
O3 PO4 R . 16.04 19.67 24.60
O4 PO4 R . 17.26 21.26 26.06
O2 Y19 S . 3.76 10.22 28.97
C2 Y19 S . 4.39 9.33 29.58
N3 Y19 S . 5.59 9.63 30.14
C4 Y19 S . 6.31 8.71 30.82
O4 Y19 S . 7.41 9.04 31.30
N1 Y19 S . 3.87 8.08 29.68
C6 Y19 S . 4.52 7.08 30.34
C5 Y19 S . 5.85 7.31 30.96
N13 Y19 S . 5.94 6.85 32.34
C14 Y19 S . 6.90 6.01 32.75
C15 Y19 S . 7.91 5.51 31.73
C16 Y19 S . 9.24 6.22 31.89
O23 Y19 S . 6.96 5.63 33.90
N7 Y19 S . 3.97 5.83 30.41
C8 Y19 S . 2.68 5.51 29.83
C9 Y19 S . 2.91 4.99 28.42
O9 Y19 S . 3.02 6.10 27.51
C10 Y19 S . 1.77 4.09 27.94
O10 Y19 S . 0.51 4.67 28.32
C11 Y19 S . 1.86 2.67 28.48
O11 Y19 S . 3.02 2.02 27.95
C12 Y19 S . 0.62 1.85 28.15
O12 Y19 S . 0.37 1.85 26.73
K K T . -4.64 16.67 6.93
K K U . 1.72 26.09 -5.61
P PO4 V . 10.43 3.55 35.19
O1 PO4 V . 11.65 3.38 34.31
O2 PO4 V . 9.76 4.86 34.85
O3 PO4 V . 10.84 3.54 36.63
O4 PO4 V . 9.46 2.41 34.91
O2 Y19 W . 9.23 -12.36 26.97
C2 Y19 W . 10.47 -12.44 26.89
N3 Y19 W . 11.24 -11.80 27.80
C4 Y19 W . 12.59 -11.87 27.78
O4 Y19 W . 13.26 -11.25 28.64
N1 Y19 W . 11.01 -13.17 25.89
C6 Y19 W . 12.36 -13.30 25.76
C5 Y19 W . 13.29 -12.61 26.69
N13 Y19 W . 14.40 -13.48 27.09
C14 Y19 W . 15.66 -13.05 27.28
C15 Y19 W . 16.02 -11.58 27.13
C16 Y19 W . 16.31 -11.21 25.69
O23 Y19 W . 16.53 -13.83 27.60
N7 Y19 W . 12.87 -14.02 24.74
C8 Y19 W . 12.04 -14.73 23.78
C9 Y19 W . 11.64 -13.82 22.63
O9 Y19 W . 10.65 -12.89 23.10
C10 Y19 W . 11.02 -14.67 21.53
O10 Y19 W . 10.01 -15.51 22.11
C11 Y19 W . 12.05 -15.50 20.76
O11 Y19 W . 13.10 -14.67 20.27
C12 Y19 W . 11.40 -16.25 19.61
O12 Y19 W . 10.99 -15.33 18.59
K K X . -9.94 -2.34 15.35
K K Y . -17.28 13.05 15.70
P PO4 Z . 20.69 -13.18 27.34
O1 PO4 Z . 21.24 -13.78 26.08
O2 PO4 Z . 19.39 -13.85 27.69
O3 PO4 Z . 20.46 -11.70 27.13
O4 PO4 Z . 21.67 -13.40 28.48
O2 Y19 AA . 25.50 -13.85 10.69
C2 Y19 AA . 26.35 -12.94 10.83
N3 Y19 AA . 26.92 -12.77 12.04
C4 Y19 AA . 27.86 -11.82 12.25
O4 Y19 AA . 28.34 -11.70 13.40
N1 Y19 AA . 26.68 -12.15 9.78
C6 Y19 AA . 27.59 -11.17 9.89
C5 Y19 AA . 28.26 -10.87 11.18
N13 Y19 AA . 29.69 -10.59 11.05
C14 Y19 AA . 30.34 -9.69 11.79
C15 Y19 AA . 29.63 -8.93 12.90
C16 Y19 AA . 28.77 -7.80 12.38
O23 Y19 AA . 31.54 -9.49 11.62
N7 Y19 AA . 27.90 -10.37 8.82
C8 Y19 AA . 27.30 -10.59 7.51
C9 Y19 AA . 25.99 -9.82 7.35
O9 Y19 AA . 24.96 -10.51 8.05
C10 Y19 AA . 25.64 -9.75 5.87
O10 Y19 AA . 25.75 -11.07 5.30
C11 Y19 AA . 26.53 -8.77 5.10
O11 Y19 AA . 26.43 -7.46 5.67
C12 Y19 AA . 26.18 -8.70 3.61
O12 Y19 AA . 24.80 -8.34 3.43
K K BA . 1.66 -17.26 5.82
K K CA . -12.50 -17.99 15.62
P PO4 DA . 33.83 -6.42 13.10
O1 PO4 DA . 33.97 -6.15 11.63
O2 PO4 DA . 33.06 -7.70 13.32
O3 PO4 DA . 33.08 -5.29 13.76
O4 PO4 DA . 35.21 -6.55 13.71
O2 Y19 EA . -29.07 9.18 -6.07
C2 Y19 EA . -29.07 9.48 -7.28
N3 Y19 EA . -29.86 8.80 -8.13
C4 Y19 EA . -29.92 9.09 -9.46
O4 Y19 EA . -30.67 8.40 -10.18
N1 Y19 EA . -28.30 10.50 -7.72
C6 Y19 EA . -28.28 10.88 -9.02
C5 Y19 EA . -29.08 10.16 -10.05
N13 Y19 EA . -29.77 11.09 -10.94
C14 Y19 EA . -30.03 10.85 -12.24
C15 Y19 EA . -29.62 9.53 -12.86
C16 Y19 EA . -28.25 9.62 -13.51
O23 Y19 EA . -30.61 11.67 -12.93
N7 Y19 EA . -27.47 11.90 -9.43
C8 Y19 EA . -26.65 12.64 -8.49
C9 Y19 EA . -25.30 11.95 -8.40
O9 Y19 EA . -25.45 10.78 -7.59
C10 Y19 EA . -24.25 12.87 -7.77
O10 Y19 EA . -24.78 13.52 -6.60
C11 Y19 EA . -23.73 13.92 -8.77
O11 Y19 EA . -23.30 13.29 -9.97
C12 Y19 EA . -22.57 14.73 -8.19
O12 Y19 EA . -21.49 13.87 -7.82
K K FA . -14.89 -1.75 10.84
P PO4 GA . -30.39 11.77 -17.08
O1 PO4 GA . -29.52 13.00 -16.97
O2 PO4 GA . -31.21 11.60 -15.83
O3 PO4 GA . -29.53 10.55 -17.28
O4 PO4 GA . -31.32 11.93 -18.28
O2 Y19 HA . -14.34 16.13 -22.44
C2 Y19 HA . -14.36 15.40 -23.46
N3 Y19 HA . -15.54 15.08 -24.03
C4 Y19 HA . -15.63 14.31 -25.13
O4 Y19 HA . -16.76 14.04 -25.60
N1 Y19 HA . -13.19 14.94 -23.97
C6 Y19 HA . -13.16 14.15 -25.08
C5 Y19 HA . -14.42 13.71 -25.76
N13 Y19 HA . -14.36 13.87 -27.22
C14 Y19 HA . -14.95 13.03 -28.08
C15 Y19 HA . -15.74 11.83 -27.58
C16 Y19 HA . -14.89 10.59 -27.49
O23 Y19 HA . -14.86 13.20 -29.28
N7 Y19 HA . -11.97 13.69 -25.55
C8 Y19 HA . -10.72 14.08 -24.90
C9 Y19 HA . -10.32 12.98 -23.92
O9 Y19 HA . -11.01 13.16 -22.68
C10 Y19 HA . -8.82 13.01 -23.66
O10 Y19 HA . -8.37 14.37 -23.54
C11 Y19 HA . -8.03 12.27 -24.74
O11 Y19 HA . -8.23 10.86 -24.61
C12 Y19 HA . -6.54 12.59 -24.70
O12 Y19 HA . -5.99 12.30 -23.40
K K IA . -8.64 16.41 1.37
P PO4 JA . -15.90 10.04 -31.71
O1 PO4 JA . -16.28 11.26 -30.91
O2 PO4 JA . -16.65 10.03 -33.02
O3 PO4 JA . -16.25 8.80 -30.93
O4 PO4 JA . -14.41 10.03 -31.99
O2 Y19 KA . -3.25 -2.59 -30.73
C2 Y19 KA . -4.10 -3.48 -30.95
N3 Y19 KA . -5.23 -3.19 -31.64
C4 Y19 KA . -6.17 -4.11 -31.91
O4 Y19 KA . -7.21 -3.79 -32.54
N1 Y19 KA . -3.87 -4.73 -30.51
C6 Y19 KA . -4.74 -5.75 -30.73
C5 Y19 KA . -6.03 -5.52 -31.44
N13 Y19 KA . -6.33 -6.50 -32.46
C14 Y19 KA . -7.46 -7.22 -32.40
C15 Y19 KA . -8.40 -6.95 -31.24
C16 Y19 KA . -9.77 -6.49 -31.71
O23 Y19 KA . -7.74 -8.06 -33.22
N7 Y19 KA . -4.48 -6.98 -30.25
C8 Y19 KA . -3.24 -7.30 -29.55
C9 Y19 KA . -3.45 -7.00 -28.06
O9 Y19 KA . -3.42 -5.59 -27.87
C10 Y19 KA . -2.31 -7.62 -27.24
O10 Y19 KA . -1.06 -7.27 -27.83
C11 Y19 KA . -2.44 -9.14 -27.10
O11 Y19 KA . -3.69 -9.48 -26.47
C12 Y19 KA . -1.29 -9.74 -26.31
O12 Y19 KA . -1.37 -9.35 -24.93
K K LA . 6.19 11.55 -13.17
P PO4 MA . -11.21 -10.48 -33.46
O1 PO4 MA . -10.07 -9.56 -33.85
O2 PO4 MA . -12.01 -10.84 -34.68
O3 PO4 MA . -12.09 -9.75 -32.46
O4 PO4 MA . -10.64 -11.72 -32.82
O2 Y19 NA . -11.79 -21.24 -19.77
C2 Y19 NA . -13.02 -21.10 -19.60
N3 Y19 NA . -13.81 -20.79 -20.66
C4 Y19 NA . -15.15 -20.65 -20.55
O4 Y19 NA . -15.82 -20.35 -21.56
N1 Y19 NA . -13.54 -21.27 -18.37
C6 Y19 NA . -14.88 -21.15 -18.13
C5 Y19 NA . -15.82 -20.75 -19.21
N13 Y19 NA . -17.07 -21.50 -19.15
C14 Y19 NA . -18.26 -21.02 -19.53
C15 Y19 NA . -18.43 -19.63 -20.15
C16 Y19 NA . -17.92 -18.51 -19.28
O23 Y19 NA . -19.26 -21.72 -19.43
N7 Y19 NA . -15.38 -21.30 -16.89
C8 Y19 NA . -14.54 -21.66 -15.75
C9 Y19 NA . -14.09 -20.39 -15.05
O9 Y19 NA . -13.00 -19.85 -15.79
C10 Y19 NA . -13.64 -20.72 -13.63
O10 Y19 NA . -12.84 -21.92 -13.64
C11 Y19 NA . -14.81 -20.90 -12.66
O11 Y19 NA . -15.64 -19.73 -12.65
C12 Y19 NA . -14.33 -21.20 -11.24
O12 Y19 NA . -13.47 -20.16 -10.76
K K OA . 8.95 -9.55 -12.72
P PO4 PA . -22.98 -20.69 -19.96
O1 PO4 PA . -21.70 -21.18 -20.59
O2 PO4 PA . -22.98 -19.19 -19.98
O3 PO4 PA . -23.07 -21.17 -18.53
O4 PO4 PA . -24.17 -21.21 -20.73
O2 Y19 QA . -27.65 -13.92 -4.61
C2 Y19 QA . -28.40 -13.03 -5.07
N3 Y19 QA . -29.00 -13.20 -6.27
C4 Y19 QA . -29.83 -12.26 -6.80
O4 Y19 QA . -30.34 -12.47 -7.91
N1 Y19 QA . -28.59 -11.91 -4.35
C6 Y19 QA . -29.40 -10.90 -4.78
C5 Y19 QA . -30.08 -10.96 -6.10
N13 Y19 QA . -31.49 -10.64 -6.02
C14 Y19 QA . -31.97 -9.53 -6.62
C15 Y19 QA . -30.98 -8.64 -7.34
C16 Y19 QA . -31.64 -7.89 -8.47
O23 Y19 QA . -33.15 -9.23 -6.57
N7 Y19 QA . -29.55 -9.78 -4.03
C8 Y19 QA . -28.90 -9.64 -2.74
C9 Y19 QA . -27.56 -8.95 -2.96
O9 Y19 QA . -26.58 -9.91 -3.35
C10 Y19 QA . -27.09 -8.22 -1.70
O10 Y19 QA . -27.25 -9.07 -0.56
C11 Y19 QA . -27.82 -6.89 -1.50
O11 Y19 QA . -27.53 -5.99 -2.57
C12 Y19 QA . -27.46 -6.25 -0.16
O12 Y19 QA . -26.08 -5.86 -0.19
K K RA . -4.08 -17.77 1.97
P PO4 SA . -34.91 -7.30 -9.93
O1 PO4 SA . -33.86 -6.76 -10.87
O2 PO4 SA . -36.26 -7.28 -10.61
O3 PO4 SA . -34.94 -6.43 -8.69
O4 PO4 SA . -34.58 -8.72 -9.54
#